data_5Z9C
#
_entry.id   5Z9C
#
loop_
_entity.id
_entity.type
_entity.pdbx_description
1 polymer 'Bromodomain-containing protein 4'
2 non-polymer 8-methoxy-6-methylquinolin-4(1H)-one
#
_entity_poly.entity_id   1
_entity_poly.type   'polypeptide(L)'
_entity_poly.pdbx_seq_one_letter_code
;PNKPKRQTNQLQYLLRVVLKTLWKHQFAWPFQQPVDAVKLNLPDYYKIIKTPMDMGTIKKRLENNYYWNAQECIQDFNTM
FTNCYIYNKPGDDIVLMAEALEKLFLQKINELPTEE
;
_entity_poly.pdbx_strand_id   A
#
# COMPACT_ATOMS: atom_id res chain seq x y z
N PRO A 1 4.05 26.02 17.19
CA PRO A 1 5.49 26.21 17.43
C PRO A 1 6.32 25.14 16.73
N ASN A 2 5.91 24.77 15.53
CA ASN A 2 6.57 23.70 14.79
C ASN A 2 6.26 23.80 13.30
N LYS A 3 7.29 23.83 12.48
CA LYS A 3 7.09 23.81 11.03
C LYS A 3 6.99 22.37 10.57
N PRO A 4 5.94 22.04 9.80
CA PRO A 4 5.74 20.70 9.26
C PRO A 4 6.91 20.25 8.41
N LYS A 5 7.37 19.03 8.63
CA LYS A 5 8.42 18.43 7.83
C LYS A 5 7.88 17.20 7.11
N ARG A 6 8.56 16.82 6.05
CA ARG A 6 8.29 15.54 5.43
C ARG A 6 8.85 14.46 6.35
N GLN A 7 7.96 13.82 7.10
CA GLN A 7 8.35 12.86 8.14
C GLN A 7 8.99 11.64 7.52
N THR A 8 10.30 11.74 7.35
CA THR A 8 11.01 10.82 6.51
C THR A 8 11.35 9.52 7.21
N ASN A 9 11.35 9.48 8.53
CA ASN A 9 11.77 8.26 9.22
C ASN A 9 10.65 7.23 9.32
N GLN A 10 9.42 7.71 9.52
CA GLN A 10 8.25 6.84 9.43
C GLN A 10 8.04 6.40 8.00
N LEU A 11 8.18 7.37 7.10
CA LEU A 11 8.11 7.12 5.68
C LEU A 11 9.27 6.24 5.23
N GLN A 12 10.43 6.47 5.82
CA GLN A 12 11.57 5.58 5.66
C GLN A 12 11.15 4.18 6.06
N TYR A 13 10.70 4.05 7.29
CA TYR A 13 10.21 2.78 7.81
C TYR A 13 9.19 2.15 6.86
N LEU A 14 8.16 2.90 6.55
CA LEU A 14 7.16 2.48 5.58
C LEU A 14 7.77 2.03 4.24
N LEU A 15 8.92 2.60 3.87
CA LEU A 15 9.63 2.25 2.64
C LEU A 15 10.60 1.07 2.90
N ARG A 16 11.45 1.24 3.89
CA ARG A 16 12.52 0.29 4.20
C ARG A 16 11.95 -1.06 4.61
N VAL A 17 11.25 -1.05 5.75
CA VAL A 17 10.68 -2.26 6.32
C VAL A 17 9.34 -2.58 5.67
N VAL A 18 8.33 -1.75 5.90
CA VAL A 18 6.97 -2.03 5.43
C VAL A 18 6.92 -2.39 3.95
N LEU A 19 7.27 -1.43 3.11
CA LEU A 19 7.23 -1.58 1.66
C LEU A 19 7.90 -2.89 1.24
N LYS A 20 9.14 -3.08 1.68
CA LYS A 20 9.90 -4.26 1.30
C LYS A 20 9.32 -5.52 1.96
N THR A 21 8.87 -5.38 3.20
CA THR A 21 8.30 -6.49 3.94
C THR A 21 7.03 -6.98 3.26
N LEU A 22 6.21 -6.05 2.84
CA LEU A 22 5.05 -6.35 2.04
C LEU A 22 5.47 -6.87 0.69
N TRP A 23 6.32 -6.09 0.02
CA TRP A 23 6.81 -6.38 -1.33
C TRP A 23 7.16 -7.86 -1.52
N LYS A 24 7.73 -8.43 -0.48
CA LYS A 24 8.35 -9.75 -0.54
C LYS A 24 7.36 -10.84 -0.17
N HIS A 25 6.19 -10.41 0.20
CA HIS A 25 5.18 -11.27 0.77
C HIS A 25 4.63 -12.26 -0.25
N GLN A 26 4.18 -13.39 0.26
CA GLN A 26 3.46 -14.40 -0.51
C GLN A 26 2.27 -13.78 -1.23
N PHE A 27 1.75 -12.73 -0.64
CA PHE A 27 0.54 -12.09 -1.14
C PHE A 27 0.81 -10.78 -1.86
N ALA A 28 2.06 -10.34 -1.90
CA ALA A 28 2.38 -9.03 -2.45
C ALA A 28 2.32 -9.00 -3.98
N TRP A 29 2.21 -10.15 -4.65
CA TRP A 29 2.36 -10.22 -6.12
C TRP A 29 1.44 -9.24 -6.88
N PRO A 30 0.15 -9.03 -6.47
CA PRO A 30 -0.76 -8.15 -7.19
C PRO A 30 -0.67 -6.73 -6.71
N PHE A 31 0.23 -6.53 -5.77
CA PHE A 31 0.43 -5.24 -5.19
C PHE A 31 1.81 -4.71 -5.57
N GLN A 32 2.82 -5.59 -5.57
CA GLN A 32 4.17 -5.20 -6.04
C GLN A 32 4.04 -4.46 -7.36
N GLN A 33 3.35 -5.11 -8.28
CA GLN A 33 3.04 -4.54 -9.57
C GLN A 33 1.57 -4.19 -9.61
N PRO A 34 1.19 -3.21 -10.44
CA PRO A 34 -0.19 -2.78 -10.58
C PRO A 34 -0.96 -3.73 -11.47
N VAL A 35 -2.16 -4.05 -11.03
CA VAL A 35 -3.00 -4.99 -11.75
C VAL A 35 -3.31 -4.44 -13.14
N ASP A 36 -2.97 -5.22 -14.13
CA ASP A 36 -3.48 -5.00 -15.44
C ASP A 36 -4.91 -5.52 -15.44
N ALA A 37 -5.86 -4.61 -15.43
CA ALA A 37 -7.26 -4.99 -15.29
C ALA A 37 -7.71 -5.80 -16.51
N VAL A 38 -6.92 -5.78 -17.57
CA VAL A 38 -7.18 -6.62 -18.73
C VAL A 38 -6.64 -8.03 -18.51
N LYS A 39 -5.63 -8.11 -17.66
CA LYS A 39 -4.86 -9.32 -17.49
C LYS A 39 -5.58 -10.28 -16.56
N LEU A 40 -6.00 -9.78 -15.40
CA LEU A 40 -6.77 -10.58 -14.45
C LEU A 40 -8.23 -10.68 -14.90
N ASN A 41 -8.53 -10.02 -16.02
CA ASN A 41 -9.88 -9.90 -16.57
C ASN A 41 -10.79 -9.20 -15.58
N LEU A 42 -10.60 -7.89 -15.52
CA LEU A 42 -11.28 -7.05 -14.56
C LEU A 42 -11.97 -5.91 -15.31
N PRO A 43 -13.13 -6.20 -15.88
CA PRO A 43 -13.83 -5.27 -16.78
C PRO A 43 -14.32 -4.03 -16.06
N ASP A 44 -14.42 -4.12 -14.75
CA ASP A 44 -14.95 -3.03 -13.95
C ASP A 44 -13.94 -2.59 -12.91
N TYR A 45 -12.69 -3.00 -13.05
CA TYR A 45 -11.71 -2.71 -12.01
C TYR A 45 -11.48 -1.22 -11.92
N TYR A 46 -11.12 -0.61 -13.03
CA TYR A 46 -10.87 0.81 -13.06
C TYR A 46 -12.20 1.59 -13.11
N LYS A 47 -13.28 0.81 -12.98
CA LYS A 47 -14.62 1.32 -12.88
C LYS A 47 -15.02 1.42 -11.41
N ILE A 48 -14.94 0.27 -10.75
CA ILE A 48 -15.30 0.08 -9.36
C ILE A 48 -14.26 0.68 -8.43
N ILE A 49 -13.02 0.34 -8.68
CA ILE A 49 -11.94 0.71 -7.80
C ILE A 49 -11.75 2.21 -7.77
N LYS A 50 -11.79 2.71 -6.55
CA LYS A 50 -11.57 4.12 -6.26
C LYS A 50 -10.30 4.62 -6.92
N THR A 51 -9.23 3.95 -6.61
CA THR A 51 -7.92 4.31 -7.11
C THR A 51 -6.98 3.12 -7.01
N PRO A 52 -6.96 2.27 -8.04
CA PRO A 52 -6.14 1.06 -8.04
C PRO A 52 -4.72 1.39 -7.62
N MET A 53 -4.29 0.80 -6.53
CA MET A 53 -3.04 1.16 -5.90
C MET A 53 -2.20 -0.08 -5.68
N ASP A 54 -0.91 0.06 -5.89
CA ASP A 54 0.02 -1.04 -5.77
C ASP A 54 1.25 -0.62 -4.95
N MET A 55 1.86 -1.61 -4.28
CA MET A 55 3.14 -1.46 -3.58
C MET A 55 4.16 -0.74 -4.46
N GLY A 56 4.04 -0.92 -5.77
CA GLY A 56 4.89 -0.20 -6.70
C GLY A 56 4.63 1.28 -6.66
N THR A 57 3.42 1.69 -6.98
CA THR A 57 3.02 3.09 -6.91
C THR A 57 3.35 3.67 -5.54
N ILE A 58 3.19 2.86 -4.51
CA ILE A 58 3.52 3.25 -3.16
C ILE A 58 5.01 3.37 -2.93
N LYS A 59 5.81 2.40 -3.40
CA LYS A 59 7.26 2.50 -3.26
C LYS A 59 7.75 3.76 -3.99
N LYS A 60 7.02 4.12 -5.06
CA LYS A 60 7.30 5.32 -5.83
C LYS A 60 7.15 6.55 -4.95
N ARG A 61 5.94 6.74 -4.43
CA ARG A 61 5.60 7.92 -3.65
C ARG A 61 6.48 8.04 -2.40
N LEU A 62 6.90 6.91 -1.85
CA LEU A 62 7.82 6.89 -0.71
C LEU A 62 9.21 7.38 -1.12
N GLU A 63 9.84 6.65 -2.03
CA GLU A 63 11.21 6.93 -2.43
C GLU A 63 11.32 8.22 -3.24
N ASN A 64 10.19 8.76 -3.67
CA ASN A 64 10.16 10.03 -4.41
C ASN A 64 9.74 11.18 -3.49
N ASN A 65 9.71 10.89 -2.18
CA ASN A 65 9.32 11.86 -1.13
C ASN A 65 8.00 12.58 -1.46
N TYR A 66 7.15 11.94 -2.24
CA TYR A 66 5.83 12.48 -2.54
C TYR A 66 5.00 12.52 -1.26
N TYR A 67 5.06 11.44 -0.51
CA TYR A 67 4.47 11.39 0.81
C TYR A 67 5.08 12.45 1.70
N TRP A 68 4.24 13.20 2.38
CA TRP A 68 4.69 14.20 3.32
C TRP A 68 4.84 13.57 4.70
N ASN A 69 4.02 12.54 4.94
CA ASN A 69 4.09 11.81 6.19
C ASN A 69 3.67 10.35 5.98
N ALA A 70 4.15 9.47 6.84
CA ALA A 70 3.93 8.03 6.68
C ALA A 70 2.46 7.70 6.46
N GLN A 71 1.58 8.39 7.19
CA GLN A 71 0.16 8.08 7.16
C GLN A 71 -0.42 8.11 5.73
N GLU A 72 0.14 8.94 4.84
CA GLU A 72 -0.29 8.92 3.44
C GLU A 72 0.18 7.65 2.75
N CYS A 73 1.38 7.22 3.11
CA CYS A 73 1.91 5.98 2.58
C CYS A 73 1.11 4.81 3.13
N ILE A 74 0.69 4.95 4.36
CA ILE A 74 -0.16 3.99 5.04
C ILE A 74 -1.51 3.93 4.38
N GLN A 75 -2.11 5.09 4.21
CA GLN A 75 -3.41 5.19 3.57
C GLN A 75 -3.37 4.70 2.14
N ASP A 76 -2.20 4.74 1.52
CA ASP A 76 -2.03 4.16 0.18
C ASP A 76 -1.93 2.67 0.30
N PHE A 77 -1.36 2.22 1.39
CA PHE A 77 -1.29 0.80 1.69
C PHE A 77 -2.68 0.30 1.99
N ASN A 78 -3.39 1.08 2.80
CA ASN A 78 -4.77 0.81 3.13
C ASN A 78 -5.60 0.84 1.85
N THR A 79 -5.39 1.89 1.05
CA THR A 79 -5.99 2.00 -0.27
C THR A 79 -5.77 0.74 -1.09
N MET A 80 -4.52 0.30 -1.12
CA MET A 80 -4.12 -0.89 -1.88
C MET A 80 -4.99 -2.10 -1.50
N PHE A 81 -5.04 -2.36 -0.20
CA PHE A 81 -5.83 -3.46 0.34
C PHE A 81 -7.32 -3.18 0.16
N THR A 82 -7.72 -1.92 0.29
CA THR A 82 -9.13 -1.55 0.20
C THR A 82 -9.65 -1.65 -1.21
N ASN A 83 -8.87 -1.28 -2.24
CA ASN A 83 -9.29 -1.53 -3.62
C ASN A 83 -9.55 -3.02 -3.78
N CYS A 84 -8.67 -3.82 -3.21
CA CYS A 84 -8.83 -5.27 -3.25
C CYS A 84 -10.11 -5.69 -2.53
N TYR A 85 -10.54 -4.88 -1.57
CA TYR A 85 -11.79 -5.14 -0.83
C TYR A 85 -12.96 -4.53 -1.58
N ILE A 86 -12.68 -3.44 -2.27
CA ILE A 86 -13.62 -2.70 -3.09
C ILE A 86 -14.13 -3.56 -4.24
N TYR A 87 -13.19 -4.11 -4.98
CA TYR A 87 -13.51 -4.94 -6.10
C TYR A 87 -13.89 -6.35 -5.64
N ASN A 88 -12.96 -7.01 -4.98
CA ASN A 88 -13.16 -8.39 -4.55
C ASN A 88 -13.82 -8.41 -3.19
N LYS A 89 -15.03 -8.95 -3.15
CA LYS A 89 -15.80 -9.01 -1.93
C LYS A 89 -15.02 -9.69 -0.82
N PRO A 90 -15.02 -9.07 0.36
CA PRO A 90 -14.25 -9.51 1.53
C PRO A 90 -14.37 -11.00 1.76
N GLY A 91 -13.25 -11.69 1.58
CA GLY A 91 -13.26 -13.13 1.59
C GLY A 91 -12.72 -13.69 0.29
N ASP A 92 -12.38 -12.81 -0.66
CA ASP A 92 -11.74 -13.24 -1.88
C ASP A 92 -10.28 -13.42 -1.63
N ASP A 93 -9.65 -14.36 -2.29
CA ASP A 93 -8.26 -14.66 -2.04
C ASP A 93 -7.44 -13.37 -2.02
N ILE A 94 -7.58 -12.52 -3.04
CA ILE A 94 -6.82 -11.26 -3.10
C ILE A 94 -7.12 -10.37 -1.89
N VAL A 95 -8.36 -10.30 -1.42
CA VAL A 95 -8.64 -9.54 -0.21
C VAL A 95 -7.98 -10.24 0.95
N LEU A 96 -8.13 -11.55 0.98
CA LEU A 96 -7.51 -12.37 2.02
C LEU A 96 -6.00 -12.18 2.03
N MET A 97 -5.47 -12.00 0.83
CA MET A 97 -4.06 -11.70 0.62
C MET A 97 -3.75 -10.32 1.16
N ALA A 98 -4.56 -9.36 0.75
CA ALA A 98 -4.44 -8.00 1.25
C ALA A 98 -4.63 -7.97 2.76
N GLU A 99 -5.55 -8.78 3.24
CA GLU A 99 -5.81 -8.88 4.66
C GLU A 99 -4.60 -9.42 5.43
N ALA A 100 -3.86 -10.35 4.81
CA ALA A 100 -2.63 -10.86 5.42
C ALA A 100 -1.50 -9.85 5.28
N LEU A 101 -1.57 -9.03 4.24
CA LEU A 101 -0.64 -7.95 4.03
C LEU A 101 -0.98 -6.77 4.92
N GLU A 102 -2.24 -6.62 5.29
CA GLU A 102 -2.64 -5.59 6.22
C GLU A 102 -2.03 -5.87 7.57
N LYS A 103 -2.27 -7.05 8.10
CA LYS A 103 -1.73 -7.41 9.40
C LYS A 103 -0.19 -7.37 9.37
N LEU A 104 0.37 -7.49 8.17
CA LEU A 104 1.81 -7.40 7.99
C LEU A 104 2.27 -5.95 7.86
N PHE A 105 1.62 -5.19 6.99
CA PHE A 105 1.89 -3.77 6.86
C PHE A 105 1.61 -3.08 8.18
N LEU A 106 0.43 -3.32 8.72
CA LEU A 106 0.01 -2.74 9.98
C LEU A 106 0.82 -3.30 11.13
N GLN A 107 1.45 -4.46 10.92
CA GLN A 107 2.44 -4.99 11.86
C GLN A 107 3.54 -3.97 12.03
N LYS A 108 4.05 -3.52 10.90
CA LYS A 108 5.15 -2.60 10.86
C LYS A 108 4.76 -1.26 11.47
N ILE A 109 3.58 -0.78 11.13
CA ILE A 109 3.11 0.54 11.55
C ILE A 109 2.74 0.50 13.02
N ASN A 110 2.40 -0.69 13.46
CA ASN A 110 2.23 -0.98 14.87
C ASN A 110 3.55 -0.73 15.59
N GLU A 111 4.63 -0.76 14.81
CA GLU A 111 5.96 -0.48 15.30
C GLU A 111 6.57 0.75 14.61
N LEU A 112 5.73 1.52 13.93
CA LEU A 112 6.15 2.70 13.19
C LEU A 112 6.76 3.75 14.12
N PRO A 113 8.03 4.08 13.83
CA PRO A 113 8.81 5.09 14.55
C PRO A 113 8.08 6.43 14.71
N THR A 114 8.67 7.27 15.55
CA THR A 114 8.29 8.66 15.64
C THR A 114 9.53 9.52 15.48
N GLU A 115 9.44 10.60 14.71
CA GLU A 115 10.60 11.42 14.44
C GLU A 115 11.21 11.98 15.72
N GLU A 116 12.53 12.02 15.76
CA GLU A 116 13.28 12.54 16.89
C GLU A 116 12.97 14.02 17.10
N PRO A 1 5.82 27.82 7.84
CA PRO A 1 5.50 26.64 7.01
C PRO A 1 6.17 26.71 5.65
N ASN A 2 7.38 27.27 5.61
CA ASN A 2 8.08 27.43 4.33
C ASN A 2 8.94 26.21 4.05
N LYS A 3 9.15 25.41 5.08
CA LYS A 3 9.89 24.15 4.94
C LYS A 3 8.91 23.01 4.79
N PRO A 4 9.03 22.23 3.70
CA PRO A 4 8.15 21.10 3.45
C PRO A 4 8.24 20.04 4.54
N LYS A 5 7.13 19.82 5.22
CA LYS A 5 7.08 18.86 6.32
C LYS A 5 6.93 17.45 5.78
N ARG A 6 7.89 16.60 6.12
CA ARG A 6 7.86 15.23 5.73
C ARG A 6 8.28 14.32 6.87
N GLN A 7 7.39 13.43 7.29
CA GLN A 7 7.75 12.42 8.28
C GLN A 7 8.52 11.31 7.62
N THR A 8 9.74 11.64 7.23
CA THR A 8 10.51 10.78 6.37
C THR A 8 11.05 9.56 7.09
N ASN A 9 11.19 9.60 8.41
CA ASN A 9 11.71 8.43 9.12
C ASN A 9 10.65 7.33 9.21
N GLN A 10 9.40 7.74 9.37
CA GLN A 10 8.27 6.82 9.35
C GLN A 10 7.99 6.37 7.94
N LEU A 11 8.09 7.31 7.02
CA LEU A 11 8.01 7.03 5.60
C LEU A 11 9.16 6.14 5.17
N GLN A 12 10.34 6.45 5.70
CA GLN A 12 11.49 5.58 5.59
C GLN A 12 11.11 4.18 6.03
N TYR A 13 10.67 4.06 7.27
CA TYR A 13 10.21 2.78 7.81
C TYR A 13 9.18 2.15 6.87
N LEU A 14 8.14 2.88 6.57
CA LEU A 14 7.12 2.46 5.62
C LEU A 14 7.73 1.98 4.28
N LEU A 15 8.86 2.53 3.89
CA LEU A 15 9.58 2.14 2.67
C LEU A 15 10.55 0.99 2.95
N ARG A 16 11.43 1.21 3.90
CA ARG A 16 12.52 0.30 4.23
C ARG A 16 11.97 -1.05 4.67
N VAL A 17 11.25 -1.03 5.78
CA VAL A 17 10.70 -2.25 6.36
C VAL A 17 9.36 -2.58 5.72
N VAL A 18 8.34 -1.76 5.95
CA VAL A 18 6.98 -2.04 5.48
C VAL A 18 6.93 -2.42 4.00
N LEU A 19 7.25 -1.46 3.15
CA LEU A 19 7.21 -1.62 1.69
C LEU A 19 7.91 -2.90 1.30
N LYS A 20 9.15 -3.06 1.73
CA LYS A 20 9.94 -4.23 1.37
C LYS A 20 9.37 -5.50 2.02
N THR A 21 8.89 -5.38 3.24
CA THR A 21 8.34 -6.49 3.97
C THR A 21 7.08 -7.01 3.27
N LEU A 22 6.23 -6.07 2.88
CA LEU A 22 5.07 -6.38 2.07
C LEU A 22 5.50 -6.89 0.73
N TRP A 23 6.33 -6.10 0.06
CA TRP A 23 6.81 -6.37 -1.29
C TRP A 23 7.22 -7.84 -1.49
N LYS A 24 7.76 -8.41 -0.45
CA LYS A 24 8.40 -9.71 -0.50
C LYS A 24 7.44 -10.81 -0.07
N HIS A 25 6.23 -10.41 0.17
CA HIS A 25 5.23 -11.28 0.74
C HIS A 25 4.67 -12.26 -0.28
N GLN A 26 4.22 -13.39 0.23
CA GLN A 26 3.50 -14.41 -0.54
C GLN A 26 2.28 -13.79 -1.23
N PHE A 27 1.77 -12.74 -0.62
CA PHE A 27 0.54 -12.11 -1.07
C PHE A 27 0.79 -10.80 -1.79
N ALA A 28 2.05 -10.34 -1.83
CA ALA A 28 2.36 -9.04 -2.40
C ALA A 28 2.27 -9.04 -3.94
N TRP A 29 2.13 -10.23 -4.54
CA TRP A 29 2.28 -10.36 -6.02
C TRP A 29 1.41 -9.37 -6.82
N PRO A 30 0.13 -9.09 -6.42
CA PRO A 30 -0.75 -8.22 -7.19
C PRO A 30 -0.59 -6.77 -6.80
N PHE A 31 0.22 -6.56 -5.78
CA PHE A 31 0.43 -5.25 -5.24
C PHE A 31 1.81 -4.74 -5.69
N GLN A 32 2.81 -5.62 -5.73
CA GLN A 32 4.15 -5.25 -6.19
C GLN A 32 4.06 -4.51 -7.53
N GLN A 33 3.23 -5.04 -8.41
CA GLN A 33 2.96 -4.42 -9.70
C GLN A 33 1.48 -4.08 -9.80
N PRO A 34 1.15 -3.04 -10.56
CA PRO A 34 -0.20 -2.54 -10.68
C PRO A 34 -1.04 -3.39 -11.62
N VAL A 35 -2.18 -3.82 -11.11
CA VAL A 35 -3.09 -4.67 -11.84
C VAL A 35 -3.46 -4.05 -13.19
N ASP A 36 -3.25 -4.83 -14.24
CA ASP A 36 -3.88 -4.55 -15.50
C ASP A 36 -5.29 -5.09 -15.42
N ALA A 37 -6.26 -4.20 -15.41
CA ALA A 37 -7.65 -4.60 -15.19
C ALA A 37 -8.16 -5.39 -16.39
N VAL A 38 -7.38 -5.43 -17.46
CA VAL A 38 -7.70 -6.30 -18.59
C VAL A 38 -7.00 -7.65 -18.42
N LYS A 39 -5.94 -7.65 -17.63
CA LYS A 39 -5.12 -8.85 -17.49
C LYS A 39 -5.80 -9.86 -16.58
N LEU A 40 -6.18 -9.41 -15.38
CA LEU A 40 -6.89 -10.26 -14.43
C LEU A 40 -8.36 -10.42 -14.80
N ASN A 41 -8.73 -9.83 -15.94
CA ASN A 41 -10.12 -9.82 -16.42
C ASN A 41 -11.00 -9.07 -15.44
N LEU A 42 -10.79 -7.76 -15.38
CA LEU A 42 -11.47 -6.91 -14.43
C LEU A 42 -12.18 -5.80 -15.18
N PRO A 43 -13.36 -6.10 -15.71
CA PRO A 43 -14.08 -5.20 -16.63
C PRO A 43 -14.52 -3.91 -15.96
N ASP A 44 -14.76 -3.98 -14.67
CA ASP A 44 -15.27 -2.85 -13.93
C ASP A 44 -14.32 -2.47 -12.80
N TYR A 45 -13.05 -2.84 -12.91
CA TYR A 45 -12.07 -2.52 -11.88
C TYR A 45 -11.92 -1.02 -11.78
N TYR A 46 -11.60 -0.39 -12.90
CA TYR A 46 -11.39 1.04 -12.92
C TYR A 46 -12.74 1.77 -12.93
N LYS A 47 -13.81 1.00 -12.78
CA LYS A 47 -15.14 1.52 -12.58
C LYS A 47 -15.48 1.56 -11.09
N ILE A 48 -15.35 0.39 -10.49
CA ILE A 48 -15.66 0.14 -9.09
C ILE A 48 -14.61 0.75 -8.17
N ILE A 49 -13.36 0.51 -8.51
CA ILE A 49 -12.28 0.84 -7.63
C ILE A 49 -12.09 2.34 -7.51
N LYS A 50 -12.20 2.79 -6.26
CA LYS A 50 -11.96 4.16 -5.88
C LYS A 50 -10.64 4.66 -6.44
N THR A 51 -9.60 3.90 -6.15
CA THR A 51 -8.27 4.21 -6.58
C THR A 51 -7.42 2.93 -6.56
N PRO A 52 -7.24 2.30 -7.71
CA PRO A 52 -6.39 1.14 -7.84
C PRO A 52 -4.98 1.48 -7.41
N MET A 53 -4.50 0.82 -6.38
CA MET A 53 -3.22 1.16 -5.78
C MET A 53 -2.40 -0.09 -5.55
N ASP A 54 -1.12 0.02 -5.82
CA ASP A 54 -0.20 -1.10 -5.72
C ASP A 54 1.06 -0.71 -4.94
N MET A 55 1.69 -1.70 -4.30
CA MET A 55 3.01 -1.54 -3.66
C MET A 55 3.99 -0.86 -4.60
N GLY A 56 3.81 -1.09 -5.90
CA GLY A 56 4.67 -0.47 -6.89
C GLY A 56 4.54 1.04 -6.88
N THR A 57 3.32 1.52 -7.01
CA THR A 57 3.03 2.94 -6.95
C THR A 57 3.36 3.50 -5.57
N ILE A 58 3.12 2.70 -4.55
CA ILE A 58 3.43 3.09 -3.21
C ILE A 58 4.94 3.17 -2.97
N LYS A 59 5.71 2.22 -3.54
CA LYS A 59 7.15 2.29 -3.39
C LYS A 59 7.69 3.49 -4.17
N LYS A 60 6.92 3.91 -5.18
CA LYS A 60 7.22 5.12 -5.94
C LYS A 60 7.19 6.32 -5.01
N ARG A 61 6.00 6.56 -4.47
CA ARG A 61 5.73 7.75 -3.68
C ARG A 61 6.61 7.82 -2.42
N LEU A 62 6.94 6.67 -1.86
CA LEU A 62 7.82 6.60 -0.70
C LEU A 62 9.24 7.05 -1.02
N GLU A 63 9.87 6.35 -1.96
CA GLU A 63 11.26 6.63 -2.29
C GLU A 63 11.43 7.91 -3.08
N ASN A 64 10.32 8.46 -3.54
CA ASN A 64 10.32 9.76 -4.21
C ASN A 64 9.92 10.87 -3.22
N ASN A 65 9.73 10.44 -1.96
CA ASN A 65 9.26 11.29 -0.86
C ASN A 65 8.10 12.19 -1.28
N TYR A 66 7.23 11.66 -2.11
CA TYR A 66 6.00 12.34 -2.48
C TYR A 66 5.07 12.37 -1.28
N TYR A 67 5.07 11.27 -0.53
CA TYR A 67 4.38 11.21 0.74
C TYR A 67 4.93 12.28 1.66
N TRP A 68 4.05 13.09 2.21
CA TRP A 68 4.46 14.11 3.15
C TRP A 68 4.59 13.50 4.53
N ASN A 69 3.83 12.44 4.79
CA ASN A 69 3.88 11.76 6.07
C ASN A 69 3.57 10.29 5.92
N ALA A 70 4.03 9.48 6.86
CA ALA A 70 3.86 8.03 6.78
C ALA A 70 2.40 7.65 6.63
N GLN A 71 1.53 8.27 7.42
CA GLN A 71 0.10 7.97 7.40
C GLN A 71 -0.48 8.07 5.99
N GLU A 72 0.11 8.93 5.16
CA GLU A 72 -0.26 9.03 3.75
C GLU A 72 0.13 7.78 2.99
N CYS A 73 1.34 7.30 3.25
CA CYS A 73 1.81 6.07 2.66
C CYS A 73 1.00 4.90 3.17
N ILE A 74 0.62 4.99 4.42
CA ILE A 74 -0.23 4.02 5.07
C ILE A 74 -1.59 4.00 4.41
N GLN A 75 -2.16 5.18 4.29
CA GLN A 75 -3.42 5.38 3.57
C GLN A 75 -3.37 4.77 2.17
N ASP A 76 -2.20 4.81 1.55
CA ASP A 76 -2.04 4.19 0.22
C ASP A 76 -1.97 2.70 0.34
N PHE A 77 -1.34 2.24 1.42
CA PHE A 77 -1.31 0.83 1.73
C PHE A 77 -2.72 0.36 2.05
N ASN A 78 -3.43 1.19 2.82
CA ASN A 78 -4.81 0.96 3.16
C ASN A 78 -5.63 0.94 1.86
N THR A 79 -5.42 1.97 1.06
CA THR A 79 -6.02 2.08 -0.26
C THR A 79 -5.77 0.82 -1.09
N MET A 80 -4.55 0.33 -1.04
CA MET A 80 -4.14 -0.85 -1.77
C MET A 80 -4.99 -2.07 -1.37
N PHE A 81 -5.01 -2.33 -0.07
CA PHE A 81 -5.80 -3.43 0.46
C PHE A 81 -7.29 -3.17 0.23
N THR A 82 -7.70 -1.90 0.30
CA THR A 82 -9.10 -1.56 0.18
C THR A 82 -9.61 -1.62 -1.26
N ASN A 83 -8.82 -1.24 -2.27
CA ASN A 83 -9.26 -1.48 -3.65
C ASN A 83 -9.46 -2.98 -3.86
N CYS A 84 -8.61 -3.76 -3.23
CA CYS A 84 -8.74 -5.20 -3.26
C CYS A 84 -10.03 -5.65 -2.55
N TYR A 85 -10.48 -4.84 -1.59
CA TYR A 85 -11.72 -5.12 -0.86
C TYR A 85 -12.93 -4.54 -1.61
N ILE A 86 -12.69 -3.39 -2.22
CA ILE A 86 -13.67 -2.65 -3.00
C ILE A 86 -14.19 -3.48 -4.16
N TYR A 87 -13.26 -4.02 -4.92
CA TYR A 87 -13.60 -4.85 -6.05
C TYR A 87 -13.94 -6.25 -5.59
N ASN A 88 -12.99 -6.87 -4.91
CA ASN A 88 -13.14 -8.24 -4.46
C ASN A 88 -13.71 -8.26 -3.06
N LYS A 89 -14.93 -8.73 -2.97
CA LYS A 89 -15.66 -8.71 -1.72
C LYS A 89 -14.95 -9.52 -0.66
N PRO A 90 -14.92 -9.01 0.59
CA PRO A 90 -14.19 -9.60 1.72
C PRO A 90 -14.32 -11.11 1.78
N GLY A 91 -13.21 -11.78 1.52
CA GLY A 91 -13.23 -13.23 1.42
C GLY A 91 -12.73 -13.69 0.07
N ASP A 92 -12.35 -12.76 -0.80
CA ASP A 92 -11.73 -13.12 -2.05
C ASP A 92 -10.25 -13.30 -1.82
N ASP A 93 -9.63 -14.20 -2.56
CA ASP A 93 -8.22 -14.50 -2.35
C ASP A 93 -7.41 -13.23 -2.28
N ILE A 94 -7.60 -12.31 -3.21
CA ILE A 94 -6.83 -11.06 -3.22
C ILE A 94 -7.09 -10.23 -1.97
N VAL A 95 -8.34 -10.17 -1.50
CA VAL A 95 -8.60 -9.47 -0.24
C VAL A 95 -7.95 -10.24 0.88
N LEU A 96 -8.09 -11.56 0.85
CA LEU A 96 -7.48 -12.44 1.83
C LEU A 96 -5.97 -12.24 1.88
N MET A 97 -5.40 -12.07 0.70
CA MET A 97 -3.99 -11.81 0.54
C MET A 97 -3.66 -10.42 1.08
N ALA A 98 -4.49 -9.45 0.70
CA ALA A 98 -4.38 -8.09 1.21
C ALA A 98 -4.55 -8.08 2.72
N GLU A 99 -5.45 -8.91 3.20
CA GLU A 99 -5.73 -9.02 4.61
C GLU A 99 -4.51 -9.57 5.37
N ALA A 100 -3.75 -10.48 4.76
CA ALA A 100 -2.53 -10.98 5.38
C ALA A 100 -1.42 -9.94 5.27
N LEU A 101 -1.52 -9.09 4.26
CA LEU A 101 -0.61 -7.99 4.07
C LEU A 101 -0.98 -6.82 4.94
N GLU A 102 -2.25 -6.69 5.28
CA GLU A 102 -2.70 -5.65 6.20
C GLU A 102 -2.08 -5.88 7.55
N LYS A 103 -2.30 -7.07 8.11
CA LYS A 103 -1.74 -7.40 9.40
C LYS A 103 -0.22 -7.31 9.36
N LEU A 104 0.36 -7.48 8.18
CA LEU A 104 1.80 -7.39 8.00
C LEU A 104 2.25 -5.94 7.85
N PHE A 105 1.58 -5.18 7.00
CA PHE A 105 1.84 -3.77 6.87
C PHE A 105 1.59 -3.08 8.20
N LEU A 106 0.41 -3.29 8.73
CA LEU A 106 0.01 -2.71 10.01
C LEU A 106 0.85 -3.25 11.16
N GLN A 107 1.46 -4.41 10.95
CA GLN A 107 2.47 -4.96 11.86
C GLN A 107 3.56 -3.92 12.04
N LYS A 108 4.10 -3.52 10.91
CA LYS A 108 5.21 -2.60 10.87
C LYS A 108 4.81 -1.27 11.49
N ILE A 109 3.63 -0.79 11.13
CA ILE A 109 3.15 0.52 11.57
C ILE A 109 2.81 0.50 13.03
N ASN A 110 2.46 -0.68 13.49
CA ASN A 110 2.27 -0.95 14.89
C ASN A 110 3.58 -0.64 15.62
N GLU A 111 4.67 -0.70 14.87
CA GLU A 111 6.00 -0.41 15.39
C GLU A 111 6.61 0.83 14.72
N LEU A 112 5.79 1.55 13.98
CA LEU A 112 6.25 2.73 13.23
C LEU A 112 6.90 3.76 14.14
N PRO A 113 8.17 4.08 13.82
CA PRO A 113 8.98 5.09 14.52
C PRO A 113 8.30 6.44 14.70
N THR A 114 9.00 7.34 15.36
CA THR A 114 8.56 8.71 15.52
C THR A 114 9.63 9.66 14.97
N GLU A 115 9.25 10.90 14.65
CA GLU A 115 10.16 11.87 14.06
C GLU A 115 11.46 11.96 14.86
N GLU A 116 12.58 12.03 14.16
CA GLU A 116 13.90 12.10 14.80
C GLU A 116 13.97 13.32 15.72
N PRO A 1 11.02 30.41 0.12
CA PRO A 1 10.81 30.82 1.53
C PRO A 1 9.87 29.85 2.23
N ASN A 2 10.06 28.55 1.99
CA ASN A 2 9.16 27.54 2.52
C ASN A 2 9.83 26.17 2.44
N LYS A 3 9.87 25.47 3.56
CA LYS A 3 10.39 24.11 3.58
C LYS A 3 9.31 23.16 4.12
N PRO A 4 8.61 22.46 3.23
CA PRO A 4 7.56 21.53 3.61
C PRO A 4 8.10 20.37 4.45
N LYS A 5 7.46 20.12 5.58
CA LYS A 5 7.90 19.07 6.49
C LYS A 5 7.50 17.70 5.96
N ARG A 6 8.50 16.94 5.55
CA ARG A 6 8.30 15.58 5.10
C ARG A 6 8.83 14.64 6.17
N GLN A 7 7.92 14.06 6.94
CA GLN A 7 8.28 13.18 8.06
C GLN A 7 8.82 11.87 7.51
N THR A 8 10.13 11.89 7.28
CA THR A 8 10.79 10.92 6.45
C THR A 8 11.11 9.63 7.17
N ASN A 9 11.27 9.65 8.48
CA ASN A 9 11.70 8.45 9.20
C ASN A 9 10.61 7.38 9.26
N GLN A 10 9.36 7.78 9.51
CA GLN A 10 8.23 6.86 9.43
C GLN A 10 8.00 6.42 8.01
N LEU A 11 8.07 7.37 7.09
CA LEU A 11 7.99 7.11 5.67
C LEU A 11 9.13 6.21 5.23
N GLN A 12 10.31 6.48 5.77
CA GLN A 12 11.47 5.62 5.62
C GLN A 12 11.07 4.22 6.01
N TYR A 13 10.65 4.05 7.25
CA TYR A 13 10.18 2.77 7.76
C TYR A 13 9.17 2.15 6.82
N LEU A 14 8.12 2.89 6.52
CA LEU A 14 7.12 2.47 5.54
C LEU A 14 7.74 2.02 4.20
N LEU A 15 8.85 2.65 3.81
CA LEU A 15 9.57 2.32 2.58
C LEU A 15 10.54 1.14 2.81
N ARG A 16 11.39 1.31 3.82
CA ARG A 16 12.47 0.36 4.12
C ARG A 16 11.91 -0.99 4.53
N VAL A 17 11.21 -1.01 5.66
CA VAL A 17 10.69 -2.23 6.23
C VAL A 17 9.32 -2.58 5.63
N VAL A 18 8.30 -1.76 5.91
CA VAL A 18 6.94 -2.05 5.47
C VAL A 18 6.85 -2.41 4.01
N LEU A 19 7.19 -1.45 3.17
CA LEU A 19 7.15 -1.60 1.73
C LEU A 19 7.82 -2.90 1.33
N LYS A 20 9.10 -3.02 1.65
CA LYS A 20 9.88 -4.19 1.28
C LYS A 20 9.30 -5.48 1.87
N THR A 21 8.79 -5.38 3.09
CA THR A 21 8.27 -6.53 3.80
C THR A 21 6.96 -7.01 3.18
N LEU A 22 6.08 -6.07 2.90
CA LEU A 22 4.88 -6.37 2.16
C LEU A 22 5.26 -6.87 0.80
N TRP A 23 6.06 -6.07 0.15
CA TRP A 23 6.56 -6.30 -1.20
C TRP A 23 6.96 -7.75 -1.47
N LYS A 24 7.59 -8.37 -0.51
CA LYS A 24 8.21 -9.67 -0.70
C LYS A 24 7.31 -10.79 -0.19
N HIS A 25 6.11 -10.39 0.19
CA HIS A 25 5.18 -11.29 0.84
C HIS A 25 4.63 -12.33 -0.12
N GLN A 26 4.18 -13.44 0.45
CA GLN A 26 3.47 -14.48 -0.27
C GLN A 26 2.23 -13.90 -0.98
N PHE A 27 1.74 -12.81 -0.43
CA PHE A 27 0.52 -12.20 -0.91
C PHE A 27 0.76 -10.91 -1.68
N ALA A 28 1.99 -10.43 -1.73
CA ALA A 28 2.30 -9.13 -2.33
C ALA A 28 2.23 -9.16 -3.86
N TRP A 29 2.12 -10.36 -4.45
CA TRP A 29 2.26 -10.54 -5.92
C TRP A 29 1.38 -9.57 -6.74
N PRO A 30 0.11 -9.29 -6.35
CA PRO A 30 -0.75 -8.41 -7.12
C PRO A 30 -0.58 -6.96 -6.74
N PHE A 31 0.21 -6.75 -5.71
CA PHE A 31 0.41 -5.43 -5.17
C PHE A 31 1.77 -4.89 -5.57
N GLN A 32 2.80 -5.75 -5.62
CA GLN A 32 4.15 -5.32 -6.01
C GLN A 32 4.10 -4.47 -7.28
N GLN A 33 3.21 -4.87 -8.18
CA GLN A 33 2.98 -4.17 -9.41
C GLN A 33 1.47 -4.04 -9.64
N PRO A 34 1.05 -3.04 -10.41
CA PRO A 34 -0.36 -2.73 -10.59
C PRO A 34 -1.04 -3.75 -11.48
N VAL A 35 -2.20 -4.20 -11.03
CA VAL A 35 -2.97 -5.21 -11.73
C VAL A 35 -3.23 -4.78 -13.16
N ASP A 36 -2.91 -5.66 -14.09
CA ASP A 36 -3.37 -5.52 -15.44
C ASP A 36 -4.82 -5.94 -15.45
N ALA A 37 -5.72 -4.97 -15.50
CA ALA A 37 -7.14 -5.26 -15.38
C ALA A 37 -7.62 -6.10 -16.56
N VAL A 38 -6.84 -6.20 -17.62
CA VAL A 38 -7.16 -7.15 -18.70
C VAL A 38 -6.61 -8.53 -18.38
N LYS A 39 -5.54 -8.58 -17.61
CA LYS A 39 -4.85 -9.82 -17.32
C LYS A 39 -5.68 -10.71 -16.40
N LEU A 40 -6.10 -10.15 -15.27
CA LEU A 40 -6.92 -10.87 -14.31
C LEU A 40 -8.38 -10.92 -14.76
N ASN A 41 -8.63 -10.37 -15.95
CA ASN A 41 -9.97 -10.25 -16.53
C ASN A 41 -10.86 -9.43 -15.62
N LEU A 42 -10.58 -8.14 -15.58
CA LEU A 42 -11.24 -7.20 -14.68
C LEU A 42 -11.86 -6.07 -15.49
N PRO A 43 -13.04 -6.30 -16.06
CA PRO A 43 -13.69 -5.36 -16.97
C PRO A 43 -14.19 -4.13 -16.23
N ASP A 44 -14.49 -4.32 -14.96
CA ASP A 44 -15.05 -3.26 -14.13
C ASP A 44 -14.09 -2.83 -13.03
N TYR A 45 -12.82 -3.25 -13.12
CA TYR A 45 -11.84 -2.92 -12.07
C TYR A 45 -11.62 -1.43 -12.01
N TYR A 46 -11.16 -0.86 -13.12
CA TYR A 46 -10.85 0.55 -13.15
C TYR A 46 -12.12 1.40 -13.24
N LYS A 47 -13.27 0.74 -13.11
CA LYS A 47 -14.55 1.40 -12.96
C LYS A 47 -14.92 1.50 -11.48
N ILE A 48 -14.98 0.33 -10.86
CA ILE A 48 -15.33 0.17 -9.46
C ILE A 48 -14.28 0.77 -8.56
N ILE A 49 -13.04 0.43 -8.84
CA ILE A 49 -11.95 0.75 -7.95
C ILE A 49 -11.69 2.24 -7.90
N LYS A 50 -11.87 2.76 -6.69
CA LYS A 50 -11.56 4.14 -6.36
C LYS A 50 -10.20 4.54 -6.91
N THR A 51 -9.22 3.74 -6.56
CA THR A 51 -7.86 3.96 -6.98
C THR A 51 -7.08 2.66 -6.88
N PRO A 52 -6.91 1.96 -8.00
CA PRO A 52 -6.10 0.76 -8.02
C PRO A 52 -4.69 1.11 -7.58
N MET A 53 -4.28 0.54 -6.47
CA MET A 53 -3.02 0.93 -5.85
C MET A 53 -2.15 -0.28 -5.63
N ASP A 54 -0.86 -0.11 -5.88
CA ASP A 54 0.10 -1.18 -5.77
C ASP A 54 1.33 -0.73 -4.99
N MET A 55 1.99 -1.71 -4.36
CA MET A 55 3.26 -1.53 -3.66
C MET A 55 4.29 -0.81 -4.53
N GLY A 56 4.15 -0.93 -5.86
CA GLY A 56 5.07 -0.27 -6.76
C GLY A 56 4.82 1.23 -6.82
N THR A 57 3.55 1.60 -6.93
CA THR A 57 3.14 2.99 -6.86
C THR A 57 3.37 3.55 -5.46
N ILE A 58 3.23 2.70 -4.47
CA ILE A 58 3.48 3.09 -3.11
C ILE A 58 4.98 3.23 -2.81
N LYS A 59 5.82 2.31 -3.30
CA LYS A 59 7.25 2.43 -3.10
C LYS A 59 7.72 3.66 -3.86
N LYS A 60 6.93 3.97 -4.89
CA LYS A 60 7.14 5.11 -5.77
C LYS A 60 7.08 6.40 -4.98
N ARG A 61 5.91 6.69 -4.41
CA ARG A 61 5.67 7.98 -3.75
C ARG A 61 6.45 8.07 -2.43
N LEU A 62 6.92 6.94 -1.93
CA LEU A 62 7.78 6.90 -0.76
C LEU A 62 9.17 7.44 -1.07
N GLU A 63 9.86 6.71 -1.95
CA GLU A 63 11.19 7.10 -2.37
C GLU A 63 11.20 8.43 -3.12
N ASN A 64 10.11 8.74 -3.81
CA ASN A 64 9.98 9.99 -4.56
C ASN A 64 9.53 11.13 -3.63
N ASN A 65 9.54 10.85 -2.32
CA ASN A 65 9.17 11.81 -1.26
C ASN A 65 7.88 12.58 -1.58
N TYR A 66 6.95 11.90 -2.23
CA TYR A 66 5.66 12.48 -2.53
C TYR A 66 4.79 12.45 -1.28
N TYR A 67 4.93 11.38 -0.50
CA TYR A 67 4.33 11.32 0.82
C TYR A 67 4.97 12.35 1.73
N TRP A 68 4.16 13.13 2.41
CA TRP A 68 4.69 14.10 3.36
C TRP A 68 4.77 13.48 4.75
N ASN A 69 4.01 12.42 4.95
CA ASN A 69 4.02 11.69 6.21
C ASN A 69 3.63 10.24 6.00
N ALA A 70 4.10 9.36 6.88
CA ALA A 70 3.89 7.93 6.72
C ALA A 70 2.40 7.62 6.56
N GLN A 71 1.56 8.26 7.37
CA GLN A 71 0.12 8.02 7.36
C GLN A 71 -0.49 8.09 5.95
N GLU A 72 0.10 8.91 5.07
CA GLU A 72 -0.32 8.96 3.67
C GLU A 72 0.09 7.67 2.95
N CYS A 73 1.31 7.25 3.17
CA CYS A 73 1.82 6.02 2.58
C CYS A 73 1.04 4.83 3.13
N ILE A 74 0.68 4.94 4.40
CA ILE A 74 -0.17 3.98 5.07
C ILE A 74 -1.52 3.94 4.40
N GLN A 75 -2.10 5.11 4.25
CA GLN A 75 -3.34 5.28 3.53
C GLN A 75 -3.27 4.68 2.12
N ASP A 76 -2.10 4.73 1.51
CA ASP A 76 -1.91 4.14 0.17
C ASP A 76 -1.84 2.63 0.30
N PHE A 77 -1.19 2.17 1.34
CA PHE A 77 -1.17 0.77 1.68
C PHE A 77 -2.58 0.30 1.99
N ASN A 78 -3.29 1.10 2.78
CA ASN A 78 -4.67 0.86 3.10
C ASN A 78 -5.48 0.83 1.81
N THR A 79 -5.27 1.85 0.99
CA THR A 79 -5.87 1.96 -0.33
C THR A 79 -5.61 0.70 -1.18
N MET A 80 -4.39 0.20 -1.11
CA MET A 80 -3.98 -0.98 -1.86
C MET A 80 -4.84 -2.18 -1.46
N PHE A 81 -4.90 -2.44 -0.18
CA PHE A 81 -5.73 -3.51 0.35
C PHE A 81 -7.20 -3.22 0.10
N THR A 82 -7.57 -1.94 0.18
CA THR A 82 -8.96 -1.55 0.05
C THR A 82 -9.46 -1.62 -1.39
N ASN A 83 -8.66 -1.28 -2.41
CA ASN A 83 -9.10 -1.53 -3.78
C ASN A 83 -9.32 -3.02 -3.96
N CYS A 84 -8.50 -3.82 -3.31
CA CYS A 84 -8.69 -5.25 -3.31
C CYS A 84 -9.99 -5.63 -2.57
N TYR A 85 -10.44 -4.77 -1.67
CA TYR A 85 -11.68 -5.00 -0.92
C TYR A 85 -12.87 -4.37 -1.67
N ILE A 86 -12.57 -3.28 -2.35
CA ILE A 86 -13.53 -2.52 -3.16
C ILE A 86 -14.07 -3.38 -4.28
N TYR A 87 -13.16 -3.97 -5.02
CA TYR A 87 -13.51 -4.84 -6.11
C TYR A 87 -13.90 -6.22 -5.61
N ASN A 88 -13.00 -6.81 -4.83
CA ASN A 88 -13.15 -8.18 -4.39
C ASN A 88 -13.81 -8.22 -3.03
N LYS A 89 -15.00 -8.78 -3.00
CA LYS A 89 -15.80 -8.85 -1.78
C LYS A 89 -15.01 -9.55 -0.68
N PRO A 90 -15.08 -8.99 0.53
CA PRO A 90 -14.33 -9.46 1.69
C PRO A 90 -14.43 -10.97 1.86
N GLY A 91 -13.31 -11.64 1.62
CA GLY A 91 -13.29 -13.07 1.59
C GLY A 91 -12.80 -13.63 0.27
N ASP A 92 -12.41 -12.74 -0.65
CA ASP A 92 -11.80 -13.19 -1.88
C ASP A 92 -10.32 -13.37 -1.65
N ASP A 93 -9.72 -14.31 -2.37
CA ASP A 93 -8.31 -14.63 -2.19
C ASP A 93 -7.47 -13.37 -2.12
N ILE A 94 -7.64 -12.48 -3.09
CA ILE A 94 -6.87 -11.23 -3.12
C ILE A 94 -7.13 -10.36 -1.90
N VAL A 95 -8.38 -10.26 -1.45
CA VAL A 95 -8.65 -9.52 -0.22
C VAL A 95 -7.99 -10.26 0.93
N LEU A 96 -8.18 -11.57 0.94
CA LEU A 96 -7.58 -12.43 1.96
C LEU A 96 -6.07 -12.25 2.00
N MET A 97 -5.49 -12.11 0.82
CA MET A 97 -4.07 -11.85 0.67
C MET A 97 -3.73 -10.46 1.17
N ALA A 98 -4.55 -9.49 0.75
CA ALA A 98 -4.42 -8.12 1.23
C ALA A 98 -4.60 -8.07 2.74
N GLU A 99 -5.53 -8.86 3.24
CA GLU A 99 -5.80 -8.94 4.65
C GLU A 99 -4.59 -9.46 5.43
N ALA A 100 -3.85 -10.41 4.86
CA ALA A 100 -2.64 -10.91 5.50
C ALA A 100 -1.52 -9.88 5.37
N LEU A 101 -1.60 -9.07 4.32
CA LEU A 101 -0.67 -7.98 4.12
C LEU A 101 -1.02 -6.79 4.99
N GLU A 102 -2.30 -6.63 5.32
CA GLU A 102 -2.72 -5.58 6.23
C GLU A 102 -2.09 -5.81 7.58
N LYS A 103 -2.30 -6.99 8.14
CA LYS A 103 -1.76 -7.30 9.45
C LYS A 103 -0.23 -7.31 9.42
N LEU A 104 0.34 -7.45 8.23
CA LEU A 104 1.79 -7.40 8.04
C LEU A 104 2.26 -5.95 7.90
N PHE A 105 1.56 -5.19 7.07
CA PHE A 105 1.82 -3.77 6.94
C PHE A 105 1.58 -3.09 8.27
N LEU A 106 0.41 -3.30 8.81
CA LEU A 106 0.00 -2.74 10.08
C LEU A 106 0.82 -3.31 11.24
N GLN A 107 1.46 -4.46 10.99
CA GLN A 107 2.47 -5.00 11.89
C GLN A 107 3.58 -3.98 12.05
N LYS A 108 4.08 -3.55 10.91
CA LYS A 108 5.19 -2.63 10.86
C LYS A 108 4.82 -1.30 11.47
N ILE A 109 3.64 -0.80 11.14
CA ILE A 109 3.19 0.52 11.58
C ILE A 109 2.88 0.49 13.07
N ASN A 110 2.54 -0.69 13.52
CA ASN A 110 2.43 -0.98 14.93
C ASN A 110 3.76 -0.73 15.61
N GLU A 111 4.82 -0.77 14.80
CA GLU A 111 6.18 -0.52 15.27
C GLU A 111 6.76 0.76 14.65
N LEU A 112 5.92 1.49 13.92
CA LEU A 112 6.35 2.69 13.20
C LEU A 112 6.99 3.71 14.15
N PRO A 113 8.27 4.03 13.84
CA PRO A 113 9.11 4.99 14.56
C PRO A 113 8.39 6.26 15.00
N THR A 114 8.95 6.91 16.01
CA THR A 114 8.39 8.14 16.54
C THR A 114 9.16 9.36 16.04
N GLU A 115 8.50 10.12 15.16
CA GLU A 115 9.03 11.37 14.64
C GLU A 115 9.53 12.28 15.77
N GLU A 116 10.61 13.01 15.49
CA GLU A 116 11.21 13.89 16.49
C GLU A 116 10.22 14.96 16.94
N PRO A 1 5.42 31.16 5.11
CA PRO A 1 6.16 30.97 6.36
C PRO A 1 6.23 29.50 6.75
N ASN A 2 6.37 28.63 5.75
CA ASN A 2 6.35 27.20 5.98
C ASN A 2 7.43 26.51 5.17
N LYS A 3 8.27 25.76 5.86
CA LYS A 3 9.29 24.94 5.21
C LYS A 3 8.75 23.54 5.01
N PRO A 4 8.98 22.95 3.83
CA PRO A 4 8.47 21.61 3.51
C PRO A 4 8.94 20.57 4.51
N LYS A 5 7.99 19.99 5.21
CA LYS A 5 8.29 18.99 6.21
C LYS A 5 7.89 17.61 5.72
N ARG A 6 8.87 16.73 5.64
CA ARG A 6 8.64 15.40 5.16
C ARG A 6 9.13 14.40 6.21
N GLN A 7 8.18 13.68 6.81
CA GLN A 7 8.46 12.73 7.88
C GLN A 7 9.15 11.49 7.35
N THR A 8 10.41 11.68 6.99
CA THR A 8 11.14 10.68 6.26
C THR A 8 11.51 9.47 7.11
N ASN A 9 11.33 9.52 8.42
CA ASN A 9 11.73 8.39 9.25
C ASN A 9 10.63 7.32 9.30
N GLN A 10 9.39 7.73 9.50
CA GLN A 10 8.25 6.83 9.41
C GLN A 10 8.08 6.39 7.97
N LEU A 11 8.25 7.34 7.07
CA LEU A 11 8.20 7.08 5.64
C LEU A 11 9.38 6.23 5.22
N GLN A 12 10.53 6.46 5.83
CA GLN A 12 11.66 5.54 5.72
C GLN A 12 11.20 4.16 6.09
N TYR A 13 10.78 4.00 7.33
CA TYR A 13 10.27 2.74 7.85
C TYR A 13 9.26 2.13 6.89
N LEU A 14 8.21 2.88 6.61
CA LEU A 14 7.20 2.49 5.63
C LEU A 14 7.80 2.02 4.29
N LEU A 15 8.94 2.58 3.91
CA LEU A 15 9.65 2.20 2.68
C LEU A 15 10.60 1.02 2.94
N ARG A 16 11.45 1.19 3.94
CA ARG A 16 12.51 0.26 4.27
C ARG A 16 11.94 -1.09 4.68
N VAL A 17 11.23 -1.08 5.81
CA VAL A 17 10.66 -2.28 6.36
C VAL A 17 9.31 -2.58 5.73
N VAL A 18 8.29 -1.75 5.98
CA VAL A 18 6.94 -2.01 5.50
C VAL A 18 6.88 -2.38 4.02
N LEU A 19 7.23 -1.41 3.18
CA LEU A 19 7.18 -1.56 1.73
C LEU A 19 7.85 -2.84 1.31
N LYS A 20 9.08 -3.05 1.75
CA LYS A 20 9.85 -4.21 1.36
C LYS A 20 9.30 -5.48 2.01
N THR A 21 8.84 -5.35 3.25
CA THR A 21 8.29 -6.48 3.98
C THR A 21 7.02 -6.97 3.31
N LEU A 22 6.21 -6.03 2.88
CA LEU A 22 5.04 -6.33 2.07
C LEU A 22 5.47 -6.82 0.72
N TRP A 23 6.29 -6.02 0.05
CA TRP A 23 6.77 -6.29 -1.31
C TRP A 23 7.17 -7.75 -1.52
N LYS A 24 7.74 -8.33 -0.49
CA LYS A 24 8.39 -9.65 -0.59
C LYS A 24 7.44 -10.75 -0.18
N HIS A 25 6.25 -10.34 0.18
CA HIS A 25 5.27 -11.22 0.78
C HIS A 25 4.73 -12.23 -0.23
N GLN A 26 4.29 -13.37 0.29
CA GLN A 26 3.58 -14.37 -0.50
C GLN A 26 2.37 -13.74 -1.20
N PHE A 27 1.82 -12.73 -0.56
CA PHE A 27 0.60 -12.11 -1.02
C PHE A 27 0.83 -10.80 -1.77
N ALA A 28 2.08 -10.35 -1.81
CA ALA A 28 2.40 -9.04 -2.40
C ALA A 28 2.33 -9.07 -3.93
N TRP A 29 2.17 -10.27 -4.53
CA TRP A 29 2.32 -10.43 -5.99
C TRP A 29 1.44 -9.46 -6.81
N PRO A 30 0.17 -9.17 -6.42
CA PRO A 30 -0.69 -8.28 -7.19
C PRO A 30 -0.53 -6.84 -6.78
N PHE A 31 0.32 -6.63 -5.80
CA PHE A 31 0.51 -5.32 -5.25
C PHE A 31 1.88 -4.77 -5.65
N GLN A 32 2.90 -5.64 -5.70
CA GLN A 32 4.25 -5.21 -6.13
C GLN A 32 4.15 -4.45 -7.46
N GLN A 33 3.26 -4.93 -8.30
CA GLN A 33 2.99 -4.32 -9.59
C GLN A 33 1.49 -4.08 -9.73
N PRO A 34 1.11 -3.02 -10.45
CA PRO A 34 -0.28 -2.62 -10.56
C PRO A 34 -1.05 -3.56 -11.47
N VAL A 35 -2.17 -4.03 -10.96
CA VAL A 35 -3.04 -4.94 -11.69
C VAL A 35 -3.38 -4.39 -13.07
N ASP A 36 -3.08 -5.16 -14.07
CA ASP A 36 -3.63 -4.94 -15.39
C ASP A 36 -5.06 -5.46 -15.34
N ALA A 37 -6.01 -4.55 -15.29
CA ALA A 37 -7.41 -4.94 -15.13
C ALA A 37 -7.88 -5.75 -16.34
N VAL A 38 -7.13 -5.72 -17.42
CA VAL A 38 -7.43 -6.57 -18.57
C VAL A 38 -6.86 -7.97 -18.36
N LYS A 39 -5.82 -8.05 -17.56
CA LYS A 39 -5.07 -9.27 -17.40
C LYS A 39 -5.81 -10.24 -16.48
N LEU A 40 -6.19 -9.75 -15.31
CA LEU A 40 -6.97 -10.53 -14.36
C LEU A 40 -8.44 -10.62 -14.79
N ASN A 41 -8.72 -10.01 -15.94
CA ASN A 41 -10.08 -9.90 -16.48
C ASN A 41 -10.98 -9.19 -15.49
N LEU A 42 -10.74 -7.91 -15.36
CA LEU A 42 -11.43 -7.06 -14.41
C LEU A 42 -12.12 -5.94 -15.16
N PRO A 43 -13.26 -6.24 -15.78
CA PRO A 43 -13.93 -5.35 -16.72
C PRO A 43 -14.53 -4.14 -16.04
N ASP A 44 -14.62 -4.19 -14.71
CA ASP A 44 -15.18 -3.08 -13.95
C ASP A 44 -14.18 -2.58 -12.91
N TYR A 45 -12.92 -2.97 -13.03
CA TYR A 45 -11.93 -2.64 -12.00
C TYR A 45 -11.75 -1.13 -11.91
N TYR A 46 -11.50 -0.51 -13.04
CA TYR A 46 -11.26 0.92 -13.06
C TYR A 46 -12.58 1.68 -13.07
N LYS A 47 -13.66 0.92 -12.91
CA LYS A 47 -14.99 1.46 -12.72
C LYS A 47 -15.32 1.49 -11.23
N ILE A 48 -15.21 0.32 -10.63
CA ILE A 48 -15.48 0.09 -9.22
C ILE A 48 -14.43 0.71 -8.33
N ILE A 49 -13.18 0.39 -8.63
CA ILE A 49 -12.08 0.78 -7.77
C ILE A 49 -11.87 2.27 -7.77
N LYS A 50 -11.98 2.81 -6.56
CA LYS A 50 -11.71 4.20 -6.26
C LYS A 50 -10.42 4.67 -6.92
N THR A 51 -9.35 3.98 -6.60
CA THR A 51 -8.03 4.35 -7.06
C THR A 51 -7.11 3.15 -6.94
N PRO A 52 -7.08 2.31 -7.99
CA PRO A 52 -6.26 1.09 -7.99
C PRO A 52 -4.84 1.41 -7.58
N MET A 53 -4.42 0.84 -6.46
CA MET A 53 -3.14 1.17 -5.87
C MET A 53 -2.31 -0.09 -5.64
N ASP A 54 -1.03 0.03 -5.87
CA ASP A 54 -0.11 -1.07 -5.74
C ASP A 54 1.14 -0.67 -4.94
N MET A 55 1.77 -1.66 -4.30
CA MET A 55 3.06 -1.50 -3.63
C MET A 55 4.06 -0.81 -4.54
N GLY A 56 3.93 -1.03 -5.85
CA GLY A 56 4.80 -0.37 -6.80
C GLY A 56 4.61 1.13 -6.80
N THR A 57 3.39 1.57 -7.01
CA THR A 57 3.04 2.98 -6.92
C THR A 57 3.35 3.53 -5.53
N ILE A 58 3.12 2.74 -4.52
CA ILE A 58 3.42 3.13 -3.17
C ILE A 58 4.92 3.24 -2.93
N LYS A 59 5.72 2.31 -3.47
CA LYS A 59 7.16 2.41 -3.30
C LYS A 59 7.66 3.63 -4.07
N LYS A 60 6.90 4.01 -5.12
CA LYS A 60 7.21 5.20 -5.91
C LYS A 60 7.20 6.44 -5.03
N ARG A 61 6.05 6.71 -4.45
CA ARG A 61 5.81 7.97 -3.75
C ARG A 61 6.60 8.03 -2.44
N LEU A 62 7.00 6.86 -1.94
CA LEU A 62 7.87 6.79 -0.76
C LEU A 62 9.28 7.22 -1.13
N GLU A 63 9.91 6.46 -2.01
CA GLU A 63 11.29 6.71 -2.40
C GLU A 63 11.44 8.02 -3.17
N ASN A 64 10.35 8.48 -3.77
CA ASN A 64 10.36 9.74 -4.51
C ASN A 64 9.86 10.90 -3.63
N ASN A 65 9.87 10.66 -2.32
CA ASN A 65 9.52 11.67 -1.29
C ASN A 65 8.24 12.46 -1.63
N TYR A 66 7.27 11.80 -2.25
CA TYR A 66 6.00 12.43 -2.56
C TYR A 66 5.13 12.47 -1.31
N TYR A 67 5.16 11.37 -0.56
CA TYR A 67 4.52 11.33 0.75
C TYR A 67 5.14 12.37 1.66
N TRP A 68 4.32 13.22 2.26
CA TRP A 68 4.82 14.15 3.26
C TRP A 68 4.87 13.45 4.61
N ASN A 69 3.90 12.57 4.84
CA ASN A 69 3.82 11.82 6.08
C ASN A 69 3.61 10.34 5.82
N ALA A 70 3.99 9.53 6.79
CA ALA A 70 3.86 8.09 6.69
C ALA A 70 2.39 7.69 6.56
N GLN A 71 1.52 8.37 7.30
CA GLN A 71 0.10 8.10 7.26
C GLN A 71 -0.46 8.17 5.85
N GLU A 72 0.17 8.98 4.98
CA GLU A 72 -0.17 8.99 3.57
C GLU A 72 0.16 7.66 2.92
N CYS A 73 1.37 7.17 3.19
CA CYS A 73 1.83 5.90 2.68
C CYS A 73 0.90 4.79 3.15
N ILE A 74 0.57 4.89 4.42
CA ILE A 74 -0.31 3.96 5.07
C ILE A 74 -1.67 3.97 4.42
N GLN A 75 -2.19 5.16 4.24
CA GLN A 75 -3.44 5.35 3.51
C GLN A 75 -3.38 4.73 2.13
N ASP A 76 -2.21 4.75 1.53
CA ASP A 76 -2.03 4.15 0.20
C ASP A 76 -1.98 2.66 0.32
N PHE A 77 -1.38 2.20 1.39
CA PHE A 77 -1.37 0.78 1.70
C PHE A 77 -2.78 0.33 2.02
N ASN A 78 -3.47 1.15 2.81
CA ASN A 78 -4.86 0.93 3.14
C ASN A 78 -5.67 0.92 1.86
N THR A 79 -5.45 1.94 1.03
CA THR A 79 -6.03 2.04 -0.30
C THR A 79 -5.80 0.76 -1.09
N MET A 80 -4.54 0.32 -1.13
CA MET A 80 -4.14 -0.86 -1.87
C MET A 80 -4.99 -2.08 -1.47
N PHE A 81 -5.00 -2.36 -0.18
CA PHE A 81 -5.77 -3.47 0.37
C PHE A 81 -7.27 -3.22 0.18
N THR A 82 -7.68 -1.96 0.28
CA THR A 82 -9.10 -1.63 0.21
C THR A 82 -9.62 -1.65 -1.22
N ASN A 83 -8.84 -1.29 -2.24
CA ASN A 83 -9.28 -1.53 -3.62
C ASN A 83 -9.55 -3.01 -3.77
N CYS A 84 -8.66 -3.81 -3.22
CA CYS A 84 -8.81 -5.25 -3.23
C CYS A 84 -10.08 -5.68 -2.50
N TYR A 85 -10.53 -4.85 -1.54
CA TYR A 85 -11.76 -5.11 -0.81
C TYR A 85 -12.96 -4.50 -1.56
N ILE A 86 -12.66 -3.41 -2.26
CA ILE A 86 -13.62 -2.67 -3.05
C ILE A 86 -14.15 -3.50 -4.20
N TYR A 87 -13.22 -4.07 -4.94
CA TYR A 87 -13.55 -4.91 -6.08
C TYR A 87 -13.92 -6.31 -5.60
N ASN A 88 -13.02 -6.91 -4.83
CA ASN A 88 -13.19 -8.26 -4.36
C ASN A 88 -13.78 -8.26 -2.97
N LYS A 89 -14.99 -8.76 -2.86
CA LYS A 89 -15.72 -8.75 -1.60
C LYS A 89 -14.95 -9.52 -0.55
N PRO A 90 -14.96 -9.00 0.69
CA PRO A 90 -14.19 -9.51 1.81
C PRO A 90 -14.28 -11.02 1.94
N GLY A 91 -13.18 -11.69 1.64
CA GLY A 91 -13.18 -13.13 1.58
C GLY A 91 -12.75 -13.64 0.22
N ASP A 92 -12.32 -12.73 -0.67
CA ASP A 92 -11.75 -13.15 -1.93
C ASP A 92 -10.26 -13.32 -1.75
N ASP A 93 -9.67 -14.23 -2.53
CA ASP A 93 -8.26 -14.57 -2.36
C ASP A 93 -7.40 -13.31 -2.27
N ILE A 94 -7.61 -12.37 -3.19
CA ILE A 94 -6.83 -11.14 -3.20
C ILE A 94 -7.08 -10.29 -1.95
N VAL A 95 -8.33 -10.18 -1.49
CA VAL A 95 -8.57 -9.48 -0.24
C VAL A 95 -7.92 -10.24 0.88
N LEU A 96 -8.08 -11.55 0.86
CA LEU A 96 -7.47 -12.44 1.85
C LEU A 96 -5.96 -12.24 1.88
N MET A 97 -5.39 -12.06 0.71
CA MET A 97 -3.97 -11.79 0.58
C MET A 97 -3.65 -10.39 1.09
N ALA A 98 -4.47 -9.43 0.68
CA ALA A 98 -4.37 -8.06 1.17
C ALA A 98 -4.55 -8.01 2.68
N GLU A 99 -5.42 -8.88 3.18
CA GLU A 99 -5.69 -8.96 4.59
C GLU A 99 -4.48 -9.47 5.37
N ALA A 100 -3.75 -10.43 4.80
CA ALA A 100 -2.52 -10.91 5.43
C ALA A 100 -1.42 -9.88 5.29
N LEU A 101 -1.51 -9.05 4.26
CA LEU A 101 -0.61 -7.95 4.06
C LEU A 101 -0.99 -6.77 4.92
N GLU A 102 -2.26 -6.66 5.27
CA GLU A 102 -2.69 -5.61 6.17
C GLU A 102 -2.10 -5.85 7.54
N LYS A 103 -2.32 -7.03 8.08
CA LYS A 103 -1.77 -7.36 9.39
C LYS A 103 -0.25 -7.33 9.35
N LEU A 104 0.33 -7.43 8.15
CA LEU A 104 1.76 -7.35 8.00
C LEU A 104 2.23 -5.90 7.84
N PHE A 105 1.56 -5.15 7.00
CA PHE A 105 1.82 -3.73 6.86
C PHE A 105 1.56 -3.04 8.19
N LEU A 106 0.39 -3.28 8.73
CA LEU A 106 -0.02 -2.70 9.99
C LEU A 106 0.82 -3.25 11.14
N GLN A 107 1.41 -4.43 10.93
CA GLN A 107 2.43 -4.96 11.83
C GLN A 107 3.52 -3.93 12.02
N LYS A 108 4.03 -3.50 10.88
CA LYS A 108 5.14 -2.58 10.85
C LYS A 108 4.75 -1.24 11.45
N ILE A 109 3.57 -0.76 11.12
CA ILE A 109 3.11 0.56 11.57
C ILE A 109 2.76 0.51 13.03
N ASN A 110 2.46 -0.70 13.48
CA ASN A 110 2.32 -0.99 14.88
C ASN A 110 3.65 -0.75 15.58
N GLU A 111 4.71 -0.75 14.78
CA GLU A 111 6.05 -0.47 15.26
C GLU A 111 6.65 0.77 14.60
N LEU A 112 5.81 1.56 13.94
CA LEU A 112 6.23 2.74 13.20
C LEU A 112 6.85 3.78 14.12
N PRO A 113 8.12 4.11 13.82
CA PRO A 113 8.92 5.12 14.53
C PRO A 113 8.19 6.45 14.77
N THR A 114 8.70 7.20 15.72
CA THR A 114 8.24 8.57 15.93
C THR A 114 9.34 9.54 15.50
N GLU A 115 8.94 10.67 14.94
CA GLU A 115 9.86 11.66 14.39
C GLU A 115 10.98 12.00 15.37
N GLU A 116 12.21 12.01 14.88
CA GLU A 116 13.33 12.47 15.66
C GLU A 116 13.29 13.99 15.77
N PRO A 1 6.73 24.06 16.41
CA PRO A 1 5.99 22.89 15.87
C PRO A 1 5.45 23.19 14.47
N ASN A 2 5.37 24.46 14.11
CA ASN A 2 4.80 24.86 12.83
C ASN A 2 5.90 24.95 11.78
N LYS A 3 6.39 23.79 11.36
CA LYS A 3 7.39 23.71 10.31
C LYS A 3 7.07 22.55 9.38
N PRO A 4 6.90 22.83 8.09
CA PRO A 4 6.63 21.80 7.09
C PRO A 4 7.81 20.85 6.93
N LYS A 5 7.58 19.59 7.26
CA LYS A 5 8.64 18.61 7.24
C LYS A 5 8.13 17.28 6.70
N ARG A 6 8.84 16.71 5.74
CA ARG A 6 8.49 15.39 5.25
C ARG A 6 8.85 14.37 6.33
N GLN A 7 7.84 13.68 6.86
CA GLN A 7 8.03 12.70 7.93
C GLN A 7 8.78 11.49 7.41
N THR A 8 10.06 11.69 7.18
CA THR A 8 10.84 10.78 6.42
C THR A 8 11.22 9.53 7.20
N ASN A 9 11.14 9.55 8.52
CA ASN A 9 11.55 8.36 9.28
C ASN A 9 10.46 7.31 9.26
N GLN A 10 9.23 7.72 9.50
CA GLN A 10 8.09 6.81 9.40
C GLN A 10 7.91 6.38 7.97
N LEU A 11 8.06 7.33 7.06
CA LEU A 11 8.01 7.07 5.64
C LEU A 11 9.20 6.22 5.21
N GLN A 12 10.35 6.49 5.80
CA GLN A 12 11.50 5.60 5.70
C GLN A 12 11.07 4.21 6.07
N TYR A 13 10.64 4.04 7.31
CA TYR A 13 10.17 2.77 7.83
C TYR A 13 9.14 2.15 6.88
N LEU A 14 8.10 2.89 6.57
CA LEU A 14 7.10 2.47 5.61
C LEU A 14 7.71 2.02 4.27
N LEU A 15 8.83 2.61 3.89
CA LEU A 15 9.57 2.25 2.66
C LEU A 15 10.52 1.07 2.93
N ARG A 16 11.36 1.26 3.94
CA ARG A 16 12.42 0.33 4.28
C ARG A 16 11.88 -1.02 4.67
N VAL A 17 11.19 -1.04 5.80
CA VAL A 17 10.65 -2.25 6.36
C VAL A 17 9.30 -2.58 5.72
N VAL A 18 8.29 -1.75 5.95
CA VAL A 18 6.93 -2.03 5.48
C VAL A 18 6.89 -2.40 3.99
N LEU A 19 7.22 -1.43 3.15
CA LEU A 19 7.19 -1.58 1.71
C LEU A 19 7.88 -2.87 1.29
N LYS A 20 9.14 -3.01 1.68
CA LYS A 20 9.91 -4.19 1.32
C LYS A 20 9.33 -5.45 1.96
N THR A 21 8.87 -5.34 3.20
CA THR A 21 8.32 -6.47 3.92
C THR A 21 7.07 -6.96 3.23
N LEU A 22 6.22 -6.03 2.85
CA LEU A 22 5.05 -6.33 2.06
C LEU A 22 5.47 -6.84 0.71
N TRP A 23 6.26 -6.04 0.02
CA TRP A 23 6.74 -6.32 -1.34
C TRP A 23 7.11 -7.80 -1.55
N LYS A 24 7.71 -8.36 -0.52
CA LYS A 24 8.36 -9.67 -0.61
C LYS A 24 7.43 -10.76 -0.10
N HIS A 25 6.21 -10.38 0.15
CA HIS A 25 5.23 -11.25 0.78
C HIS A 25 4.68 -12.28 -0.19
N GLN A 26 4.25 -13.39 0.38
CA GLN A 26 3.53 -14.43 -0.36
C GLN A 26 2.32 -13.84 -1.08
N PHE A 27 1.79 -12.79 -0.50
CA PHE A 27 0.55 -12.18 -0.99
C PHE A 27 0.80 -10.87 -1.74
N ALA A 28 2.04 -10.40 -1.74
CA ALA A 28 2.35 -9.09 -2.33
C ALA A 28 2.30 -9.11 -3.85
N TRP A 29 2.19 -10.30 -4.46
CA TRP A 29 2.37 -10.44 -5.92
C TRP A 29 1.49 -9.47 -6.73
N PRO A 30 0.19 -9.23 -6.38
CA PRO A 30 -0.67 -8.37 -7.16
C PRO A 30 -0.56 -6.93 -6.76
N PHE A 31 0.23 -6.70 -5.73
CA PHE A 31 0.42 -5.37 -5.20
C PHE A 31 1.78 -4.85 -5.62
N GLN A 32 2.78 -5.72 -5.67
CA GLN A 32 4.12 -5.35 -6.17
C GLN A 32 3.97 -4.69 -7.54
N GLN A 33 3.01 -5.20 -8.29
CA GLN A 33 2.71 -4.70 -9.61
C GLN A 33 1.33 -4.09 -9.66
N PRO A 34 1.09 -3.26 -10.66
CA PRO A 34 -0.22 -2.69 -10.92
C PRO A 34 -1.07 -3.63 -11.74
N VAL A 35 -2.15 -4.08 -11.15
CA VAL A 35 -3.04 -5.02 -11.81
C VAL A 35 -3.42 -4.52 -13.19
N ASP A 36 -3.21 -5.35 -14.18
CA ASP A 36 -3.78 -5.13 -15.47
C ASP A 36 -5.18 -5.66 -15.43
N ALA A 37 -6.15 -4.77 -15.36
CA ALA A 37 -7.54 -5.16 -15.17
C ALA A 37 -8.04 -5.96 -16.36
N VAL A 38 -7.29 -5.95 -17.45
CA VAL A 38 -7.60 -6.80 -18.60
C VAL A 38 -7.00 -8.18 -18.43
N LYS A 39 -5.95 -8.24 -17.62
CA LYS A 39 -5.17 -9.46 -17.50
C LYS A 39 -5.83 -10.41 -16.51
N LEU A 40 -6.17 -9.90 -15.32
CA LEU A 40 -6.90 -10.67 -14.33
C LEU A 40 -8.37 -10.81 -14.71
N ASN A 41 -8.72 -10.21 -15.85
CA ASN A 41 -10.09 -10.20 -16.37
C ASN A 41 -11.00 -9.48 -15.38
N LEU A 42 -10.75 -8.20 -15.24
CA LEU A 42 -11.46 -7.34 -14.32
C LEU A 42 -12.18 -6.26 -15.11
N PRO A 43 -13.39 -6.57 -15.60
CA PRO A 43 -14.11 -5.72 -16.54
C PRO A 43 -14.58 -4.40 -15.92
N ASP A 44 -14.64 -4.37 -14.60
CA ASP A 44 -15.15 -3.19 -13.91
C ASP A 44 -14.15 -2.66 -12.91
N TYR A 45 -12.89 -3.07 -13.02
CA TYR A 45 -11.89 -2.74 -12.00
C TYR A 45 -11.69 -1.24 -11.92
N TYR A 46 -11.35 -0.63 -13.02
CA TYR A 46 -11.07 0.80 -13.04
C TYR A 46 -12.38 1.60 -13.04
N LYS A 47 -13.48 0.87 -12.90
CA LYS A 47 -14.80 1.46 -12.70
C LYS A 47 -15.12 1.51 -11.21
N ILE A 48 -15.10 0.32 -10.62
CA ILE A 48 -15.39 0.09 -9.21
C ILE A 48 -14.34 0.69 -8.31
N ILE A 49 -13.09 0.38 -8.62
CA ILE A 49 -11.99 0.74 -7.76
C ILE A 49 -11.79 2.24 -7.72
N LYS A 50 -11.89 2.74 -6.49
CA LYS A 50 -11.66 4.14 -6.17
C LYS A 50 -10.40 4.66 -6.83
N THR A 51 -9.32 3.96 -6.57
CA THR A 51 -8.03 4.31 -7.12
C THR A 51 -7.10 3.11 -7.03
N PRO A 52 -7.04 2.29 -8.08
CA PRO A 52 -6.21 1.09 -8.08
C PRO A 52 -4.78 1.42 -7.66
N MET A 53 -4.36 0.84 -6.56
CA MET A 53 -3.08 1.16 -5.97
C MET A 53 -2.26 -0.09 -5.77
N ASP A 54 -0.96 0.03 -6.01
CA ASP A 54 -0.04 -1.07 -5.87
C ASP A 54 1.19 -0.66 -5.07
N MET A 55 1.81 -1.65 -4.41
CA MET A 55 3.11 -1.49 -3.73
C MET A 55 4.11 -0.77 -4.62
N GLY A 56 4.00 -0.98 -5.94
CA GLY A 56 4.88 -0.31 -6.87
C GLY A 56 4.66 1.19 -6.90
N THR A 57 3.40 1.59 -7.04
CA THR A 57 3.03 2.99 -6.97
C THR A 57 3.35 3.56 -5.59
N ILE A 58 3.13 2.75 -4.57
CA ILE A 58 3.42 3.15 -3.21
C ILE A 58 4.92 3.30 -2.95
N LYS A 59 5.74 2.35 -3.42
CA LYS A 59 7.17 2.46 -3.22
C LYS A 59 7.69 3.68 -3.96
N LYS A 60 6.96 4.06 -5.01
CA LYS A 60 7.25 5.24 -5.82
C LYS A 60 7.21 6.49 -4.95
N ARG A 61 6.03 6.78 -4.40
CA ARG A 61 5.80 8.05 -3.72
C ARG A 61 6.57 8.12 -2.41
N LEU A 62 6.96 6.96 -1.89
CA LEU A 62 7.80 6.88 -0.70
C LEU A 62 9.22 7.36 -1.00
N GLU A 63 9.83 6.72 -1.99
CA GLU A 63 11.22 7.00 -2.32
C GLU A 63 11.36 8.28 -3.16
N ASN A 64 10.26 8.73 -3.73
CA ASN A 64 10.25 9.97 -4.50
C ASN A 64 9.73 11.13 -3.64
N ASN A 65 9.76 10.91 -2.32
CA ASN A 65 9.36 11.91 -1.31
C ASN A 65 8.05 12.63 -1.62
N TYR A 66 7.14 11.93 -2.30
CA TYR A 66 5.83 12.49 -2.60
C TYR A 66 4.96 12.44 -1.36
N TYR A 67 5.11 11.37 -0.59
CA TYR A 67 4.47 11.27 0.71
C TYR A 67 5.05 12.29 1.65
N TRP A 68 4.22 13.14 2.22
CA TRP A 68 4.66 14.09 3.20
C TRP A 68 4.67 13.44 4.58
N ASN A 69 3.81 12.44 4.74
CA ASN A 69 3.70 11.75 6.03
C ASN A 69 3.47 10.26 5.81
N ALA A 70 3.86 9.47 6.80
CA ALA A 70 3.73 8.03 6.72
C ALA A 70 2.28 7.62 6.57
N GLN A 71 1.41 8.26 7.35
CA GLN A 71 -0.01 7.96 7.35
C GLN A 71 -0.60 8.04 5.93
N GLU A 72 0.02 8.84 5.07
CA GLU A 72 -0.36 8.91 3.66
C GLU A 72 0.07 7.64 2.93
N CYS A 73 1.29 7.22 3.17
CA CYS A 73 1.81 5.99 2.61
C CYS A 73 1.01 4.81 3.13
N ILE A 74 0.64 4.91 4.40
CA ILE A 74 -0.23 3.95 5.04
C ILE A 74 -1.58 3.94 4.38
N GLN A 75 -2.14 5.13 4.23
CA GLN A 75 -3.39 5.35 3.52
C GLN A 75 -3.34 4.76 2.10
N ASP A 76 -2.16 4.75 1.50
CA ASP A 76 -1.98 4.14 0.18
C ASP A 76 -1.92 2.64 0.30
N PHE A 77 -1.27 2.17 1.34
CA PHE A 77 -1.29 0.76 1.66
C PHE A 77 -2.70 0.33 1.99
N ASN A 78 -3.37 1.18 2.75
CA ASN A 78 -4.78 1.01 3.08
C ASN A 78 -5.58 0.96 1.80
N THR A 79 -5.36 1.97 0.97
CA THR A 79 -5.95 2.04 -0.36
C THR A 79 -5.72 0.75 -1.13
N MET A 80 -4.47 0.31 -1.19
CA MET A 80 -4.08 -0.88 -1.93
C MET A 80 -4.93 -2.09 -1.53
N PHE A 81 -4.94 -2.37 -0.23
CA PHE A 81 -5.73 -3.48 0.31
C PHE A 81 -7.22 -3.20 0.13
N THR A 82 -7.61 -1.94 0.24
CA THR A 82 -9.02 -1.58 0.18
C THR A 82 -9.56 -1.64 -1.25
N ASN A 83 -8.76 -1.29 -2.27
CA ASN A 83 -9.21 -1.54 -3.66
C ASN A 83 -9.51 -3.02 -3.81
N CYS A 84 -8.62 -3.82 -3.24
CA CYS A 84 -8.79 -5.27 -3.25
C CYS A 84 -10.06 -5.67 -2.49
N TYR A 85 -10.48 -4.82 -1.54
CA TYR A 85 -11.72 -5.05 -0.78
C TYR A 85 -12.90 -4.41 -1.51
N ILE A 86 -12.57 -3.42 -2.31
CA ILE A 86 -13.54 -2.65 -3.10
C ILE A 86 -14.07 -3.48 -4.24
N TYR A 87 -13.15 -4.05 -4.99
CA TYR A 87 -13.49 -4.90 -6.10
C TYR A 87 -13.89 -6.27 -5.60
N ASN A 88 -12.98 -6.89 -4.86
CA ASN A 88 -13.18 -8.23 -4.37
C ASN A 88 -13.80 -8.19 -2.99
N LYS A 89 -15.00 -8.72 -2.90
CA LYS A 89 -15.74 -8.71 -1.65
C LYS A 89 -14.97 -9.42 -0.56
N PRO A 90 -15.01 -8.85 0.65
CA PRO A 90 -14.24 -9.32 1.80
C PRO A 90 -14.32 -10.82 1.97
N GLY A 91 -13.21 -11.48 1.69
CA GLY A 91 -13.19 -12.93 1.69
C GLY A 91 -12.75 -13.49 0.36
N ASP A 92 -12.41 -12.61 -0.60
CA ASP A 92 -11.83 -13.08 -1.84
C ASP A 92 -10.36 -13.31 -1.64
N ASP A 93 -9.77 -14.24 -2.37
CA ASP A 93 -8.37 -14.60 -2.18
C ASP A 93 -7.51 -13.35 -2.12
N ILE A 94 -7.65 -12.46 -3.09
CA ILE A 94 -6.85 -11.22 -3.12
C ILE A 94 -7.10 -10.36 -1.88
N VAL A 95 -8.34 -10.22 -1.43
CA VAL A 95 -8.59 -9.48 -0.20
C VAL A 95 -7.95 -10.24 0.94
N LEU A 96 -8.15 -11.54 0.96
CA LEU A 96 -7.56 -12.41 1.97
C LEU A 96 -6.04 -12.26 2.01
N MET A 97 -5.46 -12.08 0.83
CA MET A 97 -4.03 -11.85 0.72
C MET A 97 -3.69 -10.45 1.20
N ALA A 98 -4.51 -9.48 0.79
CA ALA A 98 -4.37 -8.11 1.24
C ALA A 98 -4.57 -8.03 2.75
N GLU A 99 -5.46 -8.86 3.26
CA GLU A 99 -5.75 -8.91 4.67
C GLU A 99 -4.56 -9.47 5.46
N ALA A 100 -3.81 -10.39 4.87
CA ALA A 100 -2.60 -10.90 5.50
C ALA A 100 -1.48 -9.88 5.35
N LEU A 101 -1.54 -9.08 4.29
CA LEU A 101 -0.62 -7.99 4.08
C LEU A 101 -0.98 -6.80 4.96
N GLU A 102 -2.25 -6.68 5.32
CA GLU A 102 -2.66 -5.64 6.24
C GLU A 102 -2.07 -5.88 7.60
N LYS A 103 -2.27 -7.08 8.13
CA LYS A 103 -1.73 -7.39 9.44
C LYS A 103 -0.20 -7.34 9.42
N LEU A 104 0.37 -7.48 8.22
CA LEU A 104 1.81 -7.41 8.03
C LEU A 104 2.27 -5.96 7.88
N PHE A 105 1.62 -5.22 7.02
CA PHE A 105 1.87 -3.80 6.88
C PHE A 105 1.62 -3.11 8.21
N LEU A 106 0.44 -3.34 8.76
CA LEU A 106 0.03 -2.77 10.02
C LEU A 106 0.86 -3.33 11.17
N GLN A 107 1.49 -4.48 10.95
CA GLN A 107 2.48 -5.02 11.87
C GLN A 107 3.58 -4.00 12.04
N LYS A 108 4.08 -3.55 10.91
CA LYS A 108 5.18 -2.63 10.87
C LYS A 108 4.79 -1.30 11.49
N ILE A 109 3.61 -0.82 11.15
CA ILE A 109 3.14 0.49 11.59
C ILE A 109 2.83 0.45 13.08
N ASN A 110 2.50 -0.76 13.53
CA ASN A 110 2.36 -1.05 14.94
C ASN A 110 3.69 -0.79 15.63
N GLU A 111 4.76 -0.80 14.84
CA GLU A 111 6.10 -0.53 15.33
C GLU A 111 6.71 0.70 14.63
N LEU A 112 5.87 1.48 13.96
CA LEU A 112 6.29 2.66 13.23
C LEU A 112 6.89 3.72 14.15
N PRO A 113 8.14 4.11 13.82
CA PRO A 113 8.90 5.17 14.51
C PRO A 113 8.09 6.45 14.74
N THR A 114 8.60 7.31 15.60
CA THR A 114 8.02 8.62 15.83
C THR A 114 8.76 9.68 15.01
N GLU A 115 8.06 10.74 14.64
CA GLU A 115 8.68 11.85 13.93
C GLU A 115 8.88 13.04 14.86
N GLU A 116 10.09 13.21 15.36
CA GLU A 116 10.42 14.35 16.19
C GLU A 116 10.18 15.65 15.42
N PRO A 1 8.39 31.28 5.76
CA PRO A 1 9.33 30.94 6.85
C PRO A 1 8.91 29.65 7.55
N ASN A 2 8.42 28.70 6.77
CA ASN A 2 7.95 27.44 7.30
C ASN A 2 7.92 26.38 6.20
N LYS A 3 8.92 25.53 6.19
CA LYS A 3 9.03 24.49 5.18
C LYS A 3 8.27 23.26 5.63
N PRO A 4 7.41 22.71 4.76
CA PRO A 4 6.68 21.48 5.03
C PRO A 4 7.62 20.35 5.47
N LYS A 5 7.41 19.87 6.68
CA LYS A 5 8.25 18.83 7.24
C LYS A 5 7.80 17.46 6.74
N ARG A 6 8.59 16.87 5.87
CA ARG A 6 8.31 15.54 5.39
C ARG A 6 8.73 14.54 6.46
N GLN A 7 7.74 13.89 7.08
CA GLN A 7 7.99 12.93 8.15
C GLN A 7 8.64 11.70 7.58
N THR A 8 9.94 11.80 7.39
CA THR A 8 10.67 10.90 6.54
C THR A 8 11.06 9.61 7.24
N ASN A 9 11.20 9.61 8.55
CA ASN A 9 11.71 8.43 9.23
C ASN A 9 10.62 7.35 9.31
N GLN A 10 9.36 7.76 9.47
CA GLN A 10 8.23 6.84 9.41
C GLN A 10 8.02 6.38 7.98
N LEU A 11 8.10 7.32 7.07
CA LEU A 11 8.03 7.06 5.65
C LEU A 11 9.19 6.19 5.21
N GLN A 12 10.35 6.47 5.76
CA GLN A 12 11.51 5.62 5.65
C GLN A 12 11.13 4.22 6.07
N TYR A 13 10.67 4.08 7.30
CA TYR A 13 10.21 2.81 7.83
C TYR A 13 9.19 2.16 6.86
N LEU A 14 8.16 2.89 6.54
CA LEU A 14 7.17 2.46 5.55
C LEU A 14 7.80 2.00 4.22
N LEU A 15 8.90 2.63 3.84
CA LEU A 15 9.64 2.29 2.61
C LEU A 15 10.60 1.12 2.87
N ARG A 16 11.44 1.29 3.88
CA ARG A 16 12.51 0.36 4.22
C ARG A 16 11.96 -0.99 4.63
N VAL A 17 11.27 -1.00 5.76
CA VAL A 17 10.74 -2.22 6.34
C VAL A 17 9.40 -2.58 5.69
N VAL A 18 8.37 -1.76 5.90
CA VAL A 18 7.02 -2.07 5.41
C VAL A 18 7.00 -2.44 3.93
N LEU A 19 7.33 -1.48 3.08
CA LEU A 19 7.31 -1.64 1.63
C LEU A 19 8.00 -2.95 1.25
N LYS A 20 9.24 -3.13 1.70
CA LYS A 20 9.99 -4.35 1.44
C LYS A 20 9.26 -5.56 1.99
N THR A 21 8.89 -5.46 3.26
CA THR A 21 8.28 -6.55 3.99
C THR A 21 7.01 -7.03 3.29
N LEU A 22 6.22 -6.08 2.83
CA LEU A 22 5.05 -6.38 2.03
C LEU A 22 5.47 -6.89 0.69
N TRP A 23 6.29 -6.11 0.00
CA TRP A 23 6.75 -6.42 -1.36
C TRP A 23 7.12 -7.89 -1.52
N LYS A 24 7.71 -8.43 -0.49
CA LYS A 24 8.37 -9.73 -0.52
C LYS A 24 7.44 -10.81 -0.01
N HIS A 25 6.21 -10.42 0.18
CA HIS A 25 5.21 -11.30 0.77
C HIS A 25 4.66 -12.29 -0.25
N GLN A 26 4.22 -13.42 0.26
CA GLN A 26 3.52 -14.43 -0.51
C GLN A 26 2.31 -13.81 -1.24
N PHE A 27 1.74 -12.80 -0.63
CA PHE A 27 0.52 -12.19 -1.13
C PHE A 27 0.76 -10.86 -1.83
N ALA A 28 2.00 -10.39 -1.84
CA ALA A 28 2.32 -9.08 -2.39
C ALA A 28 2.24 -9.05 -3.92
N TRP A 29 2.11 -10.22 -4.56
CA TRP A 29 2.27 -10.33 -6.02
C TRP A 29 1.37 -9.35 -6.82
N PRO A 30 0.08 -9.10 -6.43
CA PRO A 30 -0.81 -8.23 -7.18
C PRO A 30 -0.68 -6.79 -6.75
N PHE A 31 0.19 -6.58 -5.80
CA PHE A 31 0.41 -5.28 -5.24
C PHE A 31 1.79 -4.78 -5.67
N GLN A 32 2.78 -5.67 -5.69
CA GLN A 32 4.12 -5.33 -6.17
C GLN A 32 3.99 -4.66 -7.54
N GLN A 33 3.15 -5.25 -8.38
CA GLN A 33 2.84 -4.71 -9.69
C GLN A 33 1.35 -4.42 -9.78
N PRO A 34 0.99 -3.37 -10.52
CA PRO A 34 -0.37 -2.90 -10.60
C PRO A 34 -1.22 -3.79 -11.49
N VAL A 35 -2.39 -4.13 -10.98
CA VAL A 35 -3.30 -5.01 -11.69
C VAL A 35 -3.65 -4.45 -13.06
N ASP A 36 -3.50 -5.29 -14.06
CA ASP A 36 -4.07 -5.01 -15.35
C ASP A 36 -5.51 -5.47 -15.31
N ALA A 37 -6.42 -4.52 -15.29
CA ALA A 37 -7.84 -4.83 -15.09
C ALA A 37 -8.39 -5.63 -16.27
N VAL A 38 -7.62 -5.75 -17.34
CA VAL A 38 -8.00 -6.64 -18.43
C VAL A 38 -7.40 -8.03 -18.20
N LYS A 39 -6.27 -8.07 -17.51
CA LYS A 39 -5.51 -9.30 -17.32
C LYS A 39 -6.23 -10.24 -16.37
N LEU A 40 -6.65 -9.70 -15.23
CA LEU A 40 -7.39 -10.48 -14.24
C LEU A 40 -8.88 -10.56 -14.58
N ASN A 41 -9.22 -10.05 -15.77
CA ASN A 41 -10.60 -9.97 -16.25
C ASN A 41 -11.44 -9.16 -15.27
N LEU A 42 -11.14 -7.87 -15.22
CA LEU A 42 -11.79 -6.95 -14.29
C LEU A 42 -12.47 -5.84 -15.05
N PRO A 43 -13.71 -6.09 -15.51
CA PRO A 43 -14.45 -5.17 -16.35
C PRO A 43 -14.91 -3.94 -15.59
N ASP A 44 -15.09 -4.12 -14.28
CA ASP A 44 -15.62 -3.06 -13.43
C ASP A 44 -14.59 -2.58 -12.42
N TYR A 45 -13.32 -2.93 -12.62
CA TYR A 45 -12.27 -2.58 -11.65
C TYR A 45 -12.09 -1.09 -11.59
N TYR A 46 -11.81 -0.49 -12.73
CA TYR A 46 -11.53 0.93 -12.78
C TYR A 46 -12.83 1.74 -12.76
N LYS A 47 -13.93 1.03 -12.56
CA LYS A 47 -15.23 1.64 -12.31
C LYS A 47 -15.49 1.71 -10.82
N ILE A 48 -15.31 0.57 -10.18
CA ILE A 48 -15.57 0.37 -8.78
C ILE A 48 -14.46 0.92 -7.90
N ILE A 49 -13.25 0.61 -8.27
CA ILE A 49 -12.11 0.93 -7.45
C ILE A 49 -11.85 2.42 -7.44
N LYS A 50 -11.91 2.96 -6.23
CA LYS A 50 -11.63 4.35 -5.95
C LYS A 50 -10.35 4.80 -6.62
N THR A 51 -9.30 4.07 -6.35
CA THR A 51 -7.98 4.39 -6.85
C THR A 51 -7.10 3.15 -6.81
N PRO A 52 -7.12 2.34 -7.86
CA PRO A 52 -6.32 1.12 -7.91
C PRO A 52 -4.87 1.43 -7.56
N MET A 53 -4.40 0.82 -6.49
CA MET A 53 -3.10 1.15 -5.93
C MET A 53 -2.26 -0.10 -5.75
N ASP A 54 -0.96 0.04 -5.98
CA ASP A 54 -0.03 -1.06 -5.88
C ASP A 54 1.21 -0.65 -5.05
N MET A 55 1.80 -1.64 -4.37
CA MET A 55 3.10 -1.50 -3.69
C MET A 55 4.11 -0.80 -4.57
N GLY A 56 4.00 -0.97 -5.88
CA GLY A 56 4.89 -0.31 -6.81
C GLY A 56 4.69 1.19 -6.81
N THR A 57 3.45 1.63 -6.98
CA THR A 57 3.11 3.04 -6.91
C THR A 57 3.40 3.60 -5.54
N ILE A 58 3.19 2.78 -4.53
CA ILE A 58 3.46 3.15 -3.17
C ILE A 58 4.96 3.30 -2.91
N LYS A 59 5.77 2.35 -3.40
CA LYS A 59 7.20 2.46 -3.24
C LYS A 59 7.68 3.72 -3.97
N LYS A 60 6.95 4.09 -5.04
CA LYS A 60 7.26 5.29 -5.83
C LYS A 60 7.24 6.52 -4.94
N ARG A 61 6.05 6.86 -4.46
CA ARG A 61 5.82 8.13 -3.78
C ARG A 61 6.57 8.18 -2.44
N LEU A 62 6.97 7.01 -1.94
CA LEU A 62 7.79 6.93 -0.73
C LEU A 62 9.19 7.48 -0.98
N GLU A 63 9.91 6.83 -1.87
CA GLU A 63 11.29 7.21 -2.16
C GLU A 63 11.35 8.49 -2.99
N ASN A 64 10.22 8.85 -3.59
CA ASN A 64 10.10 10.09 -4.36
C ASN A 64 9.69 11.24 -3.44
N ASN A 65 9.66 10.93 -2.13
CA ASN A 65 9.29 11.89 -1.06
C ASN A 65 8.04 12.69 -1.41
N TYR A 66 7.10 12.05 -2.07
CA TYR A 66 5.82 12.68 -2.38
C TYR A 66 4.91 12.60 -1.17
N TYR A 67 5.00 11.49 -0.45
CA TYR A 67 4.35 11.36 0.84
C TYR A 67 4.94 12.37 1.80
N TRP A 68 4.11 13.21 2.39
CA TRP A 68 4.59 14.18 3.37
C TRP A 68 4.63 13.53 4.75
N ASN A 69 3.95 12.39 4.88
CA ASN A 69 3.92 11.65 6.12
C ASN A 69 3.59 10.19 5.86
N ALA A 70 4.07 9.32 6.75
CA ALA A 70 3.88 7.88 6.63
C ALA A 70 2.40 7.56 6.48
N GLN A 71 1.56 8.24 7.23
CA GLN A 71 0.13 7.98 7.21
C GLN A 71 -0.45 8.05 5.80
N GLU A 72 0.16 8.86 4.93
CA GLU A 72 -0.22 8.90 3.52
C GLU A 72 0.19 7.61 2.81
N CYS A 73 1.40 7.17 3.07
CA CYS A 73 1.91 5.93 2.50
C CYS A 73 1.10 4.76 3.04
N ILE A 74 0.75 4.87 4.30
CA ILE A 74 -0.16 3.93 4.95
C ILE A 74 -1.49 3.96 4.26
N GLN A 75 -2.01 5.15 4.13
CA GLN A 75 -3.25 5.41 3.43
C GLN A 75 -3.23 4.81 2.03
N ASP A 76 -2.06 4.75 1.42
CA ASP A 76 -1.92 4.13 0.10
C ASP A 76 -1.88 2.62 0.23
N PHE A 77 -1.19 2.14 1.25
CA PHE A 77 -1.22 0.72 1.60
C PHE A 77 -2.64 0.31 1.96
N ASN A 78 -3.26 1.16 2.76
CA ASN A 78 -4.64 1.00 3.17
C ASN A 78 -5.54 1.04 1.94
N THR A 79 -5.29 2.02 1.07
CA THR A 79 -5.92 2.10 -0.23
C THR A 79 -5.75 0.79 -0.98
N MET A 80 -4.52 0.32 -1.04
CA MET A 80 -4.15 -0.87 -1.81
C MET A 80 -4.99 -2.07 -1.41
N PHE A 81 -4.99 -2.36 -0.12
CA PHE A 81 -5.77 -3.48 0.42
C PHE A 81 -7.27 -3.21 0.28
N THR A 82 -7.66 -1.94 0.43
CA THR A 82 -9.07 -1.60 0.41
C THR A 82 -9.63 -1.58 -1.02
N ASN A 83 -8.83 -1.24 -2.04
CA ASN A 83 -9.29 -1.45 -3.42
C ASN A 83 -9.61 -2.93 -3.57
N CYS A 84 -8.71 -3.74 -3.06
CA CYS A 84 -8.87 -5.18 -3.09
C CYS A 84 -10.14 -5.61 -2.34
N TYR A 85 -10.58 -4.78 -1.39
CA TYR A 85 -11.81 -5.05 -0.65
C TYR A 85 -13.00 -4.41 -1.37
N ILE A 86 -12.76 -3.24 -1.93
CA ILE A 86 -13.71 -2.48 -2.72
C ILE A 86 -14.24 -3.30 -3.88
N TYR A 87 -13.31 -3.87 -4.62
CA TYR A 87 -13.66 -4.72 -5.73
C TYR A 87 -14.03 -6.10 -5.26
N ASN A 88 -13.06 -6.76 -4.63
CA ASN A 88 -13.20 -8.15 -4.24
C ASN A 88 -13.86 -8.22 -2.89
N LYS A 89 -15.05 -8.78 -2.87
CA LYS A 89 -15.84 -8.85 -1.66
C LYS A 89 -15.06 -9.57 -0.57
N PRO A 90 -15.04 -8.96 0.62
CA PRO A 90 -14.22 -9.40 1.75
C PRO A 90 -14.28 -10.90 1.96
N GLY A 91 -13.17 -11.56 1.68
CA GLY A 91 -13.15 -13.00 1.66
C GLY A 91 -12.70 -13.54 0.32
N ASP A 92 -12.39 -12.64 -0.62
CA ASP A 92 -11.80 -13.06 -1.87
C ASP A 92 -10.33 -13.28 -1.66
N ASP A 93 -9.74 -14.21 -2.39
CA ASP A 93 -8.35 -14.57 -2.19
C ASP A 93 -7.48 -13.32 -2.13
N ILE A 94 -7.65 -12.41 -3.08
CA ILE A 94 -6.86 -11.17 -3.11
C ILE A 94 -7.12 -10.30 -1.88
N VAL A 95 -8.35 -10.23 -1.40
CA VAL A 95 -8.59 -9.51 -0.15
C VAL A 95 -7.95 -10.27 0.98
N LEU A 96 -8.10 -11.57 0.95
CA LEU A 96 -7.48 -12.45 1.96
C LEU A 96 -5.96 -12.26 1.96
N MET A 97 -5.42 -12.13 0.76
CA MET A 97 -4.02 -11.81 0.56
C MET A 97 -3.71 -10.42 1.11
N ALA A 98 -4.53 -9.46 0.73
CA ALA A 98 -4.41 -8.09 1.22
C ALA A 98 -4.56 -8.06 2.72
N GLU A 99 -5.46 -8.88 3.24
CA GLU A 99 -5.71 -8.97 4.66
C GLU A 99 -4.50 -9.51 5.41
N ALA A 100 -3.76 -10.45 4.80
CA ALA A 100 -2.54 -10.95 5.40
C ALA A 100 -1.43 -9.91 5.27
N LEU A 101 -1.53 -9.08 4.24
CA LEU A 101 -0.62 -7.98 4.03
C LEU A 101 -0.99 -6.80 4.92
N GLU A 102 -2.25 -6.69 5.28
CA GLU A 102 -2.68 -5.65 6.20
C GLU A 102 -2.08 -5.89 7.56
N LYS A 103 -2.31 -7.07 8.11
CA LYS A 103 -1.76 -7.39 9.41
C LYS A 103 -0.23 -7.34 9.38
N LEU A 104 0.34 -7.49 8.18
CA LEU A 104 1.78 -7.40 8.00
C LEU A 104 2.23 -5.93 7.84
N PHE A 105 1.59 -5.20 6.95
CA PHE A 105 1.86 -3.78 6.81
C PHE A 105 1.59 -3.08 8.13
N LEU A 106 0.41 -3.30 8.65
CA LEU A 106 -0.01 -2.70 9.91
C LEU A 106 0.83 -3.22 11.06
N GLN A 107 1.42 -4.41 10.88
CA GLN A 107 2.40 -4.93 11.83
C GLN A 107 3.51 -3.92 12.01
N LYS A 108 4.04 -3.49 10.87
CA LYS A 108 5.13 -2.57 10.83
C LYS A 108 4.72 -1.23 11.44
N ILE A 109 3.52 -0.79 11.10
CA ILE A 109 3.04 0.52 11.52
C ILE A 109 2.66 0.50 12.98
N ASN A 110 2.32 -0.70 13.43
CA ASN A 110 2.14 -0.98 14.83
C ASN A 110 3.45 -0.76 15.57
N GLU A 111 4.53 -0.70 14.79
CA GLU A 111 5.86 -0.42 15.32
C GLU A 111 6.48 0.82 14.65
N LEU A 112 5.65 1.59 13.97
CA LEU A 112 6.09 2.77 13.23
C LEU A 112 6.68 3.84 14.16
N PRO A 113 7.94 4.20 13.88
CA PRO A 113 8.69 5.25 14.58
C PRO A 113 7.96 6.59 14.68
N THR A 114 8.58 7.55 15.37
CA THR A 114 8.08 8.91 15.44
C THR A 114 9.02 9.87 14.71
N GLU A 115 8.50 11.02 14.28
CA GLU A 115 9.20 11.93 13.37
C GLU A 115 10.60 12.31 13.84
N GLU A 116 11.42 12.70 12.87
CA GLU A 116 12.75 13.20 13.13
C GLU A 116 12.68 14.43 14.03
N PRO A 1 8.39 28.97 0.10
CA PRO A 1 8.85 29.48 1.41
C PRO A 1 8.57 28.46 2.50
N ASN A 2 7.28 28.22 2.75
CA ASN A 2 6.87 27.29 3.79
C ASN A 2 6.90 25.86 3.27
N LYS A 3 8.03 25.20 3.46
CA LYS A 3 8.20 23.83 3.03
C LYS A 3 7.81 22.88 4.14
N PRO A 4 6.78 22.05 3.91
CA PRO A 4 6.33 21.06 4.89
C PRO A 4 7.42 20.04 5.20
N LYS A 5 7.59 19.73 6.47
CA LYS A 5 8.60 18.76 6.88
C LYS A 5 8.14 17.35 6.54
N ARG A 6 8.83 16.72 5.63
CA ARG A 6 8.53 15.37 5.23
C ARG A 6 8.85 14.44 6.39
N GLN A 7 7.84 13.70 6.87
CA GLN A 7 8.03 12.76 7.97
C GLN A 7 8.74 11.53 7.45
N THR A 8 10.01 11.73 7.14
CA THR A 8 10.75 10.78 6.35
C THR A 8 11.16 9.55 7.13
N ASN A 9 11.20 9.60 8.44
CA ASN A 9 11.67 8.44 9.20
C ASN A 9 10.58 7.36 9.30
N GLN A 10 9.33 7.78 9.47
CA GLN A 10 8.19 6.87 9.39
C GLN A 10 8.02 6.39 7.96
N LEU A 11 8.11 7.34 7.04
CA LEU A 11 8.04 7.05 5.61
C LEU A 11 9.20 6.17 5.19
N GLN A 12 10.37 6.46 5.74
CA GLN A 12 11.52 5.58 5.63
C GLN A 12 11.12 4.19 6.04
N TYR A 13 10.70 4.04 7.29
CA TYR A 13 10.22 2.77 7.82
C TYR A 13 9.20 2.14 6.86
N LEU A 14 8.16 2.89 6.54
CA LEU A 14 7.17 2.48 5.57
C LEU A 14 7.78 2.00 4.24
N LEU A 15 8.92 2.58 3.87
CA LEU A 15 9.64 2.23 2.64
C LEU A 15 10.61 1.06 2.88
N ARG A 16 11.43 1.22 3.91
CA ARG A 16 12.49 0.30 4.25
C ARG A 16 11.95 -1.06 4.66
N VAL A 17 11.25 -1.06 5.78
CA VAL A 17 10.69 -2.27 6.35
C VAL A 17 9.36 -2.60 5.70
N VAL A 18 8.34 -1.76 5.93
CA VAL A 18 6.98 -2.04 5.44
C VAL A 18 6.95 -2.41 3.97
N LEU A 19 7.31 -1.45 3.12
CA LEU A 19 7.27 -1.59 1.68
C LEU A 19 7.94 -2.89 1.27
N LYS A 20 9.18 -3.07 1.70
CA LYS A 20 9.95 -4.24 1.34
C LYS A 20 9.33 -5.51 1.95
N THR A 21 8.85 -5.37 3.18
CA THR A 21 8.27 -6.49 3.90
C THR A 21 7.00 -6.97 3.20
N LEU A 22 6.18 -6.02 2.79
CA LEU A 22 5.01 -6.31 1.99
C LEU A 22 5.42 -6.81 0.64
N TRP A 23 6.27 -6.03 -0.02
CA TRP A 23 6.75 -6.33 -1.38
C TRP A 23 7.11 -7.81 -1.58
N LYS A 24 7.67 -8.38 -0.53
CA LYS A 24 8.28 -9.70 -0.59
C LYS A 24 7.31 -10.78 -0.16
N HIS A 25 6.10 -10.36 0.12
CA HIS A 25 5.09 -11.22 0.71
C HIS A 25 4.52 -12.19 -0.31
N GLN A 26 4.09 -13.34 0.18
CA GLN A 26 3.39 -14.35 -0.61
C GLN A 26 2.18 -13.74 -1.32
N PHE A 27 1.63 -12.72 -0.70
CA PHE A 27 0.42 -12.09 -1.19
C PHE A 27 0.69 -10.77 -1.90
N ALA A 28 1.94 -10.33 -1.92
CA ALA A 28 2.28 -9.03 -2.48
C ALA A 28 2.21 -9.01 -4.00
N TRP A 29 2.08 -10.19 -4.64
CA TRP A 29 2.23 -10.30 -6.11
C TRP A 29 1.32 -9.31 -6.89
N PRO A 30 0.04 -9.06 -6.48
CA PRO A 30 -0.85 -8.17 -7.22
C PRO A 30 -0.71 -6.74 -6.76
N PHE A 31 0.21 -6.56 -5.84
CA PHE A 31 0.43 -5.28 -5.25
C PHE A 31 1.81 -4.75 -5.64
N GLN A 32 2.83 -5.62 -5.65
CA GLN A 32 4.18 -5.23 -6.11
C GLN A 32 4.06 -4.52 -7.46
N GLN A 33 3.23 -5.10 -8.30
CA GLN A 33 2.94 -4.56 -9.61
C GLN A 33 1.46 -4.21 -9.67
N PRO A 34 1.09 -3.23 -10.49
CA PRO A 34 -0.29 -2.78 -10.61
C PRO A 34 -1.07 -3.68 -11.53
N VAL A 35 -2.21 -4.13 -11.02
CA VAL A 35 -3.08 -5.04 -11.74
C VAL A 35 -3.38 -4.50 -13.13
N ASP A 36 -3.17 -5.33 -14.13
CA ASP A 36 -3.71 -5.08 -15.43
C ASP A 36 -5.14 -5.55 -15.41
N ALA A 37 -6.07 -4.60 -15.40
CA ALA A 37 -7.48 -4.93 -15.25
C ALA A 37 -7.98 -5.74 -16.44
N VAL A 38 -7.19 -5.82 -17.50
CA VAL A 38 -7.52 -6.69 -18.62
C VAL A 38 -6.95 -8.08 -18.39
N LYS A 39 -5.90 -8.15 -17.59
CA LYS A 39 -5.15 -9.38 -17.44
C LYS A 39 -5.84 -10.32 -16.47
N LEU A 40 -6.25 -9.79 -15.33
CA LEU A 40 -7.01 -10.55 -14.35
C LEU A 40 -8.48 -10.66 -14.75
N ASN A 41 -8.81 -10.08 -15.91
CA ASN A 41 -10.17 -10.02 -16.43
C ASN A 41 -11.05 -9.24 -15.47
N LEU A 42 -10.83 -7.95 -15.44
CA LEU A 42 -11.50 -7.06 -14.50
C LEU A 42 -12.21 -5.96 -15.27
N PRO A 43 -13.44 -6.23 -15.72
CA PRO A 43 -14.18 -5.36 -16.62
C PRO A 43 -14.53 -4.02 -15.99
N ASP A 44 -14.68 -4.02 -14.67
CA ASP A 44 -15.10 -2.82 -13.97
C ASP A 44 -14.09 -2.41 -12.91
N TYR A 45 -12.86 -2.88 -13.02
CA TYR A 45 -11.86 -2.62 -11.98
C TYR A 45 -11.61 -1.14 -11.84
N TYR A 46 -11.24 -0.52 -12.94
CA TYR A 46 -10.95 0.91 -12.91
C TYR A 46 -12.23 1.74 -12.92
N LYS A 47 -13.35 1.03 -12.80
CA LYS A 47 -14.65 1.65 -12.61
C LYS A 47 -15.03 1.68 -11.13
N ILE A 48 -14.93 0.49 -10.54
CA ILE A 48 -15.29 0.24 -9.16
C ILE A 48 -14.24 0.78 -8.20
N ILE A 49 -13.00 0.45 -8.50
CA ILE A 49 -11.91 0.76 -7.63
C ILE A 49 -11.68 2.25 -7.54
N LYS A 50 -11.74 2.72 -6.31
CA LYS A 50 -11.52 4.12 -5.97
C LYS A 50 -10.26 4.65 -6.61
N THR A 51 -9.18 3.93 -6.38
CA THR A 51 -7.89 4.30 -6.90
C THR A 51 -6.96 3.09 -6.87
N PRO A 52 -6.97 2.27 -7.93
CA PRO A 52 -6.15 1.06 -8.00
C PRO A 52 -4.72 1.38 -7.61
N MET A 53 -4.25 0.75 -6.55
CA MET A 53 -3.00 1.11 -5.94
C MET A 53 -2.13 -0.12 -5.77
N ASP A 54 -0.84 0.06 -5.99
CA ASP A 54 0.12 -1.02 -5.89
C ASP A 54 1.33 -0.61 -5.04
N MET A 55 1.94 -1.59 -4.39
CA MET A 55 3.22 -1.43 -3.68
C MET A 55 4.24 -0.70 -4.55
N GLY A 56 4.12 -0.83 -5.86
CA GLY A 56 5.01 -0.15 -6.77
C GLY A 56 4.79 1.36 -6.77
N THR A 57 3.55 1.76 -6.98
CA THR A 57 3.16 3.16 -6.89
C THR A 57 3.44 3.70 -5.50
N ILE A 58 3.29 2.86 -4.50
CA ILE A 58 3.58 3.23 -3.14
C ILE A 58 5.08 3.33 -2.86
N LYS A 59 5.89 2.38 -3.34
CA LYS A 59 7.33 2.48 -3.16
C LYS A 59 7.83 3.71 -3.91
N LYS A 60 7.03 4.05 -4.93
CA LYS A 60 7.29 5.17 -5.82
C LYS A 60 7.25 6.48 -5.05
N ARG A 61 6.10 6.78 -4.45
CA ARG A 61 5.89 8.07 -3.79
C ARG A 61 6.66 8.15 -2.48
N LEU A 62 7.03 6.99 -1.92
CA LEU A 62 7.87 6.93 -0.73
C LEU A 62 9.28 7.42 -1.04
N GLU A 63 9.91 6.76 -2.00
CA GLU A 63 11.30 7.05 -2.33
C GLU A 63 11.43 8.29 -3.22
N ASN A 64 10.31 8.84 -3.66
CA ASN A 64 10.31 10.09 -4.43
C ASN A 64 9.78 11.25 -3.61
N ASN A 65 9.81 11.07 -2.27
CA ASN A 65 9.40 12.08 -1.30
C ASN A 65 8.10 12.81 -1.68
N TYR A 66 7.14 12.06 -2.21
CA TYR A 66 5.83 12.64 -2.49
C TYR A 66 4.97 12.57 -1.24
N TYR A 67 5.06 11.46 -0.53
CA TYR A 67 4.43 11.34 0.78
C TYR A 67 5.06 12.33 1.73
N TRP A 68 4.25 13.19 2.32
CA TRP A 68 4.77 14.12 3.31
C TRP A 68 4.69 13.50 4.69
N ASN A 69 3.84 12.49 4.81
CA ASN A 69 3.76 11.72 6.04
C ASN A 69 3.51 10.25 5.77
N ALA A 70 3.90 9.42 6.74
CA ALA A 70 3.76 7.98 6.63
C ALA A 70 2.31 7.61 6.49
N GLN A 71 1.45 8.27 7.25
CA GLN A 71 0.01 8.00 7.23
C GLN A 71 -0.54 8.07 5.80
N GLU A 72 0.08 8.88 4.95
CA GLU A 72 -0.29 8.93 3.53
C GLU A 72 0.09 7.63 2.84
N CYS A 73 1.32 7.21 3.07
CA CYS A 73 1.82 5.96 2.50
C CYS A 73 1.03 4.79 3.06
N ILE A 74 0.67 4.92 4.32
CA ILE A 74 -0.18 3.96 5.01
C ILE A 74 -1.54 3.91 4.35
N GLN A 75 -2.13 5.07 4.21
CA GLN A 75 -3.39 5.24 3.51
C GLN A 75 -3.33 4.67 2.10
N ASP A 76 -2.16 4.72 1.48
CA ASP A 76 -1.98 4.11 0.16
C ASP A 76 -1.91 2.60 0.27
N PHE A 77 -1.25 2.15 1.32
CA PHE A 77 -1.22 0.75 1.66
C PHE A 77 -2.63 0.27 1.99
N ASN A 78 -3.32 1.08 2.77
CA ASN A 78 -4.71 0.83 3.13
C ASN A 78 -5.55 0.82 1.85
N THR A 79 -5.23 1.74 0.96
CA THR A 79 -5.90 1.87 -0.32
C THR A 79 -5.69 0.61 -1.14
N MET A 80 -4.46 0.15 -1.14
CA MET A 80 -4.06 -1.06 -1.83
C MET A 80 -4.98 -2.21 -1.46
N PHE A 81 -5.05 -2.46 -0.16
CA PHE A 81 -5.83 -3.56 0.38
C PHE A 81 -7.33 -3.27 0.23
N THR A 82 -7.71 -2.01 0.36
CA THR A 82 -9.12 -1.63 0.29
C THR A 82 -9.65 -1.70 -1.13
N ASN A 83 -8.85 -1.32 -2.15
CA ASN A 83 -9.28 -1.57 -3.54
C ASN A 83 -9.58 -3.04 -3.71
N CYS A 84 -8.71 -3.86 -3.13
CA CYS A 84 -8.88 -5.30 -3.16
C CYS A 84 -10.16 -5.71 -2.42
N TYR A 85 -10.59 -4.89 -1.47
CA TYR A 85 -11.83 -5.11 -0.73
C TYR A 85 -13.01 -4.49 -1.49
N ILE A 86 -12.67 -3.45 -2.24
CA ILE A 86 -13.60 -2.67 -3.04
C ILE A 86 -14.12 -3.49 -4.22
N TYR A 87 -13.20 -4.07 -4.95
CA TYR A 87 -13.54 -4.89 -6.08
C TYR A 87 -13.94 -6.28 -5.61
N ASN A 88 -13.07 -6.89 -4.84
CA ASN A 88 -13.28 -8.24 -4.36
C ASN A 88 -13.86 -8.20 -2.97
N LYS A 89 -15.07 -8.72 -2.84
CA LYS A 89 -15.79 -8.69 -1.58
C LYS A 89 -14.99 -9.39 -0.49
N PRO A 90 -15.02 -8.80 0.71
CA PRO A 90 -14.24 -9.27 1.86
C PRO A 90 -14.34 -10.78 2.06
N GLY A 91 -13.24 -11.46 1.77
CA GLY A 91 -13.25 -12.91 1.75
C GLY A 91 -12.83 -13.46 0.41
N ASP A 92 -12.50 -12.57 -0.53
CA ASP A 92 -11.93 -13.02 -1.80
C ASP A 92 -10.46 -13.24 -1.61
N ASP A 93 -9.91 -14.18 -2.34
CA ASP A 93 -8.50 -14.54 -2.22
C ASP A 93 -7.63 -13.30 -2.15
N ILE A 94 -7.80 -12.37 -3.08
CA ILE A 94 -6.99 -11.14 -3.10
C ILE A 94 -7.21 -10.27 -1.86
N VAL A 95 -8.45 -10.19 -1.37
CA VAL A 95 -8.67 -9.49 -0.11
C VAL A 95 -8.01 -10.26 1.00
N LEU A 96 -8.17 -11.58 0.96
CA LEU A 96 -7.55 -12.46 1.93
C LEU A 96 -6.03 -12.30 1.92
N MET A 97 -5.50 -12.06 0.73
CA MET A 97 -4.10 -11.73 0.54
C MET A 97 -3.80 -10.37 1.13
N ALA A 98 -4.60 -9.39 0.74
CA ALA A 98 -4.50 -8.03 1.26
C ALA A 98 -4.63 -8.01 2.77
N GLU A 99 -5.54 -8.84 3.26
CA GLU A 99 -5.78 -8.97 4.69
C GLU A 99 -4.54 -9.49 5.41
N ALA A 100 -3.79 -10.39 4.78
CA ALA A 100 -2.54 -10.88 5.36
C ALA A 100 -1.45 -9.82 5.22
N LEU A 101 -1.59 -8.97 4.22
CA LEU A 101 -0.67 -7.88 4.01
C LEU A 101 -1.04 -6.70 4.90
N GLU A 102 -2.31 -6.59 5.28
CA GLU A 102 -2.73 -5.58 6.24
C GLU A 102 -2.08 -5.84 7.57
N LYS A 103 -2.32 -7.03 8.11
CA LYS A 103 -1.76 -7.38 9.40
C LYS A 103 -0.24 -7.33 9.36
N LEU A 104 0.33 -7.46 8.17
CA LEU A 104 1.77 -7.37 7.98
C LEU A 104 2.22 -5.92 7.86
N PHE A 105 1.58 -5.16 6.97
CA PHE A 105 1.86 -3.74 6.84
C PHE A 105 1.60 -3.06 8.17
N LEU A 106 0.43 -3.28 8.70
CA LEU A 106 0.00 -2.69 9.96
C LEU A 106 0.82 -3.25 11.12
N GLN A 107 1.43 -4.42 10.92
CA GLN A 107 2.42 -4.95 11.85
C GLN A 107 3.53 -3.94 12.03
N LYS A 108 4.03 -3.48 10.91
CA LYS A 108 5.13 -2.58 10.86
C LYS A 108 4.76 -1.23 11.47
N ILE A 109 3.57 -0.75 11.13
CA ILE A 109 3.11 0.57 11.55
C ILE A 109 2.76 0.55 13.02
N ASN A 110 2.38 -0.63 13.47
CA ASN A 110 2.24 -0.94 14.88
C ASN A 110 3.58 -0.71 15.59
N GLU A 111 4.65 -0.72 14.80
CA GLU A 111 5.99 -0.45 15.30
C GLU A 111 6.60 0.81 14.67
N LEU A 112 5.80 1.55 13.92
CA LEU A 112 6.24 2.74 13.19
C LEU A 112 6.89 3.77 14.12
N PRO A 113 8.16 4.10 13.81
CA PRO A 113 8.98 5.09 14.52
C PRO A 113 8.29 6.43 14.77
N THR A 114 8.87 7.21 15.67
CA THR A 114 8.44 8.56 15.93
C THR A 114 9.50 9.54 15.44
N GLU A 115 9.07 10.69 14.92
CA GLU A 115 9.98 11.68 14.35
C GLU A 115 11.00 12.16 15.38
N GLU A 116 12.25 12.23 14.97
CA GLU A 116 13.32 12.75 15.80
C GLU A 116 13.03 14.18 16.25
N PRO A 1 7.59 29.05 9.25
CA PRO A 1 6.56 28.07 9.63
C PRO A 1 5.97 27.38 8.41
N ASN A 2 5.89 28.12 7.30
CA ASN A 2 5.32 27.58 6.07
C ASN A 2 6.33 26.70 5.36
N LYS A 3 6.53 25.51 5.91
CA LYS A 3 7.44 24.53 5.34
C LYS A 3 6.76 23.18 5.28
N PRO A 4 6.83 22.51 4.12
CA PRO A 4 6.31 21.15 3.97
C PRO A 4 7.11 20.17 4.81
N LYS A 5 6.44 19.52 5.75
CA LYS A 5 7.10 18.59 6.64
C LYS A 5 7.05 17.20 6.07
N ARG A 6 8.20 16.59 5.91
CA ARG A 6 8.30 15.23 5.40
C ARG A 6 8.77 14.32 6.53
N GLN A 7 7.86 13.49 7.04
CA GLN A 7 8.17 12.56 8.13
C GLN A 7 8.99 11.40 7.61
N THR A 8 10.25 11.69 7.35
CA THR A 8 11.10 10.79 6.62
C THR A 8 11.37 9.48 7.36
N ASN A 9 11.44 9.49 8.68
CA ASN A 9 11.81 8.26 9.38
C ASN A 9 10.67 7.23 9.39
N GLN A 10 9.43 7.69 9.58
CA GLN A 10 8.27 6.81 9.43
C GLN A 10 8.13 6.36 8.00
N LEU A 11 8.23 7.33 7.12
CA LEU A 11 8.15 7.11 5.69
C LEU A 11 9.28 6.19 5.23
N GLN A 12 10.47 6.41 5.75
CA GLN A 12 11.55 5.49 5.59
C GLN A 12 11.18 4.12 6.08
N TYR A 13 10.75 4.02 7.32
CA TYR A 13 10.28 2.75 7.87
C TYR A 13 9.26 2.11 6.92
N LEU A 14 8.22 2.85 6.61
CA LEU A 14 7.22 2.46 5.63
C LEU A 14 7.83 2.01 4.29
N LEU A 15 8.98 2.57 3.93
CA LEU A 15 9.69 2.24 2.69
C LEU A 15 10.66 1.06 2.91
N ARG A 16 11.50 1.20 3.92
CA ARG A 16 12.56 0.26 4.23
C ARG A 16 11.98 -1.08 4.65
N VAL A 17 11.28 -1.06 5.78
CA VAL A 17 10.71 -2.26 6.35
C VAL A 17 9.36 -2.58 5.71
N VAL A 18 8.34 -1.74 5.94
CA VAL A 18 6.99 -2.02 5.47
C VAL A 18 6.93 -2.38 3.99
N LEU A 19 7.24 -1.40 3.15
CA LEU A 19 7.22 -1.54 1.69
C LEU A 19 7.90 -2.82 1.28
N LYS A 20 9.14 -3.00 1.70
CA LYS A 20 9.92 -4.16 1.32
C LYS A 20 9.34 -5.44 1.94
N THR A 21 8.87 -5.33 3.18
CA THR A 21 8.31 -6.46 3.89
C THR A 21 7.05 -6.95 3.21
N LEU A 22 6.22 -6.00 2.80
CA LEU A 22 5.04 -6.31 2.02
C LEU A 22 5.47 -6.78 0.66
N TRP A 23 6.29 -5.97 -0.02
CA TRP A 23 6.77 -6.24 -1.37
C TRP A 23 7.16 -7.71 -1.59
N LYS A 24 7.77 -8.27 -0.57
CA LYS A 24 8.41 -9.58 -0.66
C LYS A 24 7.44 -10.67 -0.27
N HIS A 25 6.27 -10.25 0.15
CA HIS A 25 5.28 -11.14 0.72
C HIS A 25 4.76 -12.14 -0.30
N GLN A 26 4.31 -13.27 0.21
CA GLN A 26 3.61 -14.26 -0.58
C GLN A 26 2.42 -13.64 -1.30
N PHE A 27 1.80 -12.69 -0.63
CA PHE A 27 0.57 -12.08 -1.11
C PHE A 27 0.81 -10.75 -1.81
N ALA A 28 2.05 -10.30 -1.83
CA ALA A 28 2.36 -8.99 -2.40
C ALA A 28 2.27 -8.99 -3.92
N TRP A 29 2.14 -10.18 -4.53
CA TRP A 29 2.28 -10.32 -5.99
C TRP A 29 1.38 -9.33 -6.79
N PRO A 30 0.10 -9.09 -6.39
CA PRO A 30 -0.79 -8.22 -7.16
C PRO A 30 -0.65 -6.78 -6.76
N PHE A 31 0.16 -6.58 -5.75
CA PHE A 31 0.36 -5.27 -5.20
C PHE A 31 1.72 -4.75 -5.63
N GLN A 32 2.74 -5.61 -5.66
CA GLN A 32 4.08 -5.21 -6.12
C GLN A 32 3.97 -4.44 -7.43
N GLN A 33 3.17 -4.98 -8.34
CA GLN A 33 2.91 -4.35 -9.61
C GLN A 33 1.43 -4.02 -9.71
N PRO A 34 1.09 -3.00 -10.52
CA PRO A 34 -0.28 -2.56 -10.69
C PRO A 34 -1.03 -3.49 -11.62
N VAL A 35 -2.17 -3.95 -11.13
CA VAL A 35 -3.00 -4.89 -11.87
C VAL A 35 -3.34 -4.37 -13.25
N ASP A 36 -3.11 -5.20 -14.24
CA ASP A 36 -3.68 -4.98 -15.56
C ASP A 36 -5.10 -5.47 -15.52
N ALA A 37 -6.05 -4.55 -15.53
CA ALA A 37 -7.45 -4.89 -15.32
C ALA A 37 -8.01 -5.70 -16.49
N VAL A 38 -7.26 -5.81 -17.58
CA VAL A 38 -7.63 -6.73 -18.64
C VAL A 38 -7.02 -8.09 -18.40
N LYS A 39 -5.89 -8.10 -17.69
CA LYS A 39 -5.11 -9.30 -17.54
C LYS A 39 -5.77 -10.27 -16.58
N LEU A 40 -6.12 -9.77 -15.40
CA LEU A 40 -6.84 -10.56 -14.40
C LEU A 40 -8.32 -10.71 -14.77
N ASN A 41 -8.68 -10.16 -15.93
CA ASN A 41 -10.07 -10.12 -16.41
C ASN A 41 -10.94 -9.34 -15.42
N LEU A 42 -10.67 -8.04 -15.38
CA LEU A 42 -11.34 -7.14 -14.45
C LEU A 42 -12.05 -6.05 -15.24
N PRO A 43 -13.25 -6.36 -15.73
CA PRO A 43 -13.96 -5.52 -16.68
C PRO A 43 -14.34 -4.16 -16.12
N ASP A 44 -14.54 -4.10 -14.81
CA ASP A 44 -15.00 -2.88 -14.17
C ASP A 44 -14.05 -2.44 -13.06
N TYR A 45 -12.80 -2.91 -13.11
CA TYR A 45 -11.84 -2.63 -12.04
C TYR A 45 -11.61 -1.14 -11.92
N TYR A 46 -11.23 -0.51 -13.02
CA TYR A 46 -10.91 0.91 -13.00
C TYR A 46 -12.18 1.76 -12.98
N LYS A 47 -13.32 1.08 -12.88
CA LYS A 47 -14.60 1.72 -12.65
C LYS A 47 -14.95 1.69 -11.17
N ILE A 48 -15.04 0.47 -10.66
CA ILE A 48 -15.38 0.18 -9.26
C ILE A 48 -14.33 0.73 -8.32
N ILE A 49 -13.09 0.44 -8.63
CA ILE A 49 -12.00 0.77 -7.75
C ILE A 49 -11.78 2.27 -7.72
N LYS A 50 -11.84 2.76 -6.49
CA LYS A 50 -11.61 4.16 -6.18
C LYS A 50 -10.32 4.66 -6.80
N THR A 51 -9.25 3.95 -6.51
CA THR A 51 -7.93 4.33 -6.96
C THR A 51 -7.01 3.12 -6.90
N PRO A 52 -7.02 2.30 -7.96
CA PRO A 52 -6.21 1.09 -8.01
C PRO A 52 -4.77 1.41 -7.61
N MET A 53 -4.33 0.79 -6.54
CA MET A 53 -3.07 1.14 -5.92
C MET A 53 -2.22 -0.10 -5.71
N ASP A 54 -0.93 0.06 -5.94
CA ASP A 54 0.01 -1.03 -5.85
C ASP A 54 1.24 -0.61 -5.03
N MET A 55 1.86 -1.60 -4.36
CA MET A 55 3.14 -1.45 -3.68
C MET A 55 4.15 -0.74 -4.56
N GLY A 56 4.06 -0.96 -5.87
CA GLY A 56 4.94 -0.29 -6.81
C GLY A 56 4.73 1.22 -6.80
N THR A 57 3.51 1.63 -7.00
CA THR A 57 3.15 3.05 -6.92
C THR A 57 3.42 3.59 -5.52
N ILE A 58 3.18 2.79 -4.51
CA ILE A 58 3.44 3.17 -3.16
C ILE A 58 4.94 3.31 -2.88
N LYS A 59 5.77 2.41 -3.43
CA LYS A 59 7.20 2.53 -3.24
C LYS A 59 7.69 3.78 -3.98
N LYS A 60 6.94 4.16 -5.04
CA LYS A 60 7.24 5.36 -5.82
C LYS A 60 7.17 6.60 -4.94
N ARG A 61 5.96 6.88 -4.44
CA ARG A 61 5.70 8.12 -3.71
C ARG A 61 6.54 8.18 -2.44
N LEU A 62 6.92 7.02 -1.93
CA LEU A 62 7.81 6.95 -0.79
C LEU A 62 9.19 7.48 -1.13
N GLU A 63 9.90 6.76 -1.98
CA GLU A 63 11.30 7.09 -2.24
C GLU A 63 11.44 8.35 -3.09
N ASN A 64 10.32 8.85 -3.62
CA ASN A 64 10.29 10.11 -4.36
C ASN A 64 9.92 11.26 -3.43
N ASN A 65 9.81 10.94 -2.13
CA ASN A 65 9.38 11.87 -1.07
C ASN A 65 8.11 12.62 -1.43
N TYR A 66 7.27 12.01 -2.25
CA TYR A 66 5.97 12.56 -2.56
C TYR A 66 5.12 12.53 -1.30
N TYR A 67 5.24 11.44 -0.56
CA TYR A 67 4.67 11.36 0.77
C TYR A 67 5.32 12.38 1.69
N TRP A 68 4.51 13.23 2.30
CA TRP A 68 5.03 14.15 3.28
C TRP A 68 4.91 13.53 4.66
N ASN A 69 4.08 12.52 4.76
CA ASN A 69 3.91 11.80 6.02
C ASN A 69 3.57 10.34 5.76
N ALA A 70 4.02 9.50 6.69
CA ALA A 70 3.88 8.06 6.59
C ALA A 70 2.41 7.66 6.45
N GLN A 71 1.54 8.38 7.11
CA GLN A 71 0.11 8.10 7.07
C GLN A 71 -0.42 8.08 5.63
N GLU A 72 0.18 8.87 4.73
CA GLU A 72 -0.21 8.83 3.32
C GLU A 72 0.20 7.50 2.70
N CYS A 73 1.37 7.03 3.07
CA CYS A 73 1.87 5.76 2.61
C CYS A 73 0.95 4.66 3.10
N ILE A 74 0.60 4.78 4.36
CA ILE A 74 -0.28 3.87 5.03
C ILE A 74 -1.64 3.87 4.36
N GLN A 75 -2.17 5.06 4.19
CA GLN A 75 -3.41 5.26 3.46
C GLN A 75 -3.35 4.61 2.08
N ASP A 76 -2.19 4.62 1.47
CA ASP A 76 -2.01 4.04 0.13
C ASP A 76 -1.94 2.54 0.25
N PHE A 77 -1.33 2.08 1.32
CA PHE A 77 -1.32 0.67 1.65
C PHE A 77 -2.75 0.23 1.98
N ASN A 78 -3.43 1.06 2.75
CA ASN A 78 -4.82 0.84 3.10
C ASN A 78 -5.64 0.83 1.83
N THR A 79 -5.41 1.85 1.00
CA THR A 79 -6.01 1.95 -0.32
C THR A 79 -5.78 0.67 -1.12
N MET A 80 -4.54 0.23 -1.15
CA MET A 80 -4.13 -0.96 -1.88
C MET A 80 -5.00 -2.15 -1.49
N PHE A 81 -5.05 -2.41 -0.20
CA PHE A 81 -5.84 -3.50 0.35
C PHE A 81 -7.34 -3.24 0.15
N THR A 82 -7.74 -1.99 0.28
CA THR A 82 -9.16 -1.63 0.21
C THR A 82 -9.69 -1.68 -1.21
N ASN A 83 -8.91 -1.31 -2.23
CA ASN A 83 -9.34 -1.56 -3.61
C ASN A 83 -9.62 -3.04 -3.77
N CYS A 84 -8.72 -3.84 -3.21
CA CYS A 84 -8.87 -5.29 -3.22
C CYS A 84 -10.15 -5.70 -2.49
N TYR A 85 -10.60 -4.88 -1.54
CA TYR A 85 -11.83 -5.13 -0.79
C TYR A 85 -13.03 -4.52 -1.54
N ILE A 86 -12.73 -3.46 -2.27
CA ILE A 86 -13.69 -2.72 -3.06
C ILE A 86 -14.20 -3.57 -4.22
N TYR A 87 -13.26 -4.09 -4.98
CA TYR A 87 -13.58 -4.94 -6.11
C TYR A 87 -13.95 -6.33 -5.64
N ASN A 88 -13.07 -6.92 -4.86
CA ASN A 88 -13.22 -8.29 -4.41
C ASN A 88 -13.85 -8.33 -3.03
N LYS A 89 -15.03 -8.92 -2.98
CA LYS A 89 -15.79 -9.02 -1.74
C LYS A 89 -14.97 -9.68 -0.65
N PRO A 90 -15.07 -9.15 0.57
CA PRO A 90 -14.30 -9.61 1.73
C PRO A 90 -14.36 -11.12 1.89
N GLY A 91 -13.24 -11.76 1.63
CA GLY A 91 -13.21 -13.20 1.58
C GLY A 91 -12.71 -13.71 0.24
N ASP A 92 -12.37 -12.78 -0.66
CA ASP A 92 -11.76 -13.17 -1.93
C ASP A 92 -10.29 -13.36 -1.68
N ASP A 93 -9.67 -14.27 -2.42
CA ASP A 93 -8.26 -14.55 -2.22
C ASP A 93 -7.45 -13.27 -2.14
N ILE A 94 -7.62 -12.38 -3.10
CA ILE A 94 -6.87 -11.12 -3.11
C ILE A 94 -7.13 -10.29 -1.87
N VAL A 95 -8.38 -10.21 -1.41
CA VAL A 95 -8.64 -9.51 -0.15
C VAL A 95 -7.99 -10.28 0.98
N LEU A 96 -8.14 -11.59 0.95
CA LEU A 96 -7.53 -12.46 1.95
C LEU A 96 -6.03 -12.27 1.99
N MET A 97 -5.45 -12.06 0.84
CA MET A 97 -4.02 -11.78 0.71
C MET A 97 -3.71 -10.39 1.21
N ALA A 98 -4.53 -9.43 0.81
CA ALA A 98 -4.44 -8.07 1.29
C ALA A 98 -4.63 -8.04 2.79
N GLU A 99 -5.52 -8.90 3.28
CA GLU A 99 -5.80 -9.00 4.69
C GLU A 99 -4.59 -9.54 5.46
N ALA A 100 -3.78 -10.41 4.83
CA ALA A 100 -2.56 -10.89 5.45
C ALA A 100 -1.45 -9.86 5.31
N LEU A 101 -1.56 -9.04 4.28
CA LEU A 101 -0.64 -7.92 4.09
C LEU A 101 -1.02 -6.74 4.96
N GLU A 102 -2.29 -6.63 5.32
CA GLU A 102 -2.72 -5.61 6.25
C GLU A 102 -2.10 -5.87 7.60
N LYS A 103 -2.31 -7.07 8.12
CA LYS A 103 -1.75 -7.43 9.41
C LYS A 103 -0.23 -7.36 9.39
N LEU A 104 0.35 -7.46 8.19
CA LEU A 104 1.79 -7.36 8.02
C LEU A 104 2.24 -5.91 7.86
N PHE A 105 1.57 -5.17 7.00
CA PHE A 105 1.83 -3.75 6.86
C PHE A 105 1.58 -3.05 8.18
N LEU A 106 0.39 -3.28 8.72
CA LEU A 106 -0.02 -2.68 9.97
C LEU A 106 0.82 -3.20 11.12
N GLN A 107 1.41 -4.39 10.93
CA GLN A 107 2.41 -4.93 11.85
C GLN A 107 3.51 -3.90 12.03
N LYS A 108 4.03 -3.49 10.90
CA LYS A 108 5.14 -2.57 10.86
C LYS A 108 4.76 -1.23 11.48
N ILE A 109 3.57 -0.75 11.13
CA ILE A 109 3.11 0.57 11.55
C ILE A 109 2.75 0.56 13.02
N ASN A 110 2.40 -0.64 13.47
CA ASN A 110 2.24 -0.93 14.88
C ASN A 110 3.55 -0.68 15.60
N GLU A 111 4.64 -0.70 14.83
CA GLU A 111 5.97 -0.44 15.35
C GLU A 111 6.59 0.81 14.71
N LEU A 112 5.79 1.52 13.92
CA LEU A 112 6.24 2.71 13.19
C LEU A 112 6.81 3.78 14.12
N PRO A 113 8.06 4.16 13.83
CA PRO A 113 8.81 5.21 14.52
C PRO A 113 8.04 6.54 14.67
N THR A 114 8.61 7.45 15.43
CA THR A 114 8.10 8.80 15.55
C THR A 114 9.20 9.79 15.19
N GLU A 115 8.86 10.90 14.54
CA GLU A 115 9.86 11.88 14.13
C GLU A 115 10.66 12.39 15.31
N GLU A 116 11.94 12.07 15.29
CA GLU A 116 12.86 12.53 16.32
C GLU A 116 13.30 13.96 16.01
N PRO A 1 6.84 19.56 11.54
CA PRO A 1 6.00 19.74 12.73
C PRO A 1 5.31 21.10 12.70
N ASN A 2 6.06 22.14 13.04
CA ASN A 2 5.56 23.51 12.93
C ASN A 2 5.69 23.96 11.49
N LYS A 3 6.87 23.75 10.93
CA LYS A 3 7.12 24.00 9.52
C LYS A 3 6.80 22.76 8.71
N PRO A 4 6.28 22.94 7.49
CA PRO A 4 5.96 21.81 6.60
C PRO A 4 7.19 20.96 6.32
N LYS A 5 7.11 19.70 6.71
CA LYS A 5 8.26 18.81 6.63
C LYS A 5 7.84 17.43 6.15
N ARG A 6 8.69 16.83 5.32
CA ARG A 6 8.49 15.47 4.88
C ARG A 6 9.00 14.52 5.98
N GLN A 7 8.06 13.94 6.73
CA GLN A 7 8.39 13.06 7.86
C GLN A 7 8.98 11.76 7.35
N THR A 8 10.29 11.79 7.17
CA THR A 8 10.98 10.78 6.39
C THR A 8 11.32 9.55 7.19
N ASN A 9 11.29 9.60 8.51
CA ASN A 9 11.72 8.45 9.30
C ASN A 9 10.63 7.36 9.36
N GLN A 10 9.37 7.76 9.51
CA GLN A 10 8.25 6.83 9.39
C GLN A 10 8.12 6.37 7.96
N LEU A 11 8.18 7.33 7.05
CA LEU A 11 8.14 7.07 5.62
C LEU A 11 9.32 6.20 5.20
N GLN A 12 10.47 6.44 5.83
CA GLN A 12 11.61 5.55 5.72
C GLN A 12 11.18 4.15 6.07
N TYR A 13 10.78 3.96 7.32
CA TYR A 13 10.29 2.69 7.82
C TYR A 13 9.26 2.08 6.87
N LEU A 14 8.23 2.84 6.58
CA LEU A 14 7.21 2.46 5.62
C LEU A 14 7.80 1.99 4.27
N LEU A 15 8.94 2.54 3.88
CA LEU A 15 9.63 2.15 2.65
C LEU A 15 10.60 0.98 2.92
N ARG A 16 11.45 1.17 3.91
CA ARG A 16 12.51 0.24 4.27
C ARG A 16 11.93 -1.11 4.65
N VAL A 17 11.20 -1.10 5.75
CA VAL A 17 10.64 -2.32 6.30
C VAL A 17 9.28 -2.62 5.69
N VAL A 18 8.28 -1.78 5.95
CA VAL A 18 6.91 -2.04 5.48
C VAL A 18 6.87 -2.40 4.00
N LEU A 19 7.19 -1.43 3.17
CA LEU A 19 7.16 -1.58 1.71
C LEU A 19 7.85 -2.88 1.31
N LYS A 20 9.09 -3.04 1.72
CA LYS A 20 9.87 -4.21 1.33
C LYS A 20 9.35 -5.48 2.00
N THR A 21 8.84 -5.36 3.22
CA THR A 21 8.30 -6.49 3.94
C THR A 21 7.04 -6.99 3.24
N LEU A 22 6.19 -6.06 2.87
CA LEU A 22 5.03 -6.34 2.08
C LEU A 22 5.45 -6.85 0.72
N TRP A 23 6.26 -6.05 0.04
CA TRP A 23 6.75 -6.33 -1.31
C TRP A 23 7.14 -7.80 -1.51
N LYS A 24 7.76 -8.35 -0.49
CA LYS A 24 8.42 -9.65 -0.59
C LYS A 24 7.51 -10.75 -0.09
N HIS A 25 6.28 -10.39 0.16
CA HIS A 25 5.30 -11.28 0.75
C HIS A 25 4.77 -12.27 -0.26
N GLN A 26 4.32 -13.42 0.24
CA GLN A 26 3.60 -14.41 -0.57
C GLN A 26 2.41 -13.75 -1.28
N PHE A 27 1.83 -12.77 -0.61
CA PHE A 27 0.61 -12.15 -1.06
C PHE A 27 0.85 -10.83 -1.79
N ALA A 28 2.09 -10.37 -1.81
CA ALA A 28 2.40 -9.06 -2.38
C ALA A 28 2.32 -9.06 -3.90
N TRP A 29 2.21 -10.23 -4.53
CA TRP A 29 2.37 -10.36 -5.98
C TRP A 29 1.47 -9.38 -6.80
N PRO A 30 0.19 -9.14 -6.41
CA PRO A 30 -0.69 -8.26 -7.17
C PRO A 30 -0.55 -6.82 -6.76
N PHE A 31 0.28 -6.60 -5.77
CA PHE A 31 0.51 -5.28 -5.25
C PHE A 31 1.89 -4.80 -5.68
N GLN A 32 2.87 -5.71 -5.68
CA GLN A 32 4.22 -5.39 -6.17
C GLN A 32 4.12 -4.74 -7.55
N GLN A 33 3.21 -5.27 -8.35
CA GLN A 33 2.96 -4.77 -9.69
C GLN A 33 1.49 -4.44 -9.83
N PRO A 34 1.17 -3.40 -10.61
CA PRO A 34 -0.18 -2.90 -10.75
C PRO A 34 -1.01 -3.80 -11.63
N VAL A 35 -2.19 -4.15 -11.13
CA VAL A 35 -3.08 -5.07 -11.78
C VAL A 35 -3.41 -4.63 -13.20
N ASP A 36 -3.26 -5.55 -14.12
CA ASP A 36 -3.81 -5.39 -15.45
C ASP A 36 -5.27 -5.77 -15.38
N ALA A 37 -6.14 -4.77 -15.39
CA ALA A 37 -7.55 -5.00 -15.17
C ALA A 37 -8.18 -5.83 -16.29
N VAL A 38 -7.48 -6.01 -17.40
CA VAL A 38 -7.94 -6.95 -18.43
C VAL A 38 -7.41 -8.34 -18.15
N LYS A 39 -6.26 -8.41 -17.49
CA LYS A 39 -5.57 -9.66 -17.26
C LYS A 39 -6.34 -10.50 -16.26
N LEU A 40 -6.65 -9.90 -15.11
CA LEU A 40 -7.37 -10.58 -14.05
C LEU A 40 -8.87 -10.60 -14.34
N ASN A 41 -9.22 -10.20 -15.57
CA ASN A 41 -10.58 -10.09 -16.04
C ASN A 41 -11.41 -9.21 -15.12
N LEU A 42 -11.04 -7.94 -15.10
CA LEU A 42 -11.65 -6.95 -14.24
C LEU A 42 -12.29 -5.85 -15.09
N PRO A 43 -13.48 -6.13 -15.61
CA PRO A 43 -14.13 -5.27 -16.61
C PRO A 43 -14.55 -3.93 -16.03
N ASP A 44 -14.73 -3.89 -14.71
CA ASP A 44 -15.18 -2.67 -14.04
C ASP A 44 -14.19 -2.25 -12.97
N TYR A 45 -12.94 -2.73 -13.06
CA TYR A 45 -11.97 -2.47 -11.99
C TYR A 45 -11.75 -0.98 -11.84
N TYR A 46 -11.31 -0.34 -12.91
CA TYR A 46 -11.01 1.08 -12.87
C TYR A 46 -12.29 1.91 -12.85
N LYS A 47 -13.43 1.21 -12.79
CA LYS A 47 -14.74 1.82 -12.62
C LYS A 47 -15.14 1.81 -11.14
N ILE A 48 -15.11 0.62 -10.59
CA ILE A 48 -15.46 0.35 -9.21
C ILE A 48 -14.42 0.88 -8.25
N ILE A 49 -13.18 0.58 -8.57
CA ILE A 49 -12.07 0.88 -7.71
C ILE A 49 -11.83 2.38 -7.63
N LYS A 50 -11.95 2.86 -6.39
CA LYS A 50 -11.67 4.24 -6.05
C LYS A 50 -10.34 4.69 -6.63
N THR A 51 -9.33 3.91 -6.35
CA THR A 51 -7.99 4.17 -6.83
C THR A 51 -7.19 2.88 -6.77
N PRO A 52 -7.04 2.20 -7.91
CA PRO A 52 -6.23 1.01 -7.99
C PRO A 52 -4.81 1.35 -7.55
N MET A 53 -4.37 0.72 -6.49
CA MET A 53 -3.11 1.06 -5.88
C MET A 53 -2.28 -0.19 -5.67
N ASP A 54 -1.00 -0.07 -5.94
CA ASP A 54 -0.07 -1.18 -5.81
C ASP A 54 1.17 -0.75 -5.03
N MET A 55 1.80 -1.73 -4.37
CA MET A 55 3.09 -1.56 -3.69
C MET A 55 4.09 -0.83 -4.58
N GLY A 56 3.98 -1.02 -5.89
CA GLY A 56 4.85 -0.33 -6.82
C GLY A 56 4.59 1.16 -6.85
N THR A 57 3.34 1.54 -7.03
CA THR A 57 2.94 2.93 -6.96
C THR A 57 3.29 3.51 -5.59
N ILE A 58 3.07 2.72 -4.55
CA ILE A 58 3.38 3.13 -3.20
C ILE A 58 4.89 3.25 -2.96
N LYS A 59 5.69 2.31 -3.47
CA LYS A 59 7.12 2.37 -3.27
C LYS A 59 7.66 3.58 -4.01
N LYS A 60 6.96 3.94 -5.10
CA LYS A 60 7.25 5.14 -5.87
C LYS A 60 7.26 6.36 -4.96
N ARG A 61 6.09 6.62 -4.38
CA ARG A 61 5.87 7.86 -3.63
C ARG A 61 6.68 7.88 -2.34
N LEU A 62 7.11 6.71 -1.89
CA LEU A 62 7.99 6.62 -0.73
C LEU A 62 9.42 7.01 -1.09
N GLU A 63 10.00 6.27 -2.02
CA GLU A 63 11.39 6.48 -2.40
C GLU A 63 11.57 7.81 -3.13
N ASN A 64 10.56 8.23 -3.88
CA ASN A 64 10.59 9.52 -4.57
C ASN A 64 10.13 10.63 -3.64
N ASN A 65 10.01 10.29 -2.34
CA ASN A 65 9.60 11.22 -1.27
C ASN A 65 8.44 12.12 -1.65
N TYR A 66 7.47 11.55 -2.35
CA TYR A 66 6.24 12.26 -2.68
C TYR A 66 5.36 12.36 -1.44
N TYR A 67 5.29 11.27 -0.69
CA TYR A 67 4.59 11.24 0.60
C TYR A 67 5.16 12.30 1.52
N TRP A 68 4.31 13.14 2.08
CA TRP A 68 4.76 14.10 3.07
C TRP A 68 4.85 13.45 4.44
N ASN A 69 3.93 12.52 4.71
CA ASN A 69 3.95 11.79 5.97
C ASN A 69 3.62 10.33 5.76
N ALA A 70 4.00 9.51 6.73
CA ALA A 70 3.86 8.06 6.64
C ALA A 70 2.39 7.66 6.54
N GLN A 71 1.55 8.33 7.31
CA GLN A 71 0.12 8.02 7.35
C GLN A 71 -0.51 8.03 5.96
N GLU A 72 0.05 8.82 5.05
CA GLU A 72 -0.38 8.85 3.66
C GLU A 72 0.05 7.58 2.94
N CYS A 73 1.28 7.16 3.20
CA CYS A 73 1.78 5.90 2.68
C CYS A 73 0.88 4.77 3.16
N ILE A 74 0.58 4.84 4.43
CA ILE A 74 -0.30 3.92 5.10
C ILE A 74 -1.66 3.94 4.45
N GLN A 75 -2.19 5.13 4.31
CA GLN A 75 -3.43 5.39 3.60
C GLN A 75 -3.40 4.80 2.19
N ASP A 76 -2.23 4.78 1.57
CA ASP A 76 -2.06 4.18 0.23
C ASP A 76 -2.02 2.68 0.34
N PHE A 77 -1.35 2.19 1.36
CA PHE A 77 -1.36 0.78 1.68
C PHE A 77 -2.78 0.35 1.99
N ASN A 78 -3.45 1.18 2.79
CA ASN A 78 -4.85 1.03 3.10
C ASN A 78 -5.65 1.00 1.80
N THR A 79 -5.42 2.01 0.96
CA THR A 79 -6.00 2.08 -0.37
C THR A 79 -5.74 0.82 -1.18
N MET A 80 -4.52 0.33 -1.10
CA MET A 80 -4.11 -0.87 -1.83
C MET A 80 -4.95 -2.07 -1.41
N PHE A 81 -5.00 -2.32 -0.12
CA PHE A 81 -5.79 -3.41 0.43
C PHE A 81 -7.27 -3.14 0.20
N THR A 82 -7.68 -1.88 0.27
CA THR A 82 -9.08 -1.53 0.13
C THR A 82 -9.57 -1.60 -1.31
N ASN A 83 -8.78 -1.25 -2.32
CA ASN A 83 -9.21 -1.51 -3.71
C ASN A 83 -9.42 -3.01 -3.88
N CYS A 84 -8.60 -3.78 -3.21
CA CYS A 84 -8.76 -5.22 -3.21
C CYS A 84 -10.04 -5.63 -2.48
N TYR A 85 -10.49 -4.80 -1.54
CA TYR A 85 -11.71 -5.06 -0.79
C TYR A 85 -12.92 -4.46 -1.51
N ILE A 86 -12.64 -3.40 -2.26
CA ILE A 86 -13.64 -2.68 -3.04
C ILE A 86 -14.15 -3.53 -4.18
N TYR A 87 -13.23 -4.04 -4.96
CA TYR A 87 -13.56 -4.88 -6.09
C TYR A 87 -13.87 -6.29 -5.64
N ASN A 88 -12.95 -6.87 -4.88
CA ASN A 88 -13.09 -8.24 -4.43
C ASN A 88 -13.75 -8.29 -3.08
N LYS A 89 -14.90 -8.92 -3.02
CA LYS A 89 -15.68 -9.01 -1.80
C LYS A 89 -14.87 -9.66 -0.70
N PRO A 90 -14.95 -9.07 0.50
CA PRO A 90 -14.17 -9.51 1.66
C PRO A 90 -14.26 -11.02 1.87
N GLY A 91 -13.15 -11.68 1.63
CA GLY A 91 -13.15 -13.12 1.60
C GLY A 91 -12.65 -13.65 0.27
N ASP A 92 -12.31 -12.75 -0.65
CA ASP A 92 -11.72 -13.15 -1.91
C ASP A 92 -10.24 -13.31 -1.71
N ASP A 93 -9.63 -14.25 -2.42
CA ASP A 93 -8.21 -14.55 -2.20
C ASP A 93 -7.39 -13.28 -2.14
N ILE A 94 -7.52 -12.42 -3.13
CA ILE A 94 -6.77 -11.16 -3.16
C ILE A 94 -7.03 -10.30 -1.92
N VAL A 95 -8.28 -10.22 -1.46
CA VAL A 95 -8.55 -9.49 -0.21
C VAL A 95 -7.90 -10.23 0.92
N LEU A 96 -8.05 -11.54 0.92
CA LEU A 96 -7.45 -12.41 1.93
C LEU A 96 -5.94 -12.24 1.97
N MET A 97 -5.36 -12.02 0.81
CA MET A 97 -3.95 -11.77 0.68
C MET A 97 -3.63 -10.37 1.16
N ALA A 98 -4.45 -9.42 0.74
CA ALA A 98 -4.37 -8.05 1.21
C ALA A 98 -4.57 -7.99 2.71
N GLU A 99 -5.42 -8.88 3.22
CA GLU A 99 -5.70 -8.96 4.63
C GLU A 99 -4.49 -9.48 5.41
N ALA A 100 -3.76 -10.45 4.84
CA ALA A 100 -2.54 -10.94 5.47
C ALA A 100 -1.42 -9.90 5.33
N LEU A 101 -1.51 -9.09 4.27
CA LEU A 101 -0.60 -7.99 4.06
C LEU A 101 -0.98 -6.80 4.92
N GLU A 102 -2.25 -6.67 5.25
CA GLU A 102 -2.70 -5.60 6.13
C GLU A 102 -2.11 -5.80 7.50
N LYS A 103 -2.33 -6.97 8.08
CA LYS A 103 -1.78 -7.27 9.39
C LYS A 103 -0.27 -7.26 9.36
N LEU A 104 0.30 -7.42 8.17
CA LEU A 104 1.75 -7.36 8.00
C LEU A 104 2.23 -5.92 7.85
N PHE A 105 1.55 -5.16 7.01
CA PHE A 105 1.82 -3.74 6.88
C PHE A 105 1.57 -3.06 8.21
N LEU A 106 0.39 -3.29 8.75
CA LEU A 106 -0.02 -2.72 10.02
C LEU A 106 0.82 -3.27 11.17
N GLN A 107 1.44 -4.43 10.95
CA GLN A 107 2.45 -4.97 11.86
C GLN A 107 3.54 -3.92 12.03
N LYS A 108 4.06 -3.51 10.90
CA LYS A 108 5.17 -2.60 10.86
C LYS A 108 4.80 -1.26 11.46
N ILE A 109 3.62 -0.77 11.12
CA ILE A 109 3.16 0.55 11.54
C ILE A 109 2.82 0.52 13.01
N ASN A 110 2.46 -0.66 13.46
CA ASN A 110 2.26 -0.94 14.87
C ASN A 110 3.58 -0.71 15.60
N GLU A 111 4.66 -0.71 14.83
CA GLU A 111 6.00 -0.43 15.35
C GLU A 111 6.63 0.77 14.64
N LEU A 112 5.80 1.54 13.94
CA LEU A 112 6.26 2.70 13.19
C LEU A 112 6.90 3.76 14.10
N PRO A 113 8.18 4.04 13.81
CA PRO A 113 9.02 5.01 14.52
C PRO A 113 8.34 6.35 14.78
N THR A 114 8.85 7.06 15.78
CA THR A 114 8.41 8.42 16.06
C THR A 114 9.50 9.40 15.67
N GLU A 115 9.09 10.55 15.11
CA GLU A 115 10.04 11.57 14.67
C GLU A 115 11.05 11.91 15.74
N GLU A 116 12.31 12.05 15.35
CA GLU A 116 13.38 12.43 16.25
C GLU A 116 13.04 13.72 16.99
N PRO A 1 4.37 29.39 13.07
CA PRO A 1 5.80 29.54 12.71
C PRO A 1 6.51 28.18 12.77
N ASN A 2 6.00 27.21 12.03
CA ASN A 2 6.58 25.88 12.04
C ASN A 2 6.94 25.48 10.61
N LYS A 3 7.92 24.60 10.49
CA LYS A 3 8.39 24.15 9.19
C LYS A 3 7.58 22.96 8.72
N PRO A 4 7.03 23.04 7.51
CA PRO A 4 6.37 21.90 6.89
C PRO A 4 7.38 20.78 6.64
N LYS A 5 7.18 19.65 7.27
CA LYS A 5 8.14 18.58 7.22
C LYS A 5 7.58 17.37 6.49
N ARG A 6 8.43 16.73 5.72
CA ARG A 6 8.15 15.43 5.18
C ARG A 6 8.58 14.41 6.21
N GLN A 7 7.62 13.80 6.90
CA GLN A 7 7.91 12.86 8.00
C GLN A 7 8.61 11.63 7.47
N THR A 8 9.91 11.77 7.29
CA THR A 8 10.67 10.86 6.48
C THR A 8 11.06 9.59 7.20
N ASN A 9 11.21 9.62 8.52
CA ASN A 9 11.68 8.41 9.21
C ASN A 9 10.56 7.34 9.28
N GLN A 10 9.33 7.78 9.49
CA GLN A 10 8.18 6.87 9.44
C GLN A 10 7.97 6.39 8.01
N LEU A 11 8.08 7.34 7.08
CA LEU A 11 7.98 7.06 5.66
C LEU A 11 9.16 6.19 5.20
N GLN A 12 10.32 6.48 5.77
CA GLN A 12 11.48 5.62 5.63
C GLN A 12 11.10 4.22 6.04
N TYR A 13 10.66 4.08 7.28
CA TYR A 13 10.20 2.80 7.80
C TYR A 13 9.18 2.17 6.85
N LEU A 14 8.13 2.90 6.55
CA LEU A 14 7.13 2.47 5.58
C LEU A 14 7.76 2.02 4.24
N LEU A 15 8.88 2.62 3.87
CA LEU A 15 9.60 2.30 2.63
C LEU A 15 10.59 1.14 2.84
N ARG A 16 11.44 1.30 3.84
CA ARG A 16 12.52 0.35 4.11
C ARG A 16 11.96 -1.00 4.55
N VAL A 17 11.28 -0.99 5.68
CA VAL A 17 10.74 -2.21 6.26
C VAL A 17 9.40 -2.56 5.64
N VAL A 18 8.37 -1.76 5.87
CA VAL A 18 7.01 -2.06 5.41
C VAL A 18 6.96 -2.43 3.93
N LEU A 19 7.31 -1.48 3.08
CA LEU A 19 7.28 -1.64 1.64
C LEU A 19 7.95 -2.94 1.22
N LYS A 20 9.19 -3.13 1.68
CA LYS A 20 9.95 -4.32 1.33
C LYS A 20 9.34 -5.56 1.96
N THR A 21 8.87 -5.41 3.20
CA THR A 21 8.31 -6.52 3.95
C THR A 21 7.04 -7.02 3.27
N LEU A 22 6.21 -6.07 2.87
CA LEU A 22 5.04 -6.38 2.09
C LEU A 22 5.45 -6.91 0.74
N TRP A 23 6.27 -6.13 0.04
CA TRP A 23 6.72 -6.44 -1.32
C TRP A 23 7.06 -7.92 -1.50
N LYS A 24 7.67 -8.48 -0.48
CA LYS A 24 8.29 -9.80 -0.55
C LYS A 24 7.34 -10.87 -0.06
N HIS A 25 6.12 -10.46 0.23
CA HIS A 25 5.14 -11.33 0.84
C HIS A 25 4.60 -12.33 -0.17
N GLN A 26 4.13 -13.45 0.36
CA GLN A 26 3.41 -14.46 -0.41
C GLN A 26 2.21 -13.83 -1.12
N PHE A 27 1.67 -12.80 -0.50
CA PHE A 27 0.45 -12.16 -0.94
C PHE A 27 0.71 -10.87 -1.69
N ALA A 28 1.96 -10.42 -1.71
CA ALA A 28 2.29 -9.12 -2.30
C ALA A 28 2.23 -9.14 -3.83
N TRP A 29 2.09 -10.33 -4.43
CA TRP A 29 2.28 -10.48 -5.88
C TRP A 29 1.39 -9.51 -6.71
N PRO A 30 0.11 -9.24 -6.33
CA PRO A 30 -0.76 -8.37 -7.13
C PRO A 30 -0.63 -6.92 -6.71
N PHE A 31 0.21 -6.69 -5.73
CA PHE A 31 0.42 -5.37 -5.20
C PHE A 31 1.79 -4.87 -5.62
N GLN A 32 2.78 -5.75 -5.63
CA GLN A 32 4.13 -5.40 -6.10
C GLN A 32 4.02 -4.68 -7.44
N GLN A 33 3.21 -5.25 -8.32
CA GLN A 33 2.94 -4.67 -9.62
C GLN A 33 1.47 -4.27 -9.69
N PRO A 34 1.14 -3.26 -10.48
CA PRO A 34 -0.22 -2.76 -10.61
C PRO A 34 -1.04 -3.63 -11.53
N VAL A 35 -2.19 -4.02 -11.03
CA VAL A 35 -3.10 -4.86 -11.79
C VAL A 35 -3.45 -4.21 -13.12
N ASP A 36 -3.15 -4.91 -14.19
CA ASP A 36 -3.74 -4.62 -15.46
C ASP A 36 -5.14 -5.15 -15.41
N ALA A 37 -6.11 -4.26 -15.35
CA ALA A 37 -7.50 -4.67 -15.17
C ALA A 37 -7.99 -5.46 -16.39
N VAL A 38 -7.28 -5.33 -17.50
CA VAL A 38 -7.57 -6.14 -18.68
C VAL A 38 -6.99 -7.53 -18.51
N LYS A 39 -5.94 -7.62 -17.71
CA LYS A 39 -5.17 -8.84 -17.63
C LYS A 39 -5.86 -9.86 -16.74
N LEU A 40 -6.29 -9.41 -15.56
CA LEU A 40 -7.03 -10.26 -14.64
C LEU A 40 -8.51 -10.34 -15.04
N ASN A 41 -8.83 -9.69 -16.16
CA ASN A 41 -10.19 -9.63 -16.68
C ASN A 41 -11.12 -8.94 -15.68
N LEU A 42 -10.89 -7.65 -15.51
CA LEU A 42 -11.57 -6.84 -14.54
C LEU A 42 -12.32 -5.72 -15.24
N PRO A 43 -13.53 -6.02 -15.73
CA PRO A 43 -14.32 -5.10 -16.57
C PRO A 43 -14.67 -3.78 -15.88
N ASP A 44 -14.76 -3.81 -14.56
CA ASP A 44 -15.18 -2.63 -13.82
C ASP A 44 -14.13 -2.26 -12.77
N TYR A 45 -12.88 -2.64 -12.97
CA TYR A 45 -11.87 -2.40 -11.94
C TYR A 45 -11.60 -0.93 -11.82
N TYR A 46 -11.25 -0.30 -12.91
CA TYR A 46 -10.97 1.13 -12.91
C TYR A 46 -12.28 1.92 -12.90
N LYS A 47 -13.37 1.17 -12.76
CA LYS A 47 -14.70 1.71 -12.59
C LYS A 47 -15.04 1.77 -11.09
N ILE A 48 -15.04 0.58 -10.50
CA ILE A 48 -15.36 0.35 -9.10
C ILE A 48 -14.30 0.92 -8.18
N ILE A 49 -13.06 0.58 -8.47
CA ILE A 49 -11.96 0.90 -7.60
C ILE A 49 -11.73 2.39 -7.50
N LYS A 50 -11.76 2.85 -6.27
CA LYS A 50 -11.49 4.24 -5.91
C LYS A 50 -10.22 4.72 -6.60
N THR A 51 -9.15 4.01 -6.36
CA THR A 51 -7.85 4.38 -6.89
C THR A 51 -6.94 3.16 -6.87
N PRO A 52 -6.96 2.36 -7.93
CA PRO A 52 -6.16 1.14 -8.00
C PRO A 52 -4.71 1.43 -7.61
N MET A 53 -4.26 0.76 -6.58
CA MET A 53 -2.99 1.10 -5.96
C MET A 53 -2.16 -0.15 -5.76
N ASP A 54 -0.87 -0.01 -5.98
CA ASP A 54 0.06 -1.12 -5.86
C ASP A 54 1.29 -0.70 -5.05
N MET A 55 1.92 -1.68 -4.40
CA MET A 55 3.20 -1.53 -3.70
C MET A 55 4.22 -0.81 -4.58
N GLY A 56 4.08 -0.96 -5.90
CA GLY A 56 4.98 -0.31 -6.82
C GLY A 56 4.75 1.19 -6.89
N THR A 57 3.50 1.60 -6.95
CA THR A 57 3.16 3.02 -6.91
C THR A 57 3.44 3.58 -5.53
N ILE A 58 3.25 2.76 -4.52
CA ILE A 58 3.54 3.15 -3.17
C ILE A 58 5.05 3.26 -2.91
N LYS A 59 5.84 2.33 -3.46
CA LYS A 59 7.28 2.44 -3.33
C LYS A 59 7.74 3.73 -4.01
N LYS A 60 6.99 4.14 -5.06
CA LYS A 60 7.27 5.36 -5.80
C LYS A 60 7.24 6.55 -4.88
N ARG A 61 6.04 6.86 -4.39
CA ARG A 61 5.79 8.10 -3.68
C ARG A 61 6.55 8.15 -2.36
N LEU A 62 6.93 6.99 -1.83
CA LEU A 62 7.77 6.90 -0.63
C LEU A 62 9.16 7.42 -0.92
N GLU A 63 9.81 6.81 -1.92
CA GLU A 63 11.18 7.15 -2.25
C GLU A 63 11.26 8.43 -3.08
N ASN A 64 10.13 8.84 -3.64
CA ASN A 64 10.06 10.08 -4.41
C ASN A 64 9.62 11.24 -3.51
N ASN A 65 9.69 11.01 -2.20
CA ASN A 65 9.36 12.01 -1.16
C ASN A 65 8.06 12.76 -1.45
N TYR A 66 7.08 12.05 -2.01
CA TYR A 66 5.79 12.65 -2.29
C TYR A 66 4.89 12.56 -1.07
N TYR A 67 4.96 11.42 -0.38
CA TYR A 67 4.30 11.28 0.91
C TYR A 67 4.86 12.29 1.87
N TRP A 68 4.03 13.12 2.46
CA TRP A 68 4.50 14.10 3.41
C TRP A 68 4.48 13.52 4.82
N ASN A 69 3.83 12.37 4.96
CA ASN A 69 3.83 11.64 6.22
C ASN A 69 3.49 10.17 5.98
N ALA A 70 3.95 9.31 6.87
CA ALA A 70 3.74 7.87 6.73
C ALA A 70 2.26 7.55 6.58
N GLN A 71 1.41 8.23 7.34
CA GLN A 71 -0.02 7.95 7.35
C GLN A 71 -0.62 8.03 5.94
N GLU A 72 -0.04 8.85 5.08
CA GLU A 72 -0.41 8.91 3.66
C GLU A 72 -0.01 7.64 2.93
N CYS A 73 1.22 7.21 3.17
CA CYS A 73 1.72 5.97 2.59
C CYS A 73 0.94 4.78 3.12
N ILE A 74 0.59 4.89 4.38
CA ILE A 74 -0.26 3.92 5.05
C ILE A 74 -1.61 3.90 4.39
N GLN A 75 -2.16 5.08 4.23
CA GLN A 75 -3.41 5.29 3.52
C GLN A 75 -3.37 4.70 2.11
N ASP A 76 -2.19 4.69 1.50
CA ASP A 76 -2.02 4.08 0.17
C ASP A 76 -1.94 2.59 0.29
N PHE A 77 -1.26 2.13 1.32
CA PHE A 77 -1.26 0.72 1.65
C PHE A 77 -2.68 0.29 1.97
N ASN A 78 -3.35 1.12 2.74
CA ASN A 78 -4.75 0.95 3.08
C ASN A 78 -5.56 0.91 1.80
N THR A 79 -5.34 1.91 0.96
CA THR A 79 -5.92 1.99 -0.36
C THR A 79 -5.71 0.68 -1.13
N MET A 80 -4.46 0.25 -1.18
CA MET A 80 -4.07 -0.95 -1.90
C MET A 80 -4.92 -2.15 -1.50
N PHE A 81 -4.96 -2.43 -0.20
CA PHE A 81 -5.74 -3.53 0.34
C PHE A 81 -7.23 -3.27 0.19
N THR A 82 -7.64 -2.01 0.32
CA THR A 82 -9.05 -1.66 0.28
C THR A 82 -9.59 -1.68 -1.14
N ASN A 83 -8.80 -1.30 -2.16
CA ASN A 83 -9.24 -1.52 -3.54
C ASN A 83 -9.53 -3.00 -3.73
N CYS A 84 -8.64 -3.81 -3.20
CA CYS A 84 -8.81 -5.25 -3.25
C CYS A 84 -10.09 -5.68 -2.54
N TYR A 85 -10.52 -4.90 -1.56
CA TYR A 85 -11.77 -5.15 -0.84
C TYR A 85 -12.94 -4.54 -1.62
N ILE A 86 -12.66 -3.38 -2.19
CA ILE A 86 -13.59 -2.61 -3.00
C ILE A 86 -14.11 -3.42 -4.18
N TYR A 87 -13.18 -3.99 -4.92
CA TYR A 87 -13.54 -4.80 -6.07
C TYR A 87 -13.93 -6.19 -5.63
N ASN A 88 -13.00 -6.86 -4.97
CA ASN A 88 -13.20 -8.23 -4.53
C ASN A 88 -13.79 -8.25 -3.15
N LYS A 89 -15.01 -8.75 -3.05
CA LYS A 89 -15.74 -8.72 -1.80
C LYS A 89 -14.99 -9.46 -0.73
N PRO A 90 -15.02 -8.89 0.49
CA PRO A 90 -14.27 -9.37 1.64
C PRO A 90 -14.36 -10.88 1.80
N GLY A 91 -13.24 -11.54 1.54
CA GLY A 91 -13.22 -12.99 1.52
C GLY A 91 -12.75 -13.54 0.20
N ASP A 92 -12.41 -12.64 -0.73
CA ASP A 92 -11.84 -13.06 -1.99
C ASP A 92 -10.36 -13.27 -1.80
N ASP A 93 -9.77 -14.18 -2.56
CA ASP A 93 -8.36 -14.53 -2.39
C ASP A 93 -7.50 -13.27 -2.28
N ILE A 94 -7.67 -12.35 -3.21
CA ILE A 94 -6.89 -11.11 -3.20
C ILE A 94 -7.14 -10.28 -1.94
N VAL A 95 -8.39 -10.16 -1.49
CA VAL A 95 -8.64 -9.47 -0.24
C VAL A 95 -8.01 -10.25 0.88
N LEU A 96 -8.18 -11.55 0.86
CA LEU A 96 -7.59 -12.45 1.85
C LEU A 96 -6.09 -12.28 1.90
N MET A 97 -5.50 -12.06 0.73
CA MET A 97 -4.08 -11.82 0.61
C MET A 97 -3.74 -10.42 1.12
N ALA A 98 -4.58 -9.46 0.76
CA ALA A 98 -4.45 -8.11 1.26
C ALA A 98 -4.63 -8.08 2.77
N GLU A 99 -5.57 -8.87 3.26
CA GLU A 99 -5.85 -8.99 4.67
C GLU A 99 -4.62 -9.51 5.43
N ALA A 100 -3.84 -10.41 4.81
CA ALA A 100 -2.63 -10.90 5.42
C ALA A 100 -1.50 -9.87 5.31
N LEU A 101 -1.59 -9.04 4.28
CA LEU A 101 -0.66 -7.95 4.08
C LEU A 101 -1.01 -6.76 4.96
N GLU A 102 -2.28 -6.62 5.31
CA GLU A 102 -2.68 -5.58 6.22
C GLU A 102 -2.08 -5.84 7.58
N LYS A 103 -2.31 -7.02 8.13
CA LYS A 103 -1.76 -7.36 9.43
C LYS A 103 -0.24 -7.33 9.40
N LEU A 104 0.34 -7.48 8.21
CA LEU A 104 1.79 -7.41 8.03
C LEU A 104 2.26 -5.95 7.88
N PHE A 105 1.61 -5.20 7.01
CA PHE A 105 1.88 -3.79 6.87
C PHE A 105 1.63 -3.09 8.20
N LEU A 106 0.46 -3.33 8.76
CA LEU A 106 0.04 -2.73 10.02
C LEU A 106 0.86 -3.28 11.17
N GLN A 107 1.48 -4.44 10.95
CA GLN A 107 2.49 -4.98 11.87
C GLN A 107 3.58 -3.95 12.05
N LYS A 108 4.09 -3.53 10.90
CA LYS A 108 5.19 -2.60 10.86
C LYS A 108 4.80 -1.26 11.48
N ILE A 109 3.61 -0.80 11.15
CA ILE A 109 3.14 0.52 11.57
C ILE A 109 2.80 0.48 13.04
N ASN A 110 2.46 -0.70 13.49
CA ASN A 110 2.30 -0.97 14.91
C ASN A 110 3.62 -0.67 15.61
N GLU A 111 4.69 -0.74 14.83
CA GLU A 111 6.03 -0.45 15.33
C GLU A 111 6.64 0.77 14.65
N LEU A 112 5.80 1.52 13.95
CA LEU A 112 6.23 2.70 13.21
C LEU A 112 6.85 3.75 14.13
N PRO A 113 8.11 4.10 13.82
CA PRO A 113 8.87 5.13 14.52
C PRO A 113 8.14 6.47 14.67
N THR A 114 8.76 7.38 15.40
CA THR A 114 8.31 8.76 15.49
C THR A 114 9.51 9.68 15.29
N GLU A 115 9.44 10.57 14.30
CA GLU A 115 10.61 11.36 13.93
C GLU A 115 11.18 12.15 15.10
N GLU A 116 12.40 11.80 15.47
CA GLU A 116 13.09 12.43 16.58
C GLU A 116 13.24 13.93 16.35
N PRO A 1 8.40 29.64 -1.22
CA PRO A 1 8.22 29.34 0.20
C PRO A 1 7.30 28.13 0.35
N ASN A 2 6.72 27.96 1.53
CA ASN A 2 5.80 26.86 1.79
C ASN A 2 6.51 25.52 1.65
N LYS A 3 7.24 25.15 2.70
CA LYS A 3 7.97 23.90 2.71
C LYS A 3 7.40 22.94 3.75
N PRO A 4 6.59 21.97 3.31
CA PRO A 4 6.05 20.95 4.19
C PRO A 4 7.16 20.04 4.73
N LYS A 5 7.23 19.93 6.05
CA LYS A 5 8.26 19.11 6.68
C LYS A 5 7.94 17.62 6.50
N ARG A 6 8.64 16.99 5.57
CA ARG A 6 8.34 15.62 5.20
C ARG A 6 8.82 14.65 6.29
N GLN A 7 7.86 14.01 6.96
CA GLN A 7 8.14 13.06 8.03
C GLN A 7 8.77 11.81 7.46
N THR A 8 10.08 11.82 7.39
CA THR A 8 10.79 10.89 6.55
C THR A 8 11.13 9.59 7.25
N ASN A 9 11.23 9.55 8.57
CA ASN A 9 11.71 8.33 9.21
C ASN A 9 10.60 7.27 9.31
N GLN A 10 9.36 7.72 9.51
CA GLN A 10 8.21 6.83 9.44
C GLN A 10 8.00 6.38 8.00
N LEU A 11 8.13 7.33 7.09
CA LEU A 11 8.04 7.07 5.67
C LEU A 11 9.20 6.18 5.22
N GLN A 12 10.37 6.46 5.77
CA GLN A 12 11.52 5.59 5.62
C GLN A 12 11.13 4.19 6.03
N TYR A 13 10.69 4.05 7.28
CA TYR A 13 10.22 2.77 7.80
C TYR A 13 9.20 2.15 6.86
N LEU A 14 8.16 2.89 6.54
CA LEU A 14 7.16 2.48 5.58
C LEU A 14 7.77 2.02 4.23
N LEU A 15 8.91 2.58 3.87
CA LEU A 15 9.63 2.23 2.63
C LEU A 15 10.60 1.05 2.89
N ARG A 16 11.44 1.25 3.89
CA ARG A 16 12.52 0.32 4.22
C ARG A 16 11.95 -1.04 4.64
N VAL A 17 11.24 -1.03 5.75
CA VAL A 17 10.70 -2.24 6.31
C VAL A 17 9.35 -2.56 5.69
N VAL A 18 8.33 -1.73 5.93
CA VAL A 18 6.98 -2.01 5.46
C VAL A 18 6.93 -2.37 3.98
N LEU A 19 7.26 -1.40 3.13
CA LEU A 19 7.23 -1.56 1.69
C LEU A 19 7.90 -2.85 1.29
N LYS A 20 9.16 -3.02 1.68
CA LYS A 20 9.91 -4.21 1.33
C LYS A 20 9.32 -5.46 1.97
N THR A 21 8.88 -5.34 3.21
CA THR A 21 8.33 -6.47 3.94
C THR A 21 7.05 -6.96 3.27
N LEU A 22 6.23 -6.03 2.85
CA LEU A 22 5.07 -6.33 2.06
C LEU A 22 5.50 -6.84 0.70
N TRP A 23 6.35 -6.04 0.05
CA TRP A 23 6.86 -6.33 -1.29
C TRP A 23 7.33 -7.78 -1.45
N LYS A 24 7.81 -8.34 -0.36
CA LYS A 24 8.49 -9.63 -0.36
C LYS A 24 7.57 -10.73 0.11
N HIS A 25 6.31 -10.38 0.26
CA HIS A 25 5.33 -11.25 0.85
C HIS A 25 4.79 -12.26 -0.16
N GLN A 26 4.31 -13.38 0.36
CA GLN A 26 3.58 -14.37 -0.43
C GLN A 26 2.40 -13.73 -1.15
N PHE A 27 1.82 -12.75 -0.50
CA PHE A 27 0.59 -12.12 -0.97
C PHE A 27 0.86 -10.83 -1.73
N ALA A 28 2.11 -10.39 -1.76
CA ALA A 28 2.43 -9.10 -2.38
C ALA A 28 2.36 -9.17 -3.91
N TRP A 29 2.22 -10.38 -4.47
CA TRP A 29 2.39 -10.58 -5.92
C TRP A 29 1.54 -9.61 -6.78
N PRO A 30 0.26 -9.31 -6.40
CA PRO A 30 -0.58 -8.42 -7.21
C PRO A 30 -0.43 -6.98 -6.84
N PHE A 31 0.33 -6.76 -5.78
CA PHE A 31 0.51 -5.44 -5.24
C PHE A 31 1.88 -4.90 -5.64
N GLN A 32 2.88 -5.77 -5.75
CA GLN A 32 4.21 -5.36 -6.20
C GLN A 32 4.09 -4.64 -7.55
N GLN A 33 3.07 -5.04 -8.29
CA GLN A 33 2.81 -4.48 -9.60
C GLN A 33 1.42 -3.90 -9.67
N PRO A 34 1.22 -2.98 -10.60
CA PRO A 34 -0.07 -2.36 -10.83
C PRO A 34 -0.94 -3.26 -11.67
N VAL A 35 -2.00 -3.76 -11.06
CA VAL A 35 -2.91 -4.69 -11.72
C VAL A 35 -3.29 -4.19 -13.10
N ASP A 36 -3.03 -5.03 -14.08
CA ASP A 36 -3.58 -4.83 -15.39
C ASP A 36 -5.00 -5.34 -15.33
N ALA A 37 -5.95 -4.42 -15.27
CA ALA A 37 -7.34 -4.79 -15.08
C ALA A 37 -7.84 -5.59 -16.26
N VAL A 38 -7.11 -5.55 -17.37
CA VAL A 38 -7.43 -6.40 -18.52
C VAL A 38 -6.89 -7.80 -18.29
N LYS A 39 -5.81 -7.88 -17.54
CA LYS A 39 -5.07 -9.11 -17.40
C LYS A 39 -5.77 -10.05 -16.41
N LEU A 40 -6.16 -9.50 -15.26
CA LEU A 40 -6.91 -10.24 -14.26
C LEU A 40 -8.38 -10.36 -14.65
N ASN A 41 -8.71 -9.77 -15.81
CA ASN A 41 -10.07 -9.72 -16.33
C ASN A 41 -10.98 -9.00 -15.36
N LEU A 42 -10.71 -7.71 -15.21
CA LEU A 42 -11.41 -6.85 -14.28
C LEU A 42 -12.11 -5.77 -15.07
N PRO A 43 -13.30 -6.07 -15.59
CA PRO A 43 -14.01 -5.21 -16.55
C PRO A 43 -14.48 -3.89 -15.94
N ASP A 44 -14.56 -3.85 -14.62
CA ASP A 44 -15.05 -2.65 -13.95
C ASP A 44 -14.05 -2.15 -12.92
N TYR A 45 -12.81 -2.62 -13.00
CA TYR A 45 -11.82 -2.33 -11.95
C TYR A 45 -11.60 -0.83 -11.83
N TYR A 46 -11.32 -0.20 -12.94
CA TYR A 46 -11.01 1.22 -12.92
C TYR A 46 -12.30 2.05 -12.87
N LYS A 47 -13.41 1.36 -12.70
CA LYS A 47 -14.70 1.99 -12.40
C LYS A 47 -14.97 1.95 -10.90
N ILE A 48 -15.03 0.72 -10.40
CA ILE A 48 -15.33 0.41 -9.01
C ILE A 48 -14.27 0.92 -8.08
N ILE A 49 -13.03 0.64 -8.43
CA ILE A 49 -11.91 0.93 -7.58
C ILE A 49 -11.69 2.43 -7.48
N LYS A 50 -11.72 2.89 -6.24
CA LYS A 50 -11.49 4.29 -5.91
C LYS A 50 -10.24 4.81 -6.56
N THR A 51 -9.15 4.09 -6.34
CA THR A 51 -7.87 4.47 -6.85
C THR A 51 -6.95 3.26 -6.84
N PRO A 52 -6.96 2.46 -7.91
CA PRO A 52 -6.16 1.25 -8.00
C PRO A 52 -4.72 1.52 -7.59
N MET A 53 -4.29 0.84 -6.54
CA MET A 53 -3.03 1.15 -5.90
C MET A 53 -2.24 -0.11 -5.67
N ASP A 54 -0.95 -0.01 -5.89
CA ASP A 54 -0.05 -1.13 -5.76
C ASP A 54 1.19 -0.73 -4.94
N MET A 55 1.82 -1.73 -4.31
CA MET A 55 3.12 -1.57 -3.65
C MET A 55 4.10 -0.87 -4.57
N GLY A 56 3.98 -1.09 -5.87
CA GLY A 56 4.83 -0.43 -6.84
C GLY A 56 4.65 1.07 -6.81
N THR A 57 3.43 1.53 -7.07
CA THR A 57 3.10 2.94 -7.00
C THR A 57 3.40 3.52 -5.62
N ILE A 58 3.18 2.73 -4.59
CA ILE A 58 3.49 3.14 -3.25
C ILE A 58 5.00 3.23 -2.99
N LYS A 59 5.78 2.29 -3.54
CA LYS A 59 7.22 2.37 -3.36
C LYS A 59 7.74 3.58 -4.12
N LYS A 60 6.98 3.96 -5.17
CA LYS A 60 7.26 5.16 -5.95
C LYS A 60 7.18 6.38 -5.05
N ARG A 61 5.98 6.59 -4.51
CA ARG A 61 5.66 7.78 -3.74
C ARG A 61 6.52 7.89 -2.48
N LEU A 62 6.87 6.75 -1.89
CA LEU A 62 7.74 6.73 -0.72
C LEU A 62 9.13 7.23 -1.04
N GLU A 63 9.76 6.58 -2.01
CA GLU A 63 11.14 6.90 -2.37
C GLU A 63 11.24 8.22 -3.13
N ASN A 64 10.16 8.61 -3.79
CA ASN A 64 10.13 9.87 -4.51
C ASN A 64 9.57 10.99 -3.63
N ASN A 65 9.61 10.76 -2.30
CA ASN A 65 9.20 11.73 -1.29
C ASN A 65 7.89 12.45 -1.61
N TYR A 66 6.96 11.74 -2.25
CA TYR A 66 5.63 12.29 -2.49
C TYR A 66 4.88 12.38 -1.18
N TYR A 67 4.91 11.27 -0.44
CA TYR A 67 4.34 11.22 0.89
C TYR A 67 5.00 12.25 1.79
N TRP A 68 4.21 13.05 2.46
CA TRP A 68 4.75 14.05 3.36
C TRP A 68 4.78 13.52 4.78
N ASN A 69 4.08 12.41 4.98
CA ASN A 69 4.09 11.71 6.25
C ASN A 69 3.64 10.28 6.07
N ALA A 70 4.13 9.37 6.91
CA ALA A 70 3.90 7.94 6.74
C ALA A 70 2.41 7.64 6.56
N GLN A 71 1.57 8.26 7.37
CA GLN A 71 0.13 8.04 7.34
C GLN A 71 -0.45 8.11 5.92
N GLU A 72 0.13 8.94 5.06
CA GLU A 72 -0.28 9.01 3.65
C GLU A 72 0.11 7.74 2.92
N CYS A 73 1.33 7.28 3.17
CA CYS A 73 1.82 6.04 2.60
C CYS A 73 1.02 4.86 3.14
N ILE A 74 0.67 4.98 4.40
CA ILE A 74 -0.18 4.03 5.07
C ILE A 74 -1.54 4.01 4.41
N GLN A 75 -2.10 5.18 4.28
CA GLN A 75 -3.36 5.38 3.56
C GLN A 75 -3.31 4.76 2.16
N ASP A 76 -2.15 4.79 1.54
CA ASP A 76 -2.00 4.19 0.20
C ASP A 76 -1.91 2.69 0.32
N PHE A 77 -1.28 2.24 1.38
CA PHE A 77 -1.27 0.82 1.72
C PHE A 77 -2.68 0.38 2.07
N ASN A 78 -3.37 1.21 2.82
CA ASN A 78 -4.76 0.99 3.18
C ASN A 78 -5.58 0.99 1.89
N THR A 79 -5.26 1.92 1.02
CA THR A 79 -5.89 2.05 -0.29
C THR A 79 -5.70 0.76 -1.07
N MET A 80 -4.46 0.30 -1.06
CA MET A 80 -4.05 -0.91 -1.73
C MET A 80 -4.97 -2.08 -1.39
N PHE A 81 -5.02 -2.37 -0.10
CA PHE A 81 -5.81 -3.47 0.42
C PHE A 81 -7.30 -3.18 0.26
N THR A 82 -7.69 -1.92 0.40
CA THR A 82 -9.09 -1.55 0.31
C THR A 82 -9.61 -1.61 -1.12
N ASN A 83 -8.82 -1.23 -2.13
CA ASN A 83 -9.24 -1.47 -3.52
C ASN A 83 -9.53 -2.95 -3.69
N CYS A 84 -8.67 -3.76 -3.12
CA CYS A 84 -8.84 -5.20 -3.15
C CYS A 84 -10.12 -5.62 -2.43
N TYR A 85 -10.56 -4.81 -1.47
CA TYR A 85 -11.80 -5.06 -0.74
C TYR A 85 -12.98 -4.41 -1.49
N ILE A 86 -12.65 -3.37 -2.22
CA ILE A 86 -13.58 -2.59 -3.02
C ILE A 86 -14.10 -3.40 -4.19
N TYR A 87 -13.18 -3.96 -4.94
CA TYR A 87 -13.52 -4.78 -6.08
C TYR A 87 -13.88 -6.18 -5.65
N ASN A 88 -13.03 -6.77 -4.82
CA ASN A 88 -13.20 -8.14 -4.39
C ASN A 88 -13.85 -8.19 -3.02
N LYS A 89 -15.02 -8.82 -2.98
CA LYS A 89 -15.77 -8.92 -1.73
C LYS A 89 -14.97 -9.63 -0.67
N PRO A 90 -15.06 -9.12 0.57
CA PRO A 90 -14.27 -9.60 1.71
C PRO A 90 -14.31 -11.12 1.83
N GLY A 91 -13.19 -11.74 1.52
CA GLY A 91 -13.14 -13.19 1.44
C GLY A 91 -12.67 -13.66 0.09
N ASP A 92 -12.31 -12.73 -0.79
CA ASP A 92 -11.72 -13.10 -2.07
C ASP A 92 -10.25 -13.30 -1.85
N ASP A 93 -9.64 -14.23 -2.57
CA ASP A 93 -8.22 -14.55 -2.38
C ASP A 93 -7.40 -13.28 -2.28
N ILE A 94 -7.58 -12.36 -3.22
CA ILE A 94 -6.82 -11.12 -3.23
C ILE A 94 -7.08 -10.27 -1.99
N VAL A 95 -8.33 -10.18 -1.53
CA VAL A 95 -8.59 -9.49 -0.28
C VAL A 95 -7.94 -10.26 0.86
N LEU A 96 -8.11 -11.57 0.82
CA LEU A 96 -7.51 -12.46 1.82
C LEU A 96 -5.99 -12.26 1.88
N MET A 97 -5.41 -12.08 0.72
CA MET A 97 -3.99 -11.81 0.58
C MET A 97 -3.66 -10.42 1.09
N ALA A 98 -4.51 -9.46 0.71
CA ALA A 98 -4.41 -8.10 1.21
C ALA A 98 -4.59 -8.07 2.72
N GLU A 99 -5.49 -8.91 3.20
CA GLU A 99 -5.79 -9.01 4.62
C GLU A 99 -4.58 -9.53 5.40
N ALA A 100 -3.78 -10.41 4.78
CA ALA A 100 -2.56 -10.89 5.42
C ALA A 100 -1.44 -9.86 5.27
N LEU A 101 -1.53 -9.05 4.23
CA LEU A 101 -0.60 -7.94 4.03
C LEU A 101 -0.98 -6.76 4.90
N GLU A 102 -2.26 -6.66 5.25
CA GLU A 102 -2.69 -5.64 6.18
C GLU A 102 -2.07 -5.87 7.52
N LYS A 103 -2.28 -7.06 8.07
CA LYS A 103 -1.73 -7.39 9.37
C LYS A 103 -0.21 -7.31 9.35
N LEU A 104 0.36 -7.45 8.15
CA LEU A 104 1.81 -7.35 7.97
C LEU A 104 2.24 -5.89 7.83
N PHE A 105 1.59 -5.15 6.95
CA PHE A 105 1.86 -3.73 6.82
C PHE A 105 1.60 -3.05 8.14
N LEU A 106 0.42 -3.27 8.66
CA LEU A 106 0.00 -2.67 9.92
C LEU A 106 0.83 -3.22 11.08
N GLN A 107 1.42 -4.40 10.88
CA GLN A 107 2.41 -4.94 11.82
C GLN A 107 3.51 -3.93 12.02
N LYS A 108 4.05 -3.50 10.89
CA LYS A 108 5.15 -2.58 10.86
C LYS A 108 4.76 -1.25 11.46
N ILE A 109 3.58 -0.78 11.11
CA ILE A 109 3.11 0.54 11.54
C ILE A 109 2.75 0.52 13.00
N ASN A 110 2.38 -0.67 13.45
CA ASN A 110 2.23 -0.94 14.87
C ASN A 110 3.55 -0.70 15.58
N GLU A 111 4.63 -0.72 14.81
CA GLU A 111 5.97 -0.44 15.31
C GLU A 111 6.56 0.82 14.69
N LEU A 112 5.75 1.54 13.93
CA LEU A 112 6.18 2.73 13.19
C LEU A 112 6.81 3.78 14.11
N PRO A 113 8.08 4.11 13.81
CA PRO A 113 8.87 5.13 14.51
C PRO A 113 8.18 6.48 14.65
N THR A 114 8.85 7.39 15.35
CA THR A 114 8.42 8.78 15.48
C THR A 114 9.61 9.71 15.25
N GLU A 115 9.50 10.61 14.27
CA GLU A 115 10.62 11.44 13.87
C GLU A 115 11.26 12.17 15.04
N GLU A 116 12.56 11.93 15.19
CA GLU A 116 13.35 12.52 16.25
C GLU A 116 13.44 14.03 16.07
N PRO A 1 12.32 28.92 5.41
CA PRO A 1 11.47 28.33 6.47
C PRO A 1 10.07 28.02 5.97
N ASN A 2 9.94 27.79 4.67
CA ASN A 2 8.63 27.56 4.06
C ASN A 2 8.65 26.27 3.26
N LYS A 3 9.25 25.24 3.83
CA LYS A 3 9.31 23.93 3.20
C LYS A 3 8.44 22.94 3.96
N PRO A 4 7.43 22.37 3.29
CA PRO A 4 6.56 21.36 3.89
C PRO A 4 7.37 20.19 4.44
N LYS A 5 7.25 19.94 5.73
CA LYS A 5 8.05 18.90 6.37
C LYS A 5 7.57 17.52 5.94
N ARG A 6 8.50 16.74 5.41
CA ARG A 6 8.22 15.38 5.00
C ARG A 6 8.61 14.43 6.12
N GLN A 7 7.64 13.73 6.70
CA GLN A 7 7.90 12.82 7.82
C GLN A 7 8.69 11.62 7.35
N THR A 8 9.96 11.84 7.12
CA THR A 8 10.78 10.94 6.36
C THR A 8 11.12 9.66 7.11
N ASN A 9 11.19 9.69 8.42
CA ASN A 9 11.66 8.50 9.15
C ASN A 9 10.56 7.42 9.22
N GLN A 10 9.32 7.83 9.42
CA GLN A 10 8.18 6.91 9.36
C GLN A 10 7.99 6.43 7.94
N LEU A 11 8.05 7.37 7.03
CA LEU A 11 7.98 7.11 5.61
C LEU A 11 9.15 6.23 5.17
N GLN A 12 10.31 6.51 5.73
CA GLN A 12 11.47 5.64 5.60
C GLN A 12 11.08 4.24 6.01
N TYR A 13 10.69 4.08 7.26
CA TYR A 13 10.23 2.79 7.79
C TYR A 13 9.20 2.16 6.84
N LEU A 14 8.16 2.89 6.52
CA LEU A 14 7.16 2.47 5.56
C LEU A 14 7.77 2.00 4.23
N LEU A 15 8.88 2.59 3.83
CA LEU A 15 9.58 2.23 2.59
C LEU A 15 10.58 1.08 2.85
N ARG A 16 11.40 1.28 3.86
CA ARG A 16 12.50 0.36 4.20
C ARG A 16 11.96 -1.00 4.61
N VAL A 17 11.25 -1.01 5.74
CA VAL A 17 10.71 -2.24 6.30
C VAL A 17 9.37 -2.59 5.66
N VAL A 18 8.34 -1.77 5.90
CA VAL A 18 7.00 -2.07 5.44
C VAL A 18 6.94 -2.43 3.96
N LEU A 19 7.28 -1.48 3.11
CA LEU A 19 7.25 -1.64 1.66
C LEU A 19 7.94 -2.93 1.26
N LYS A 20 9.17 -3.12 1.73
CA LYS A 20 9.94 -4.30 1.39
C LYS A 20 9.33 -5.56 1.99
N THR A 21 8.87 -5.44 3.22
CA THR A 21 8.29 -6.55 3.95
C THR A 21 7.02 -7.02 3.26
N LEU A 22 6.20 -6.07 2.84
CA LEU A 22 5.03 -6.37 2.04
C LEU A 22 5.46 -6.89 0.69
N TRP A 23 6.29 -6.11 0.02
CA TRP A 23 6.77 -6.41 -1.34
C TRP A 23 7.11 -7.89 -1.53
N LYS A 24 7.71 -8.46 -0.50
CA LYS A 24 8.32 -9.77 -0.57
C LYS A 24 7.33 -10.85 -0.21
N HIS A 25 6.17 -10.40 0.21
CA HIS A 25 5.17 -11.27 0.78
C HIS A 25 4.63 -12.26 -0.25
N GLN A 26 4.21 -13.40 0.27
CA GLN A 26 3.52 -14.43 -0.49
C GLN A 26 2.29 -13.85 -1.20
N PHE A 27 1.75 -12.79 -0.62
CA PHE A 27 0.53 -12.18 -1.12
C PHE A 27 0.77 -10.85 -1.81
N ALA A 28 2.01 -10.37 -1.82
CA ALA A 28 2.33 -9.05 -2.39
C ALA A 28 2.24 -9.04 -3.92
N TRP A 29 2.08 -10.21 -4.55
CA TRP A 29 2.22 -10.34 -6.02
C TRP A 29 1.31 -9.37 -6.81
N PRO A 30 0.04 -9.12 -6.40
CA PRO A 30 -0.85 -8.24 -7.16
C PRO A 30 -0.72 -6.80 -6.74
N PHE A 31 0.16 -6.59 -5.78
CA PHE A 31 0.38 -5.28 -5.23
C PHE A 31 1.75 -4.77 -5.67
N GLN A 32 2.77 -5.64 -5.66
CA GLN A 32 4.10 -5.27 -6.16
C GLN A 32 3.95 -4.58 -7.51
N GLN A 33 3.25 -5.28 -8.38
CA GLN A 33 2.92 -4.79 -9.70
C GLN A 33 1.46 -4.34 -9.70
N PRO A 34 1.11 -3.41 -10.59
CA PRO A 34 -0.25 -2.93 -10.71
C PRO A 34 -1.08 -3.87 -11.55
N VAL A 35 -2.20 -4.27 -11.00
CA VAL A 35 -3.09 -5.24 -11.64
C VAL A 35 -3.39 -4.82 -13.07
N ASP A 36 -3.15 -5.73 -13.97
CA ASP A 36 -3.63 -5.59 -15.32
C ASP A 36 -5.08 -6.02 -15.32
N ALA A 37 -5.98 -5.04 -15.29
CA ALA A 37 -7.39 -5.32 -15.11
C ALA A 37 -7.91 -6.23 -16.22
N VAL A 38 -7.35 -6.13 -17.41
CA VAL A 38 -7.75 -7.02 -18.50
C VAL A 38 -7.19 -8.41 -18.30
N LYS A 39 -6.06 -8.48 -17.61
CA LYS A 39 -5.35 -9.74 -17.44
C LYS A 39 -6.05 -10.62 -16.40
N LEU A 40 -6.40 -10.02 -15.26
CA LEU A 40 -7.14 -10.73 -14.22
C LEU A 40 -8.62 -10.86 -14.58
N ASN A 41 -8.98 -10.37 -15.77
CA ASN A 41 -10.35 -10.33 -16.26
C ASN A 41 -11.23 -9.52 -15.31
N LEU A 42 -10.91 -8.25 -15.23
CA LEU A 42 -11.57 -7.32 -14.34
C LEU A 42 -12.26 -6.25 -15.16
N PRO A 43 -13.50 -6.52 -15.59
CA PRO A 43 -14.22 -5.67 -16.53
C PRO A 43 -14.62 -4.33 -15.92
N ASP A 44 -14.68 -4.28 -14.60
CA ASP A 44 -15.15 -3.09 -13.92
C ASP A 44 -14.13 -2.59 -12.92
N TYR A 45 -12.89 -3.06 -13.01
CA TYR A 45 -11.88 -2.74 -11.99
C TYR A 45 -11.64 -1.24 -11.94
N TYR A 46 -11.31 -0.66 -13.08
CA TYR A 46 -11.00 0.75 -13.13
C TYR A 46 -12.29 1.58 -13.16
N LYS A 47 -13.41 0.88 -12.97
CA LYS A 47 -14.71 1.52 -12.76
C LYS A 47 -15.01 1.59 -11.27
N ILE A 48 -15.04 0.41 -10.67
CA ILE A 48 -15.36 0.20 -9.27
C ILE A 48 -14.30 0.77 -8.35
N ILE A 49 -13.05 0.47 -8.66
CA ILE A 49 -11.95 0.80 -7.80
C ILE A 49 -11.70 2.29 -7.77
N LYS A 50 -11.83 2.83 -6.56
CA LYS A 50 -11.54 4.22 -6.26
C LYS A 50 -10.27 4.69 -6.94
N THR A 51 -9.20 3.96 -6.65
CA THR A 51 -7.90 4.27 -7.19
C THR A 51 -7.02 3.04 -7.07
N PRO A 52 -6.97 2.21 -8.12
CA PRO A 52 -6.16 0.99 -8.10
C PRO A 52 -4.73 1.32 -7.69
N MET A 53 -4.32 0.76 -6.57
CA MET A 53 -3.04 1.11 -5.97
C MET A 53 -2.18 -0.13 -5.80
N ASP A 54 -0.90 0.05 -6.02
CA ASP A 54 0.07 -1.03 -5.95
C ASP A 54 1.29 -0.62 -5.11
N MET A 55 1.90 -1.61 -4.46
CA MET A 55 3.18 -1.45 -3.75
C MET A 55 4.21 -0.73 -4.61
N GLY A 56 4.09 -0.85 -5.93
CA GLY A 56 5.01 -0.17 -6.83
C GLY A 56 4.80 1.33 -6.84
N THR A 57 3.55 1.74 -6.99
CA THR A 57 3.18 3.14 -6.91
C THR A 57 3.39 3.66 -5.48
N ILE A 58 3.23 2.80 -4.51
CA ILE A 58 3.49 3.16 -3.14
C ILE A 58 4.98 3.28 -2.83
N LYS A 59 5.80 2.32 -3.28
CA LYS A 59 7.24 2.44 -3.10
C LYS A 59 7.71 3.69 -3.82
N LYS A 60 6.99 3.98 -4.91
CA LYS A 60 7.22 5.14 -5.76
C LYS A 60 7.19 6.42 -4.95
N ARG A 61 6.03 6.71 -4.38
CA ARG A 61 5.81 8.00 -3.72
C ARG A 61 6.62 8.09 -2.42
N LEU A 62 6.95 6.92 -1.86
CA LEU A 62 7.83 6.86 -0.69
C LEU A 62 9.24 7.30 -1.05
N GLU A 63 9.84 6.60 -2.00
CA GLU A 63 11.22 6.84 -2.38
C GLU A 63 11.37 8.13 -3.18
N ASN A 64 10.27 8.60 -3.77
CA ASN A 64 10.30 9.83 -4.56
C ASN A 64 9.80 11.01 -3.73
N ASN A 65 9.88 10.84 -2.40
CA ASN A 65 9.52 11.86 -1.41
C ASN A 65 8.24 12.62 -1.77
N TYR A 66 7.23 11.88 -2.21
CA TYR A 66 5.93 12.46 -2.53
C TYR A 66 5.06 12.47 -1.29
N TYR A 67 5.08 11.36 -0.56
CA TYR A 67 4.40 11.27 0.72
C TYR A 67 4.99 12.29 1.68
N TRP A 68 4.16 13.15 2.24
CA TRP A 68 4.66 14.12 3.21
C TRP A 68 4.52 13.55 4.61
N ASN A 69 3.89 12.39 4.71
CA ASN A 69 3.67 11.73 5.98
C ASN A 69 3.44 10.24 5.76
N ALA A 70 3.97 9.43 6.67
CA ALA A 70 3.82 7.98 6.61
C ALA A 70 2.36 7.60 6.51
N GLN A 71 1.51 8.31 7.25
CA GLN A 71 0.10 8.02 7.28
C GLN A 71 -0.51 8.06 5.88
N GLU A 72 0.04 8.89 4.99
CA GLU A 72 -0.37 8.90 3.59
C GLU A 72 0.04 7.63 2.90
N CYS A 73 1.27 7.21 3.13
CA CYS A 73 1.78 5.97 2.56
C CYS A 73 1.00 4.79 3.11
N ILE A 74 0.64 4.91 4.37
CA ILE A 74 -0.23 3.95 5.04
C ILE A 74 -1.59 3.94 4.39
N GLN A 75 -2.12 5.13 4.22
CA GLN A 75 -3.37 5.37 3.53
C GLN A 75 -3.34 4.80 2.12
N ASP A 76 -2.16 4.78 1.51
CA ASP A 76 -2.00 4.17 0.18
C ASP A 76 -1.96 2.67 0.29
N PHE A 77 -1.29 2.18 1.33
CA PHE A 77 -1.31 0.77 1.65
C PHE A 77 -2.73 0.35 1.97
N ASN A 78 -3.40 1.19 2.75
CA ASN A 78 -4.80 1.03 3.08
C ASN A 78 -5.60 1.00 1.79
N THR A 79 -5.38 2.01 0.96
CA THR A 79 -5.96 2.08 -0.37
C THR A 79 -5.74 0.77 -1.13
N MET A 80 -4.48 0.32 -1.17
CA MET A 80 -4.09 -0.89 -1.88
C MET A 80 -4.96 -2.08 -1.47
N PHE A 81 -5.00 -2.35 -0.16
CA PHE A 81 -5.79 -3.43 0.39
C PHE A 81 -7.27 -3.18 0.18
N THR A 82 -7.67 -1.92 0.25
CA THR A 82 -9.08 -1.57 0.17
C THR A 82 -9.60 -1.61 -1.27
N ASN A 83 -8.80 -1.29 -2.28
CA ASN A 83 -9.23 -1.53 -3.67
C ASN A 83 -9.54 -3.02 -3.79
N CYS A 84 -8.66 -3.81 -3.21
CA CYS A 84 -8.83 -5.26 -3.19
C CYS A 84 -10.12 -5.65 -2.44
N TYR A 85 -10.53 -4.80 -1.49
CA TYR A 85 -11.77 -5.04 -0.74
C TYR A 85 -12.96 -4.41 -1.47
N ILE A 86 -12.65 -3.38 -2.25
CA ILE A 86 -13.62 -2.64 -3.04
C ILE A 86 -14.15 -3.48 -4.18
N TYR A 87 -13.23 -4.04 -4.94
CA TYR A 87 -13.59 -4.88 -6.06
C TYR A 87 -13.97 -6.27 -5.58
N ASN A 88 -13.08 -6.87 -4.81
CA ASN A 88 -13.27 -8.22 -4.31
C ASN A 88 -13.84 -8.18 -2.91
N LYS A 89 -14.98 -8.80 -2.72
CA LYS A 89 -15.68 -8.73 -1.46
C LYS A 89 -14.84 -9.40 -0.38
N PRO A 90 -14.93 -8.90 0.85
CA PRO A 90 -14.11 -9.36 1.97
C PRO A 90 -14.20 -10.87 2.15
N GLY A 91 -13.11 -11.54 1.83
CA GLY A 91 -13.12 -12.98 1.78
C GLY A 91 -12.68 -13.50 0.43
N ASP A 92 -12.41 -12.61 -0.52
CA ASP A 92 -11.84 -13.04 -1.78
C ASP A 92 -10.36 -13.25 -1.59
N ASP A 93 -9.78 -14.16 -2.36
CA ASP A 93 -8.36 -14.48 -2.20
C ASP A 93 -7.53 -13.22 -2.14
N ILE A 94 -7.71 -12.31 -3.09
CA ILE A 94 -6.92 -11.07 -3.11
C ILE A 94 -7.14 -10.23 -1.87
N VAL A 95 -8.38 -10.16 -1.37
CA VAL A 95 -8.60 -9.46 -0.11
C VAL A 95 -7.94 -10.24 1.00
N LEU A 96 -8.11 -11.54 0.99
CA LEU A 96 -7.49 -12.43 1.97
C LEU A 96 -5.97 -12.26 1.96
N MET A 97 -5.44 -12.07 0.78
CA MET A 97 -4.02 -11.81 0.59
C MET A 97 -3.67 -10.42 1.08
N ALA A 98 -4.52 -9.46 0.74
CA ALA A 98 -4.38 -8.09 1.22
C ALA A 98 -4.54 -8.04 2.73
N GLU A 99 -5.42 -8.87 3.25
CA GLU A 99 -5.68 -8.96 4.66
C GLU A 99 -4.47 -9.49 5.42
N ALA A 100 -3.74 -10.44 4.82
CA ALA A 100 -2.52 -10.94 5.42
C ALA A 100 -1.41 -9.89 5.28
N LEU A 101 -1.52 -9.07 4.25
CA LEU A 101 -0.61 -7.96 4.04
C LEU A 101 -0.99 -6.78 4.93
N GLU A 102 -2.26 -6.67 5.28
CA GLU A 102 -2.70 -5.63 6.18
C GLU A 102 -2.09 -5.86 7.54
N LYS A 103 -2.31 -7.04 8.10
CA LYS A 103 -1.77 -7.36 9.40
C LYS A 103 -0.25 -7.33 9.37
N LEU A 104 0.33 -7.46 8.18
CA LEU A 104 1.77 -7.39 8.00
C LEU A 104 2.23 -5.93 7.86
N PHE A 105 1.58 -5.19 6.99
CA PHE A 105 1.85 -3.78 6.85
C PHE A 105 1.60 -3.08 8.18
N LEU A 106 0.42 -3.31 8.73
CA LEU A 106 0.00 -2.74 9.99
C LEU A 106 0.82 -3.29 11.14
N GLN A 107 1.45 -4.44 10.93
CA GLN A 107 2.44 -4.99 11.86
C GLN A 107 3.55 -3.98 12.04
N LYS A 108 4.06 -3.54 10.91
CA LYS A 108 5.16 -2.61 10.86
C LYS A 108 4.77 -1.28 11.47
N ILE A 109 3.58 -0.81 11.13
CA ILE A 109 3.11 0.51 11.55
C ILE A 109 2.75 0.48 13.02
N ASN A 110 2.45 -0.72 13.48
CA ASN A 110 2.31 -1.00 14.89
C ASN A 110 3.63 -0.73 15.59
N GLU A 111 4.69 -0.71 14.79
CA GLU A 111 6.02 -0.38 15.28
C GLU A 111 6.56 0.91 14.65
N LEU A 112 5.72 1.58 13.86
CA LEU A 112 6.14 2.76 13.11
C LEU A 112 6.73 3.83 14.03
N PRO A 113 8.00 4.16 13.76
CA PRO A 113 8.77 5.18 14.49
C PRO A 113 8.05 6.53 14.63
N THR A 114 8.65 7.41 15.40
CA THR A 114 8.17 8.77 15.54
C THR A 114 9.20 9.75 14.98
N GLU A 115 8.79 10.97 14.70
CA GLU A 115 9.70 11.98 14.16
C GLU A 115 10.84 12.24 15.13
N GLU A 116 12.03 12.46 14.59
CA GLU A 116 13.23 12.65 15.40
C GLU A 116 13.10 13.90 16.27
N PRO A 1 11.71 26.08 5.48
CA PRO A 1 11.18 26.81 6.65
C PRO A 1 9.65 26.87 6.61
N ASN A 2 9.09 27.49 5.57
CA ASN A 2 7.64 27.63 5.46
C ASN A 2 6.98 26.28 5.18
N LYS A 3 7.48 25.57 4.17
CA LYS A 3 6.91 24.28 3.81
C LYS A 3 7.20 23.24 4.88
N PRO A 4 6.15 22.54 5.32
CA PRO A 4 6.26 21.50 6.35
C PRO A 4 7.30 20.43 6.00
N LYS A 5 8.06 20.01 7.00
CA LYS A 5 9.08 19.00 6.84
C LYS A 5 8.46 17.66 6.46
N ARG A 6 9.01 17.02 5.45
CA ARG A 6 8.55 15.70 5.05
C ARG A 6 8.90 14.70 6.15
N GLN A 7 7.88 14.11 6.77
CA GLN A 7 8.09 13.18 7.89
C GLN A 7 8.71 11.90 7.38
N THR A 8 10.02 11.91 7.28
CA THR A 8 10.73 10.95 6.48
C THR A 8 11.02 9.64 7.21
N ASN A 9 11.16 9.64 8.53
CA ASN A 9 11.63 8.41 9.18
C ASN A 9 10.54 7.34 9.29
N GLN A 10 9.29 7.77 9.48
CA GLN A 10 8.16 6.85 9.40
C GLN A 10 7.98 6.38 7.96
N LEU A 11 8.02 7.34 7.06
CA LEU A 11 7.96 7.09 5.63
C LEU A 11 9.13 6.21 5.19
N GLN A 12 10.28 6.46 5.76
CA GLN A 12 11.43 5.61 5.62
C GLN A 12 11.06 4.20 6.02
N TYR A 13 10.63 4.05 7.27
CA TYR A 13 10.17 2.77 7.79
C TYR A 13 9.15 2.13 6.85
N LEU A 14 8.11 2.88 6.55
CA LEU A 14 7.12 2.46 5.58
C LEU A 14 7.73 1.98 4.24
N LEU A 15 8.87 2.55 3.87
CA LEU A 15 9.59 2.17 2.64
C LEU A 15 10.56 1.01 2.93
N ARG A 16 11.44 1.23 3.90
CA ARG A 16 12.51 0.31 4.22
C ARG A 16 11.96 -1.05 4.65
N VAL A 17 11.27 -1.04 5.77
CA VAL A 17 10.71 -2.26 6.34
C VAL A 17 9.36 -2.59 5.71
N VAL A 18 8.34 -1.76 5.94
CA VAL A 18 6.99 -2.05 5.48
C VAL A 18 6.94 -2.43 4.00
N LEU A 19 7.27 -1.46 3.15
CA LEU A 19 7.24 -1.62 1.71
C LEU A 19 7.93 -2.91 1.30
N LYS A 20 9.18 -3.06 1.71
CA LYS A 20 9.96 -4.24 1.35
C LYS A 20 9.34 -5.49 1.96
N THR A 21 8.88 -5.37 3.20
CA THR A 21 8.30 -6.49 3.92
C THR A 21 7.03 -6.98 3.23
N LEU A 22 6.22 -6.03 2.80
CA LEU A 22 5.05 -6.35 2.01
C LEU A 22 5.46 -6.85 0.65
N TRP A 23 6.31 -6.07 -0.01
CA TRP A 23 6.80 -6.36 -1.36
C TRP A 23 7.19 -7.83 -1.54
N LYS A 24 7.74 -8.39 -0.49
CA LYS A 24 8.39 -9.70 -0.52
C LYS A 24 7.44 -10.78 -0.06
N HIS A 25 6.22 -10.38 0.18
CA HIS A 25 5.21 -11.24 0.76
C HIS A 25 4.70 -12.24 -0.26
N GLN A 26 4.23 -13.37 0.24
CA GLN A 26 3.53 -14.36 -0.57
C GLN A 26 2.34 -13.74 -1.29
N PHE A 27 1.77 -12.74 -0.66
CA PHE A 27 0.54 -12.11 -1.14
C PHE A 27 0.79 -10.79 -1.85
N ALA A 28 2.03 -10.33 -1.88
CA ALA A 28 2.35 -9.03 -2.47
C ALA A 28 2.24 -9.05 -4.00
N TRP A 29 2.10 -10.24 -4.61
CA TRP A 29 2.24 -10.40 -6.06
C TRP A 29 1.35 -9.42 -6.88
N PRO A 30 0.08 -9.15 -6.47
CA PRO A 30 -0.81 -8.27 -7.24
C PRO A 30 -0.66 -6.82 -6.82
N PHE A 31 0.22 -6.61 -5.87
CA PHE A 31 0.43 -5.31 -5.32
C PHE A 31 1.81 -4.79 -5.74
N GLN A 32 2.81 -5.67 -5.78
CA GLN A 32 4.17 -5.29 -6.22
C GLN A 32 4.08 -4.55 -7.55
N GLN A 33 3.16 -5.00 -8.38
CA GLN A 33 2.89 -4.40 -9.67
C GLN A 33 1.39 -4.16 -9.79
N PRO A 34 0.99 -3.22 -10.64
CA PRO A 34 -0.42 -2.84 -10.80
C PRO A 34 -1.18 -3.88 -11.60
N VAL A 35 -2.37 -4.19 -11.12
CA VAL A 35 -3.20 -5.21 -11.73
C VAL A 35 -3.54 -4.85 -13.16
N ASP A 36 -3.34 -5.78 -14.05
CA ASP A 36 -3.87 -5.67 -15.39
C ASP A 36 -5.32 -6.07 -15.31
N ALA A 37 -6.21 -5.09 -15.30
CA ALA A 37 -7.62 -5.34 -15.07
C ALA A 37 -8.22 -6.17 -16.21
N VAL A 38 -7.50 -6.30 -17.31
CA VAL A 38 -7.92 -7.19 -18.38
C VAL A 38 -7.38 -8.59 -18.13
N LYS A 39 -6.26 -8.67 -17.44
CA LYS A 39 -5.57 -9.93 -17.22
C LYS A 39 -6.30 -10.78 -16.21
N LEU A 40 -6.59 -10.18 -15.06
CA LEU A 40 -7.33 -10.86 -13.99
C LEU A 40 -8.81 -10.93 -14.31
N ASN A 41 -9.16 -10.43 -15.50
CA ASN A 41 -10.53 -10.37 -15.99
C ASN A 41 -11.39 -9.53 -15.06
N LEU A 42 -11.10 -8.24 -15.04
CA LEU A 42 -11.73 -7.29 -14.15
C LEU A 42 -12.38 -6.19 -14.97
N PRO A 43 -13.60 -6.44 -15.45
CA PRO A 43 -14.27 -5.57 -16.43
C PRO A 43 -14.65 -4.21 -15.86
N ASP A 44 -14.77 -4.14 -14.54
CA ASP A 44 -15.20 -2.92 -13.88
C ASP A 44 -14.17 -2.46 -12.86
N TYR A 45 -12.94 -2.96 -12.96
CA TYR A 45 -11.93 -2.69 -11.92
C TYR A 45 -11.64 -1.21 -11.85
N TYR A 46 -11.24 -0.63 -12.97
CA TYR A 46 -10.89 0.77 -13.01
C TYR A 46 -12.14 1.64 -13.02
N LYS A 47 -13.29 0.97 -12.84
CA LYS A 47 -14.56 1.64 -12.62
C LYS A 47 -14.85 1.69 -11.12
N ILE A 48 -15.06 0.50 -10.58
CA ILE A 48 -15.38 0.26 -9.17
C ILE A 48 -14.30 0.81 -8.26
N ILE A 49 -13.08 0.42 -8.55
CA ILE A 49 -11.97 0.73 -7.69
C ILE A 49 -11.73 2.22 -7.65
N LYS A 50 -11.82 2.72 -6.43
CA LYS A 50 -11.57 4.11 -6.11
C LYS A 50 -10.31 4.62 -6.78
N THR A 51 -9.23 3.90 -6.54
CA THR A 51 -7.94 4.25 -7.08
C THR A 51 -7.01 3.04 -7.01
N PRO A 52 -7.00 2.21 -8.07
CA PRO A 52 -6.18 1.01 -8.09
C PRO A 52 -4.73 1.33 -7.72
N MET A 53 -4.27 0.74 -6.63
CA MET A 53 -2.99 1.09 -6.06
C MET A 53 -2.13 -0.15 -5.89
N ASP A 54 -0.83 0.02 -6.12
CA ASP A 54 0.11 -1.07 -6.02
C ASP A 54 1.34 -0.65 -5.20
N MET A 55 1.93 -1.62 -4.51
CA MET A 55 3.20 -1.47 -3.79
C MET A 55 4.24 -0.74 -4.64
N GLY A 56 4.18 -0.89 -5.95
CA GLY A 56 5.11 -0.21 -6.83
C GLY A 56 4.90 1.28 -6.85
N THR A 57 3.65 1.69 -7.02
CA THR A 57 3.27 3.09 -6.95
C THR A 57 3.49 3.62 -5.53
N ILE A 58 3.28 2.77 -4.54
CA ILE A 58 3.51 3.14 -3.17
C ILE A 58 5.00 3.26 -2.84
N LYS A 59 5.83 2.32 -3.30
CA LYS A 59 7.26 2.41 -3.06
C LYS A 59 7.78 3.65 -3.79
N LYS A 60 7.04 3.97 -4.85
CA LYS A 60 7.32 5.10 -5.72
C LYS A 60 7.26 6.40 -4.94
N ARG A 61 6.09 6.71 -4.40
CA ARG A 61 5.86 7.99 -3.76
C ARG A 61 6.62 8.07 -2.43
N LEU A 62 6.96 6.91 -1.88
CA LEU A 62 7.82 6.84 -0.69
C LEU A 62 9.24 7.29 -1.04
N GLU A 63 9.88 6.52 -1.90
CA GLU A 63 11.26 6.77 -2.27
C GLU A 63 11.43 8.10 -3.01
N ASN A 64 10.39 8.51 -3.73
CA ASN A 64 10.44 9.76 -4.49
C ASN A 64 9.94 10.94 -3.64
N ASN A 65 9.91 10.72 -2.32
CA ASN A 65 9.55 11.74 -1.33
C ASN A 65 8.30 12.54 -1.70
N TYR A 66 7.30 11.84 -2.21
CA TYR A 66 6.03 12.47 -2.53
C TYR A 66 5.14 12.47 -1.31
N TYR A 67 5.15 11.36 -0.57
CA TYR A 67 4.47 11.28 0.72
C TYR A 67 5.05 12.29 1.68
N TRP A 68 4.20 13.08 2.31
CA TRP A 68 4.66 14.07 3.26
C TRP A 68 4.70 13.49 4.66
N ASN A 69 3.93 12.44 4.86
CA ASN A 69 3.92 11.75 6.15
C ASN A 69 3.49 10.30 5.97
N ALA A 70 3.98 9.42 6.84
CA ALA A 70 3.79 7.98 6.67
C ALA A 70 2.32 7.62 6.49
N GLN A 71 1.45 8.23 7.28
CA GLN A 71 0.02 7.95 7.24
C GLN A 71 -0.53 7.99 5.80
N GLU A 72 0.04 8.84 4.94
CA GLU A 72 -0.36 8.89 3.53
C GLU A 72 0.07 7.63 2.80
N CYS A 73 1.30 7.20 3.07
CA CYS A 73 1.81 5.97 2.52
C CYS A 73 1.01 4.79 3.06
N ILE A 74 0.66 4.90 4.33
CA ILE A 74 -0.21 3.95 4.99
C ILE A 74 -1.56 3.94 4.33
N GLN A 75 -2.11 5.12 4.17
CA GLN A 75 -3.35 5.34 3.47
C GLN A 75 -3.31 4.76 2.06
N ASP A 76 -2.14 4.75 1.44
CA ASP A 76 -1.98 4.14 0.11
C ASP A 76 -1.93 2.64 0.22
N PHE A 77 -1.26 2.17 1.26
CA PHE A 77 -1.30 0.75 1.61
C PHE A 77 -2.72 0.35 1.92
N ASN A 78 -3.38 1.23 2.68
CA ASN A 78 -4.79 1.09 2.99
C ASN A 78 -5.58 1.02 1.70
N THR A 79 -5.39 2.03 0.86
CA THR A 79 -5.95 2.07 -0.48
C THR A 79 -5.74 0.74 -1.20
N MET A 80 -4.48 0.31 -1.26
CA MET A 80 -4.10 -0.92 -1.95
C MET A 80 -4.96 -2.09 -1.52
N PHE A 81 -4.99 -2.36 -0.22
CA PHE A 81 -5.78 -3.44 0.35
C PHE A 81 -7.27 -3.17 0.18
N THR A 82 -7.65 -1.90 0.25
CA THR A 82 -9.06 -1.53 0.18
C THR A 82 -9.60 -1.62 -1.24
N ASN A 83 -8.80 -1.31 -2.27
CA ASN A 83 -9.25 -1.58 -3.65
C ASN A 83 -9.57 -3.06 -3.75
N CYS A 84 -8.69 -3.86 -3.17
CA CYS A 84 -8.87 -5.29 -3.13
C CYS A 84 -10.15 -5.67 -2.37
N TYR A 85 -10.56 -4.81 -1.44
CA TYR A 85 -11.80 -5.02 -0.68
C TYR A 85 -12.98 -4.40 -1.41
N ILE A 86 -12.66 -3.39 -2.22
CA ILE A 86 -13.62 -2.62 -2.99
C ILE A 86 -14.18 -3.45 -4.14
N TYR A 87 -13.27 -4.06 -4.88
CA TYR A 87 -13.64 -4.90 -5.99
C TYR A 87 -14.01 -6.30 -5.51
N ASN A 88 -13.11 -6.89 -4.73
CA ASN A 88 -13.28 -8.25 -4.26
C ASN A 88 -13.91 -8.26 -2.89
N LYS A 89 -15.07 -8.88 -2.78
CA LYS A 89 -15.80 -8.92 -1.53
C LYS A 89 -14.96 -9.58 -0.45
N PRO A 90 -14.95 -8.97 0.74
CA PRO A 90 -14.13 -9.38 1.87
C PRO A 90 -14.19 -10.89 2.12
N GLY A 91 -13.10 -11.55 1.81
CA GLY A 91 -13.07 -12.99 1.81
C GLY A 91 -12.64 -13.56 0.47
N ASP A 92 -12.37 -12.68 -0.49
CA ASP A 92 -11.81 -13.12 -1.76
C ASP A 92 -10.33 -13.30 -1.59
N ASP A 93 -9.74 -14.22 -2.33
CA ASP A 93 -8.31 -14.53 -2.18
C ASP A 93 -7.50 -13.24 -2.09
N ILE A 94 -7.64 -12.37 -3.08
CA ILE A 94 -6.88 -11.12 -3.10
C ILE A 94 -7.13 -10.26 -1.85
N VAL A 95 -8.37 -10.17 -1.37
CA VAL A 95 -8.61 -9.46 -0.13
C VAL A 95 -7.94 -10.22 0.99
N LEU A 96 -8.11 -11.52 0.99
CA LEU A 96 -7.48 -12.39 1.98
C LEU A 96 -5.97 -12.20 2.01
N MET A 97 -5.42 -12.00 0.82
CA MET A 97 -4.01 -11.75 0.68
C MET A 97 -3.68 -10.35 1.16
N ALA A 98 -4.52 -9.41 0.77
CA ALA A 98 -4.41 -8.04 1.25
C ALA A 98 -4.57 -7.99 2.76
N GLU A 99 -5.46 -8.82 3.27
CA GLU A 99 -5.69 -8.93 4.69
C GLU A 99 -4.45 -9.44 5.43
N ALA A 100 -3.73 -10.40 4.84
CA ALA A 100 -2.51 -10.89 5.44
C ALA A 100 -1.39 -9.87 5.26
N LEU A 101 -1.51 -9.05 4.23
CA LEU A 101 -0.59 -7.95 4.01
C LEU A 101 -0.95 -6.77 4.89
N GLU A 102 -2.21 -6.64 5.26
CA GLU A 102 -2.64 -5.61 6.18
C GLU A 102 -2.04 -5.87 7.53
N LYS A 103 -2.26 -7.06 8.07
CA LYS A 103 -1.71 -7.40 9.37
C LYS A 103 -0.19 -7.34 9.35
N LEU A 104 0.38 -7.48 8.15
CA LEU A 104 1.82 -7.40 7.97
C LEU A 104 2.28 -5.94 7.84
N PHE A 105 1.63 -5.19 6.98
CA PHE A 105 1.90 -3.77 6.84
C PHE A 105 1.63 -3.08 8.17
N LEU A 106 0.46 -3.32 8.71
CA LEU A 106 0.05 -2.74 9.96
C LEU A 106 0.86 -3.31 11.12
N GLN A 107 1.49 -4.46 10.91
CA GLN A 107 2.47 -5.01 11.84
C GLN A 107 3.57 -3.98 12.04
N LYS A 108 4.09 -3.54 10.90
CA LYS A 108 5.18 -2.62 10.87
C LYS A 108 4.78 -1.27 11.48
N ILE A 109 3.60 -0.80 11.12
CA ILE A 109 3.12 0.52 11.54
C ILE A 109 2.77 0.48 13.02
N ASN A 110 2.42 -0.70 13.46
CA ASN A 110 2.25 -0.99 14.86
C ASN A 110 3.56 -0.71 15.59
N GLU A 111 4.65 -0.75 14.82
CA GLU A 111 5.97 -0.45 15.35
C GLU A 111 6.58 0.79 14.70
N LEU A 112 5.77 1.51 13.93
CA LEU A 112 6.21 2.68 13.19
C LEU A 112 6.85 3.74 14.10
N PRO A 113 8.13 4.05 13.79
CA PRO A 113 8.94 5.05 14.49
C PRO A 113 8.25 6.40 14.71
N THR A 114 8.84 7.19 15.58
CA THR A 114 8.38 8.56 15.79
C THR A 114 9.40 9.55 15.20
N GLU A 115 8.90 10.60 14.58
CA GLU A 115 9.75 11.60 13.94
C GLU A 115 10.50 12.41 15.00
N GLU A 116 11.80 12.60 14.78
CA GLU A 116 12.62 13.39 15.70
C GLU A 116 12.07 14.81 15.82
N PRO A 1 12.02 28.68 4.90
CA PRO A 1 11.31 27.78 5.83
C PRO A 1 9.82 27.68 5.50
N ASN A 2 9.49 27.77 4.21
CA ASN A 2 8.10 27.75 3.79
C ASN A 2 7.73 26.35 3.29
N LYS A 3 8.76 25.58 2.93
CA LYS A 3 8.58 24.21 2.50
C LYS A 3 8.32 23.32 3.70
N PRO A 4 7.17 22.62 3.73
CA PRO A 4 6.83 21.71 4.83
C PRO A 4 7.85 20.58 4.97
N LYS A 5 8.11 20.19 6.21
CA LYS A 5 9.08 19.14 6.48
C LYS A 5 8.47 17.78 6.19
N ARG A 6 9.13 17.03 5.33
CA ARG A 6 8.68 15.70 4.97
C ARG A 6 9.05 14.74 6.10
N GLN A 7 8.03 14.17 6.75
CA GLN A 7 8.22 13.26 7.87
C GLN A 7 8.80 11.95 7.38
N THR A 8 10.11 11.93 7.26
CA THR A 8 10.78 10.93 6.47
C THR A 8 11.06 9.65 7.24
N ASN A 9 11.28 9.70 8.54
CA ASN A 9 11.68 8.49 9.26
C ASN A 9 10.58 7.42 9.27
N GLN A 10 9.33 7.83 9.51
CA GLN A 10 8.20 6.93 9.43
C GLN A 10 8.00 6.44 8.00
N LEU A 11 8.09 7.38 7.07
CA LEU A 11 8.03 7.08 5.64
C LEU A 11 9.18 6.20 5.21
N GLN A 12 10.33 6.46 5.80
CA GLN A 12 11.49 5.59 5.68
C GLN A 12 11.10 4.20 6.07
N TYR A 13 10.67 4.05 7.32
CA TYR A 13 10.20 2.77 7.83
C TYR A 13 9.18 2.15 6.87
N LEU A 14 8.15 2.89 6.56
CA LEU A 14 7.16 2.47 5.58
C LEU A 14 7.78 2.01 4.25
N LEU A 15 8.90 2.61 3.88
CA LEU A 15 9.63 2.26 2.65
C LEU A 15 10.60 1.10 2.90
N ARG A 16 11.42 1.26 3.92
CA ARG A 16 12.48 0.33 4.25
C ARG A 16 11.92 -1.03 4.64
N VAL A 17 11.23 -1.04 5.76
CA VAL A 17 10.69 -2.25 6.32
C VAL A 17 9.34 -2.59 5.69
N VAL A 18 8.33 -1.76 5.94
CA VAL A 18 6.97 -2.05 5.46
C VAL A 18 6.92 -2.42 3.99
N LEU A 19 7.25 -1.45 3.14
CA LEU A 19 7.23 -1.61 1.69
C LEU A 19 7.89 -2.92 1.29
N LYS A 20 9.15 -3.08 1.69
CA LYS A 20 9.91 -4.26 1.32
C LYS A 20 9.37 -5.52 1.99
N THR A 21 8.88 -5.37 3.22
CA THR A 21 8.32 -6.49 3.95
C THR A 21 7.06 -7.00 3.26
N LEU A 22 6.22 -6.06 2.87
CA LEU A 22 5.05 -6.37 2.08
C LEU A 22 5.47 -6.88 0.73
N TRP A 23 6.28 -6.08 0.05
CA TRP A 23 6.75 -6.35 -1.33
C TRP A 23 7.10 -7.83 -1.55
N LYS A 24 7.72 -8.41 -0.55
CA LYS A 24 8.33 -9.74 -0.65
C LYS A 24 7.32 -10.82 -0.31
N HIS A 25 6.18 -10.39 0.17
CA HIS A 25 5.21 -11.28 0.79
C HIS A 25 4.63 -12.31 -0.18
N GLN A 26 4.21 -13.41 0.41
CA GLN A 26 3.38 -14.43 -0.22
C GLN A 26 2.22 -13.81 -0.99
N PHE A 27 1.76 -12.68 -0.49
CA PHE A 27 0.55 -12.07 -0.96
C PHE A 27 0.80 -10.78 -1.72
N ALA A 28 2.04 -10.33 -1.75
CA ALA A 28 2.37 -9.03 -2.34
C ALA A 28 2.30 -9.06 -3.86
N TRP A 29 2.20 -10.26 -4.46
CA TRP A 29 2.38 -10.42 -5.91
C TRP A 29 1.50 -9.46 -6.75
N PRO A 30 0.21 -9.21 -6.39
CA PRO A 30 -0.65 -8.36 -7.19
C PRO A 30 -0.56 -6.91 -6.77
N PHE A 31 0.19 -6.68 -5.73
CA PHE A 31 0.36 -5.36 -5.20
C PHE A 31 1.72 -4.82 -5.61
N GLN A 32 2.73 -5.70 -5.68
CA GLN A 32 4.04 -5.31 -6.17
C GLN A 32 3.90 -4.60 -7.52
N GLN A 33 2.88 -5.02 -8.26
CA GLN A 33 2.61 -4.48 -9.58
C GLN A 33 1.20 -3.96 -9.69
N PRO A 34 0.96 -3.10 -10.66
CA PRO A 34 -0.36 -2.57 -10.94
C PRO A 34 -1.17 -3.55 -11.77
N VAL A 35 -2.28 -4.00 -11.20
CA VAL A 35 -3.13 -4.98 -11.84
C VAL A 35 -3.53 -4.52 -13.24
N ASP A 36 -3.30 -5.39 -14.20
CA ASP A 36 -3.87 -5.21 -15.51
C ASP A 36 -5.32 -5.60 -15.42
N ALA A 37 -6.20 -4.61 -15.39
CA ALA A 37 -7.61 -4.85 -15.15
C ALA A 37 -8.23 -5.62 -16.31
N VAL A 38 -7.49 -5.80 -17.38
CA VAL A 38 -7.93 -6.67 -18.46
C VAL A 38 -7.40 -8.09 -18.27
N LYS A 39 -6.26 -8.20 -17.61
CA LYS A 39 -5.57 -9.47 -17.50
C LYS A 39 -6.24 -10.36 -16.46
N LEU A 40 -6.63 -9.76 -15.35
CA LEU A 40 -7.36 -10.47 -14.31
C LEU A 40 -8.85 -10.52 -14.63
N ASN A 41 -9.20 -10.02 -15.81
CA ASN A 41 -10.59 -9.90 -16.26
C ASN A 41 -11.39 -9.07 -15.27
N LEU A 42 -11.06 -7.80 -15.25
CA LEU A 42 -11.67 -6.87 -14.32
C LEU A 42 -12.35 -5.76 -15.11
N PRO A 43 -13.57 -6.02 -15.59
CA PRO A 43 -14.26 -5.14 -16.52
C PRO A 43 -14.70 -3.83 -15.85
N ASP A 44 -14.76 -3.87 -14.52
CA ASP A 44 -15.21 -2.73 -13.76
C ASP A 44 -14.16 -2.31 -12.74
N TYR A 45 -12.91 -2.73 -12.92
CA TYR A 45 -11.89 -2.46 -11.90
C TYR A 45 -11.63 -0.98 -11.82
N TYR A 46 -11.30 -0.38 -12.95
CA TYR A 46 -11.02 1.05 -12.99
C TYR A 46 -12.34 1.83 -13.01
N LYS A 47 -13.43 1.09 -12.84
CA LYS A 47 -14.76 1.62 -12.69
C LYS A 47 -15.10 1.73 -11.20
N ILE A 48 -15.10 0.56 -10.57
CA ILE A 48 -15.40 0.37 -9.16
C ILE A 48 -14.32 0.93 -8.26
N ILE A 49 -13.10 0.57 -8.57
CA ILE A 49 -11.98 0.90 -7.72
C ILE A 49 -11.74 2.39 -7.71
N LYS A 50 -11.85 2.93 -6.50
CA LYS A 50 -11.56 4.32 -6.20
C LYS A 50 -10.28 4.77 -6.87
N THR A 51 -9.22 4.06 -6.57
CA THR A 51 -7.91 4.36 -7.08
C THR A 51 -7.03 3.14 -6.98
N PRO A 52 -7.00 2.30 -8.02
CA PRO A 52 -6.21 1.08 -8.01
C PRO A 52 -4.78 1.38 -7.58
N MET A 53 -4.39 0.81 -6.46
CA MET A 53 -3.13 1.13 -5.86
C MET A 53 -2.29 -0.12 -5.65
N ASP A 54 -1.01 0.02 -5.90
CA ASP A 54 -0.08 -1.08 -5.80
C ASP A 54 1.17 -0.67 -5.02
N MET A 55 1.80 -1.65 -4.37
CA MET A 55 3.10 -1.50 -3.72
C MET A 55 4.10 -0.79 -4.62
N GLY A 56 3.96 -0.97 -5.93
CA GLY A 56 4.84 -0.30 -6.88
C GLY A 56 4.63 1.20 -6.89
N THR A 57 3.39 1.62 -7.04
CA THR A 57 3.03 3.02 -6.95
C THR A 57 3.31 3.57 -5.55
N ILE A 58 3.17 2.73 -4.55
CA ILE A 58 3.46 3.11 -3.19
C ILE A 58 4.97 3.25 -2.93
N LYS A 59 5.78 2.30 -3.41
CA LYS A 59 7.23 2.40 -3.24
C LYS A 59 7.71 3.62 -4.02
N LYS A 60 6.93 3.93 -5.05
CA LYS A 60 7.15 5.06 -5.93
C LYS A 60 7.12 6.38 -5.15
N ARG A 61 5.99 6.66 -4.53
CA ARG A 61 5.78 7.95 -3.88
C ARG A 61 6.55 8.04 -2.56
N LEU A 62 6.94 6.88 -2.03
CA LEU A 62 7.78 6.82 -0.83
C LEU A 62 9.17 7.36 -1.11
N GLU A 63 9.86 6.71 -2.05
CA GLU A 63 11.23 7.05 -2.34
C GLU A 63 11.34 8.30 -3.22
N ASN A 64 10.25 8.67 -3.87
CA ASN A 64 10.20 9.91 -4.64
C ASN A 64 9.66 11.04 -3.78
N ASN A 65 9.59 10.77 -2.46
CA ASN A 65 9.17 11.73 -1.43
C ASN A 65 7.94 12.54 -1.81
N TYR A 66 6.93 11.88 -2.37
CA TYR A 66 5.65 12.52 -2.62
C TYR A 66 4.82 12.46 -1.34
N TYR A 67 4.99 11.38 -0.59
CA TYR A 67 4.41 11.27 0.74
C TYR A 67 5.06 12.29 1.66
N TRP A 68 4.25 13.12 2.29
CA TRP A 68 4.78 14.09 3.24
C TRP A 68 4.85 13.46 4.63
N ASN A 69 4.04 12.41 4.83
CA ASN A 69 4.05 11.68 6.08
C ASN A 69 3.67 10.22 5.86
N ALA A 70 4.09 9.35 6.77
CA ALA A 70 3.87 7.92 6.64
C ALA A 70 2.39 7.61 6.47
N GLN A 71 1.56 8.26 7.28
CA GLN A 71 0.12 8.02 7.28
C GLN A 71 -0.49 8.07 5.87
N GLU A 72 0.09 8.90 5.00
CA GLU A 72 -0.31 8.93 3.59
C GLU A 72 0.07 7.64 2.88
N CYS A 73 1.31 7.22 3.10
CA CYS A 73 1.80 5.98 2.52
C CYS A 73 1.03 4.79 3.09
N ILE A 74 0.69 4.90 4.36
CA ILE A 74 -0.15 3.96 5.05
C ILE A 74 -1.52 3.91 4.41
N GLN A 75 -2.09 5.08 4.26
CA GLN A 75 -3.35 5.26 3.58
C GLN A 75 -3.32 4.68 2.16
N ASP A 76 -2.15 4.72 1.54
CA ASP A 76 -1.99 4.12 0.21
C ASP A 76 -1.92 2.62 0.32
N PHE A 77 -1.24 2.16 1.36
CA PHE A 77 -1.24 0.74 1.69
C PHE A 77 -2.65 0.29 2.01
N ASN A 78 -3.33 1.10 2.80
CA ASN A 78 -4.72 0.88 3.15
C ASN A 78 -5.56 0.88 1.88
N THR A 79 -5.35 1.92 1.06
CA THR A 79 -5.97 2.03 -0.25
C THR A 79 -5.74 0.75 -1.07
N MET A 80 -4.51 0.30 -1.11
CA MET A 80 -4.11 -0.88 -1.87
C MET A 80 -4.96 -2.09 -1.48
N PHE A 81 -4.97 -2.40 -0.19
CA PHE A 81 -5.75 -3.50 0.34
C PHE A 81 -7.24 -3.24 0.15
N THR A 82 -7.65 -1.98 0.29
CA THR A 82 -9.05 -1.63 0.24
C THR A 82 -9.60 -1.63 -1.19
N ASN A 83 -8.80 -1.28 -2.20
CA ASN A 83 -9.24 -1.49 -3.58
C ASN A 83 -9.55 -2.98 -3.75
N CYS A 84 -8.66 -3.78 -3.21
CA CYS A 84 -8.82 -5.22 -3.24
C CYS A 84 -10.09 -5.65 -2.49
N TYR A 85 -10.54 -4.82 -1.56
CA TYR A 85 -11.78 -5.08 -0.83
C TYR A 85 -12.97 -4.46 -1.57
N ILE A 86 -12.69 -3.32 -2.18
CA ILE A 86 -13.64 -2.57 -2.99
C ILE A 86 -14.16 -3.42 -4.13
N TYR A 87 -13.24 -3.98 -4.90
CA TYR A 87 -13.59 -4.81 -6.03
C TYR A 87 -13.93 -6.22 -5.58
N ASN A 88 -13.03 -6.82 -4.81
CA ASN A 88 -13.17 -8.21 -4.41
C ASN A 88 -13.86 -8.29 -3.07
N LYS A 89 -14.99 -8.95 -3.06
CA LYS A 89 -15.78 -9.10 -1.85
C LYS A 89 -14.95 -9.74 -0.75
N PRO A 90 -15.04 -9.18 0.47
CA PRO A 90 -14.27 -9.62 1.62
C PRO A 90 -14.33 -11.13 1.79
N GLY A 91 -13.21 -11.78 1.53
CA GLY A 91 -13.18 -13.21 1.46
C GLY A 91 -12.68 -13.72 0.13
N ASP A 92 -12.33 -12.80 -0.77
CA ASP A 92 -11.69 -13.21 -2.02
C ASP A 92 -10.22 -13.41 -1.78
N ASP A 93 -9.61 -14.35 -2.47
CA ASP A 93 -8.19 -14.65 -2.28
C ASP A 93 -7.37 -13.37 -2.19
N ILE A 94 -7.56 -12.48 -3.16
CA ILE A 94 -6.79 -11.23 -3.19
C ILE A 94 -7.07 -10.35 -1.97
N VAL A 95 -8.33 -10.25 -1.53
CA VAL A 95 -8.60 -9.52 -0.29
C VAL A 95 -7.95 -10.25 0.85
N LEU A 96 -8.10 -11.56 0.86
CA LEU A 96 -7.50 -12.41 1.88
C LEU A 96 -5.99 -12.20 1.94
N MET A 97 -5.38 -12.08 0.78
CA MET A 97 -3.97 -11.81 0.67
C MET A 97 -3.67 -10.41 1.16
N ALA A 98 -4.48 -9.46 0.74
CA ALA A 98 -4.38 -8.09 1.21
C ALA A 98 -4.58 -8.03 2.71
N GLU A 99 -5.50 -8.84 3.20
CA GLU A 99 -5.81 -8.90 4.61
C GLU A 99 -4.62 -9.43 5.42
N ALA A 100 -3.86 -10.37 4.84
CA ALA A 100 -2.65 -10.86 5.49
C ALA A 100 -1.52 -9.84 5.36
N LEU A 101 -1.58 -9.04 4.30
CA LEU A 101 -0.65 -7.96 4.09
C LEU A 101 -1.01 -6.77 4.97
N GLU A 102 -2.27 -6.64 5.32
CA GLU A 102 -2.70 -5.60 6.24
C GLU A 102 -2.08 -5.83 7.59
N LYS A 103 -2.31 -6.99 8.17
CA LYS A 103 -1.76 -7.29 9.48
C LYS A 103 -0.24 -7.28 9.44
N LEU A 104 0.33 -7.44 8.25
CA LEU A 104 1.78 -7.38 8.06
C LEU A 104 2.24 -5.92 7.91
N PHE A 105 1.59 -5.19 7.02
CA PHE A 105 1.86 -3.77 6.87
C PHE A 105 1.61 -3.07 8.20
N LEU A 106 0.43 -3.28 8.74
CA LEU A 106 0.02 -2.69 9.99
C LEU A 106 0.84 -3.24 11.16
N GLN A 107 1.46 -4.40 10.96
CA GLN A 107 2.44 -4.93 11.90
C GLN A 107 3.56 -3.93 12.08
N LYS A 108 4.07 -3.51 10.94
CA LYS A 108 5.17 -2.59 10.88
C LYS A 108 4.79 -1.25 11.50
N ILE A 109 3.60 -0.78 11.15
CA ILE A 109 3.13 0.55 11.57
C ILE A 109 2.77 0.51 13.04
N ASN A 110 2.46 -0.68 13.50
CA ASN A 110 2.28 -0.95 14.91
C ASN A 110 3.59 -0.66 15.63
N GLU A 111 4.66 -0.68 14.84
CA GLU A 111 6.00 -0.36 15.33
C GLU A 111 6.59 0.85 14.61
N LEU A 112 5.75 1.61 13.94
CA LEU A 112 6.18 2.78 13.17
C LEU A 112 6.83 3.83 14.07
N PRO A 113 8.11 4.10 13.79
CA PRO A 113 8.94 5.07 14.50
C PRO A 113 8.29 6.42 14.71
N THR A 114 8.93 7.24 15.55
CA THR A 114 8.53 8.60 15.75
C THR A 114 9.56 9.53 15.12
N GLU A 115 9.25 10.81 15.02
CA GLU A 115 10.21 11.76 14.48
C GLU A 115 11.09 12.32 15.59
N GLU A 116 12.25 11.72 15.78
CA GLU A 116 13.25 12.26 16.67
C GLU A 116 13.81 13.55 16.11
N PRO A 1 5.09 28.06 5.65
CA PRO A 1 4.23 28.31 6.83
C PRO A 1 3.09 27.30 6.92
N ASN A 2 2.46 26.98 5.80
CA ASN A 2 1.34 26.05 5.79
C ASN A 2 1.76 24.67 5.30
N LYS A 3 2.83 24.62 4.52
CA LYS A 3 3.33 23.35 3.99
C LYS A 3 3.97 22.52 5.09
N PRO A 4 3.42 21.33 5.36
CA PRO A 4 3.93 20.43 6.40
C PRO A 4 5.28 19.84 6.01
N LYS A 5 6.06 19.44 7.01
CA LYS A 5 7.35 18.80 6.77
C LYS A 5 7.13 17.32 6.50
N ARG A 6 7.90 16.79 5.55
CA ARG A 6 7.81 15.39 5.18
C ARG A 6 8.41 14.52 6.28
N GLN A 7 7.54 13.84 7.03
CA GLN A 7 7.97 12.97 8.13
C GLN A 7 8.68 11.75 7.58
N THR A 8 9.98 11.88 7.42
CA THR A 8 10.74 10.96 6.60
C THR A 8 11.03 9.63 7.28
N ASN A 9 11.21 9.60 8.59
CA ASN A 9 11.70 8.37 9.22
C ASN A 9 10.60 7.30 9.33
N GLN A 10 9.35 7.74 9.46
CA GLN A 10 8.21 6.84 9.40
C GLN A 10 7.95 6.40 7.98
N LEU A 11 8.05 7.36 7.09
CA LEU A 11 7.97 7.12 5.66
C LEU A 11 9.12 6.23 5.20
N GLN A 12 10.29 6.50 5.74
CA GLN A 12 11.44 5.63 5.60
C GLN A 12 11.07 4.24 6.03
N TYR A 13 10.65 4.09 7.27
CA TYR A 13 10.20 2.81 7.79
C TYR A 13 9.19 2.17 6.84
N LEU A 14 8.14 2.90 6.52
CA LEU A 14 7.15 2.47 5.55
C LEU A 14 7.77 2.00 4.21
N LEU A 15 8.87 2.62 3.82
CA LEU A 15 9.59 2.26 2.59
C LEU A 15 10.57 1.10 2.87
N ARG A 16 11.44 1.31 3.84
CA ARG A 16 12.54 0.40 4.15
C ARG A 16 12.01 -0.96 4.58
N VAL A 17 11.30 -0.97 5.71
CA VAL A 17 10.77 -2.19 6.28
C VAL A 17 9.43 -2.56 5.66
N VAL A 18 8.40 -1.75 5.89
CA VAL A 18 7.04 -2.06 5.44
C VAL A 18 6.98 -2.44 3.96
N LEU A 19 7.29 -1.48 3.10
CA LEU A 19 7.26 -1.66 1.65
C LEU A 19 7.98 -2.95 1.26
N LYS A 20 9.20 -3.10 1.76
CA LYS A 20 10.03 -4.25 1.46
C LYS A 20 9.41 -5.52 2.04
N THR A 21 8.91 -5.42 3.26
CA THR A 21 8.36 -6.54 3.99
C THR A 21 7.09 -7.04 3.30
N LEU A 22 6.24 -6.11 2.91
CA LEU A 22 5.07 -6.42 2.12
C LEU A 22 5.50 -6.96 0.78
N TRP A 23 6.37 -6.21 0.12
CA TRP A 23 6.87 -6.54 -1.22
C TRP A 23 7.26 -8.03 -1.36
N LYS A 24 7.74 -8.58 -0.25
CA LYS A 24 8.33 -9.92 -0.23
C LYS A 24 7.30 -10.97 0.09
N HIS A 25 6.12 -10.51 0.45
CA HIS A 25 5.08 -11.36 0.99
C HIS A 25 4.55 -12.34 -0.04
N GLN A 26 4.01 -13.46 0.44
CA GLN A 26 3.30 -14.41 -0.42
C GLN A 26 2.22 -13.70 -1.21
N PHE A 27 1.68 -12.67 -0.61
CA PHE A 27 0.48 -12.03 -1.11
C PHE A 27 0.76 -10.70 -1.79
N ALA A 28 2.02 -10.28 -1.80
CA ALA A 28 2.36 -8.98 -2.36
C ALA A 28 2.28 -8.99 -3.88
N TRP A 29 2.18 -10.19 -4.49
CA TRP A 29 2.36 -10.34 -5.95
C TRP A 29 1.49 -9.36 -6.78
N PRO A 30 0.19 -9.14 -6.42
CA PRO A 30 -0.67 -8.29 -7.23
C PRO A 30 -0.56 -6.83 -6.84
N PHE A 31 0.16 -6.60 -5.77
CA PHE A 31 0.35 -5.28 -5.25
C PHE A 31 1.71 -4.75 -5.70
N GLN A 32 2.71 -5.63 -5.77
CA GLN A 32 4.03 -5.24 -6.24
C GLN A 32 3.93 -4.60 -7.63
N GLN A 33 2.88 -5.01 -8.34
CA GLN A 33 2.63 -4.52 -9.68
C GLN A 33 1.22 -3.99 -9.80
N PRO A 34 1.00 -3.14 -10.80
CA PRO A 34 -0.31 -2.60 -11.08
C PRO A 34 -1.14 -3.58 -11.88
N VAL A 35 -2.28 -3.93 -11.33
CA VAL A 35 -3.16 -4.88 -11.97
C VAL A 35 -3.55 -4.40 -13.36
N ASP A 36 -3.37 -5.27 -14.32
CA ASP A 36 -3.94 -5.06 -15.63
C ASP A 36 -5.39 -5.50 -15.56
N ALA A 37 -6.29 -4.53 -15.47
CA ALA A 37 -7.70 -4.83 -15.24
C ALA A 37 -8.27 -5.64 -16.41
N VAL A 38 -7.58 -5.63 -17.54
CA VAL A 38 -7.91 -6.53 -18.63
C VAL A 38 -7.37 -7.93 -18.36
N LYS A 39 -6.12 -7.99 -17.93
CA LYS A 39 -5.42 -9.25 -17.74
C LYS A 39 -6.15 -10.16 -16.75
N LEU A 40 -6.39 -9.64 -15.54
CA LEU A 40 -7.10 -10.41 -14.51
C LEU A 40 -8.58 -10.56 -14.84
N ASN A 41 -8.98 -9.93 -15.94
CA ASN A 41 -10.36 -9.86 -16.39
C ASN A 41 -11.22 -9.19 -15.33
N LEU A 42 -11.02 -7.89 -15.24
CA LEU A 42 -11.69 -7.07 -14.25
C LEU A 42 -12.49 -6.01 -14.98
N PRO A 43 -13.68 -6.38 -15.46
CA PRO A 43 -14.46 -5.58 -16.40
C PRO A 43 -14.91 -4.24 -15.80
N ASP A 44 -14.99 -4.18 -14.49
CA ASP A 44 -15.47 -2.99 -13.82
C ASP A 44 -14.45 -2.48 -12.81
N TYR A 45 -13.19 -2.91 -12.93
CA TYR A 45 -12.17 -2.56 -11.93
C TYR A 45 -12.00 -1.07 -11.86
N TYR A 46 -11.72 -0.46 -12.99
CA TYR A 46 -11.43 0.96 -13.02
C TYR A 46 -12.73 1.77 -13.01
N LYS A 47 -13.84 1.07 -12.82
CA LYS A 47 -15.13 1.70 -12.54
C LYS A 47 -15.38 1.71 -11.04
N ILE A 48 -15.37 0.51 -10.48
CA ILE A 48 -15.64 0.25 -9.08
C ILE A 48 -14.56 0.81 -8.18
N ILE A 49 -13.32 0.55 -8.55
CA ILE A 49 -12.20 0.86 -7.71
C ILE A 49 -11.96 2.35 -7.63
N LYS A 50 -12.09 2.84 -6.40
CA LYS A 50 -11.80 4.22 -6.05
C LYS A 50 -10.48 4.66 -6.63
N THR A 51 -9.45 3.89 -6.33
CA THR A 51 -8.12 4.17 -6.77
C THR A 51 -7.30 2.87 -6.73
N PRO A 52 -7.15 2.20 -7.87
CA PRO A 52 -6.33 1.02 -7.96
C PRO A 52 -4.90 1.37 -7.54
N MET A 53 -4.43 0.75 -6.48
CA MET A 53 -3.15 1.11 -5.88
C MET A 53 -2.30 -0.12 -5.69
N ASP A 54 -1.02 0.03 -5.95
CA ASP A 54 -0.07 -1.06 -5.86
C ASP A 54 1.18 -0.65 -5.07
N MET A 55 1.79 -1.64 -4.40
CA MET A 55 3.08 -1.50 -3.73
C MET A 55 4.11 -0.82 -4.64
N GLY A 56 3.96 -1.03 -5.94
CA GLY A 56 4.86 -0.40 -6.89
C GLY A 56 4.69 1.10 -6.91
N THR A 57 3.45 1.54 -7.02
CA THR A 57 3.13 2.97 -6.95
C THR A 57 3.43 3.51 -5.56
N ILE A 58 3.18 2.71 -4.55
CA ILE A 58 3.46 3.10 -3.20
C ILE A 58 4.96 3.22 -2.92
N LYS A 59 5.76 2.27 -3.42
CA LYS A 59 7.20 2.37 -3.26
C LYS A 59 7.69 3.64 -3.97
N LYS A 60 6.96 4.04 -5.02
CA LYS A 60 7.26 5.24 -5.78
C LYS A 60 7.21 6.47 -4.89
N ARG A 61 6.01 6.77 -4.40
CA ARG A 61 5.76 8.02 -3.70
C ARG A 61 6.50 8.07 -2.35
N LEU A 62 6.91 6.90 -1.87
CA LEU A 62 7.73 6.83 -0.66
C LEU A 62 9.14 7.31 -0.93
N GLU A 63 9.79 6.69 -1.92
CA GLU A 63 11.16 7.01 -2.23
C GLU A 63 11.29 8.33 -2.99
N ASN A 64 10.23 8.71 -3.69
CA ASN A 64 10.21 9.98 -4.40
C ASN A 64 9.62 11.09 -3.53
N ASN A 65 9.62 10.84 -2.22
CA ASN A 65 9.18 11.81 -1.19
C ASN A 65 7.91 12.56 -1.57
N TYR A 66 6.95 11.84 -2.12
CA TYR A 66 5.67 12.43 -2.47
C TYR A 66 4.76 12.41 -1.25
N TYR A 67 4.90 11.38 -0.43
CA TYR A 67 4.23 11.30 0.84
C TYR A 67 4.80 12.35 1.79
N TRP A 68 3.94 13.13 2.42
CA TRP A 68 4.38 14.11 3.38
C TRP A 68 4.47 13.50 4.77
N ASN A 69 3.85 12.34 4.94
CA ASN A 69 3.90 11.63 6.19
C ASN A 69 3.56 10.17 5.99
N ALA A 70 4.06 9.30 6.86
CA ALA A 70 3.86 7.86 6.71
C ALA A 70 2.39 7.55 6.55
N GLN A 71 1.55 8.19 7.35
CA GLN A 71 0.11 7.97 7.33
C GLN A 71 -0.48 8.04 5.91
N GLU A 72 0.09 8.89 5.05
CA GLU A 72 -0.34 8.95 3.66
C GLU A 72 0.08 7.69 2.91
N CYS A 73 1.30 7.25 3.16
CA CYS A 73 1.79 6.02 2.57
C CYS A 73 0.99 4.84 3.10
N ILE A 74 0.61 4.94 4.36
CA ILE A 74 -0.24 3.97 5.01
C ILE A 74 -1.60 3.95 4.36
N GLN A 75 -2.18 5.12 4.23
CA GLN A 75 -3.43 5.31 3.52
C GLN A 75 -3.37 4.70 2.12
N ASP A 76 -2.21 4.75 1.49
CA ASP A 76 -2.02 4.16 0.15
C ASP A 76 -1.95 2.66 0.27
N PHE A 77 -1.30 2.20 1.32
CA PHE A 77 -1.28 0.79 1.64
C PHE A 77 -2.68 0.31 1.94
N ASN A 78 -3.38 1.10 2.74
CA ASN A 78 -4.76 0.84 3.07
C ASN A 78 -5.59 0.86 1.79
N THR A 79 -5.37 1.90 0.99
CA THR A 79 -5.98 2.03 -0.33
C THR A 79 -5.74 0.78 -1.19
N MET A 80 -4.51 0.29 -1.15
CA MET A 80 -4.11 -0.88 -1.90
C MET A 80 -4.95 -2.09 -1.50
N PHE A 81 -4.98 -2.38 -0.22
CA PHE A 81 -5.76 -3.48 0.31
C PHE A 81 -7.25 -3.21 0.11
N THR A 82 -7.65 -1.94 0.21
CA THR A 82 -9.05 -1.57 0.11
C THR A 82 -9.57 -1.62 -1.33
N ASN A 83 -8.77 -1.27 -2.34
CA ASN A 83 -9.23 -1.51 -3.72
C ASN A 83 -9.44 -3.01 -3.91
N CYS A 84 -8.61 -3.80 -3.27
CA CYS A 84 -8.78 -5.23 -3.29
C CYS A 84 -10.05 -5.66 -2.54
N TYR A 85 -10.50 -4.82 -1.62
CA TYR A 85 -11.74 -5.08 -0.87
C TYR A 85 -12.94 -4.50 -1.62
N ILE A 86 -12.72 -3.32 -2.16
CA ILE A 86 -13.69 -2.59 -2.96
C ILE A 86 -14.21 -3.43 -4.11
N TYR A 87 -13.29 -4.01 -4.85
CA TYR A 87 -13.63 -4.85 -5.97
C TYR A 87 -13.99 -6.25 -5.51
N ASN A 88 -13.05 -6.89 -4.83
CA ASN A 88 -13.21 -8.26 -4.40
C ASN A 88 -13.83 -8.31 -3.02
N LYS A 89 -15.02 -8.87 -2.96
CA LYS A 89 -15.78 -8.94 -1.73
C LYS A 89 -14.98 -9.63 -0.65
N PRO A 90 -15.05 -9.07 0.57
CA PRO A 90 -14.29 -9.53 1.72
C PRO A 90 -14.36 -11.04 1.89
N GLY A 91 -13.23 -11.70 1.62
CA GLY A 91 -13.21 -13.14 1.57
C GLY A 91 -12.73 -13.65 0.23
N ASP A 92 -12.37 -12.74 -0.68
CA ASP A 92 -11.77 -13.14 -1.94
C ASP A 92 -10.29 -13.32 -1.72
N ASP A 93 -9.67 -14.25 -2.43
CA ASP A 93 -8.27 -14.56 -2.22
C ASP A 93 -7.45 -13.27 -2.16
N ILE A 94 -7.62 -12.38 -3.14
CA ILE A 94 -6.86 -11.14 -3.17
C ILE A 94 -7.10 -10.28 -1.93
N VAL A 95 -8.35 -10.20 -1.45
CA VAL A 95 -8.60 -9.48 -0.21
C VAL A 95 -7.96 -10.23 0.93
N LEU A 96 -8.11 -11.54 0.91
CA LEU A 96 -7.51 -12.41 1.92
C LEU A 96 -6.00 -12.24 1.95
N MET A 97 -5.42 -12.05 0.78
CA MET A 97 -4.01 -11.80 0.65
C MET A 97 -3.68 -10.40 1.15
N ALA A 98 -4.49 -9.43 0.74
CA ALA A 98 -4.38 -8.07 1.21
C ALA A 98 -4.56 -8.01 2.72
N GLU A 99 -5.49 -8.82 3.23
CA GLU A 99 -5.77 -8.89 4.64
C GLU A 99 -4.58 -9.42 5.43
N ALA A 100 -3.81 -10.35 4.83
CA ALA A 100 -2.60 -10.86 5.44
C ALA A 100 -1.47 -9.83 5.31
N LEU A 101 -1.57 -9.00 4.28
CA LEU A 101 -0.63 -7.92 4.09
C LEU A 101 -0.97 -6.74 4.97
N GLU A 102 -2.24 -6.59 5.32
CA GLU A 102 -2.63 -5.55 6.25
C GLU A 102 -2.04 -5.84 7.60
N LYS A 103 -2.24 -7.05 8.11
CA LYS A 103 -1.72 -7.40 9.41
C LYS A 103 -0.20 -7.34 9.41
N LEU A 104 0.39 -7.47 8.22
CA LEU A 104 1.84 -7.39 8.05
C LEU A 104 2.29 -5.93 7.91
N PHE A 105 1.64 -5.19 7.03
CA PHE A 105 1.90 -3.78 6.90
C PHE A 105 1.65 -3.08 8.22
N LEU A 106 0.46 -3.30 8.74
CA LEU A 106 0.04 -2.71 10.01
C LEU A 106 0.84 -3.29 11.17
N GLN A 107 1.47 -4.44 10.95
CA GLN A 107 2.47 -4.97 11.87
C GLN A 107 3.58 -3.95 12.04
N LYS A 108 4.11 -3.55 10.90
CA LYS A 108 5.21 -2.62 10.85
C LYS A 108 4.81 -1.28 11.45
N ILE A 109 3.62 -0.81 11.10
CA ILE A 109 3.15 0.51 11.52
C ILE A 109 2.80 0.50 12.99
N ASN A 110 2.47 -0.69 13.46
CA ASN A 110 2.30 -0.94 14.87
C ASN A 110 3.61 -0.66 15.59
N GLU A 111 4.70 -0.71 14.82
CA GLU A 111 6.03 -0.41 15.33
C GLU A 111 6.61 0.83 14.67
N LEU A 112 5.78 1.53 13.89
CA LEU A 112 6.21 2.71 13.16
C LEU A 112 6.82 3.75 14.09
N PRO A 113 8.09 4.09 13.80
CA PRO A 113 8.87 5.10 14.51
C PRO A 113 8.12 6.41 14.75
N THR A 114 8.73 7.24 15.58
CA THR A 114 8.26 8.58 15.83
C THR A 114 9.40 9.57 15.62
N GLU A 115 9.25 10.47 14.65
CA GLU A 115 10.31 11.40 14.30
C GLU A 115 10.84 12.15 15.51
N GLU A 116 12.16 12.32 15.56
CA GLU A 116 12.79 13.09 16.62
C GLU A 116 12.30 14.53 16.59
N PRO A 1 6.04 24.86 10.98
CA PRO A 1 5.07 25.69 10.24
C PRO A 1 5.69 26.19 8.95
N ASN A 2 4.94 26.98 8.19
CA ASN A 2 5.43 27.59 6.94
C ASN A 2 5.62 26.53 5.86
N LYS A 3 6.66 25.73 6.00
CA LYS A 3 6.94 24.66 5.06
C LYS A 3 6.53 23.32 5.66
N PRO A 4 5.64 22.60 4.96
CA PRO A 4 5.20 21.28 5.39
C PRO A 4 6.37 20.29 5.41
N LYS A 5 6.56 19.66 6.54
CA LYS A 5 7.65 18.71 6.68
C LYS A 5 7.36 17.42 5.94
N ARG A 6 8.40 16.66 5.67
CA ARG A 6 8.23 15.34 5.11
C ARG A 6 8.71 14.33 6.13
N GLN A 7 7.76 13.69 6.82
CA GLN A 7 8.04 12.71 7.87
C GLN A 7 8.79 11.53 7.33
N THR A 8 10.08 11.72 7.13
CA THR A 8 10.86 10.83 6.34
C THR A 8 11.22 9.55 7.07
N ASN A 9 11.27 9.56 8.40
CA ASN A 9 11.70 8.35 9.11
C ASN A 9 10.57 7.32 9.19
N GLN A 10 9.34 7.77 9.44
CA GLN A 10 8.19 6.89 9.37
C GLN A 10 7.98 6.41 7.95
N LEU A 11 8.11 7.36 7.02
CA LEU A 11 8.03 7.08 5.60
C LEU A 11 9.19 6.19 5.18
N GLN A 12 10.36 6.46 5.74
CA GLN A 12 11.51 5.57 5.61
C GLN A 12 11.11 4.19 6.04
N TYR A 13 10.69 4.06 7.28
CA TYR A 13 10.21 2.81 7.83
C TYR A 13 9.19 2.16 6.87
N LEU A 14 8.15 2.90 6.56
CA LEU A 14 7.16 2.46 5.58
C LEU A 14 7.78 1.99 4.25
N LEU A 15 8.89 2.60 3.85
CA LEU A 15 9.60 2.25 2.62
C LEU A 15 10.58 1.08 2.87
N ARG A 16 11.41 1.26 3.87
CA ARG A 16 12.48 0.34 4.22
C ARG A 16 11.93 -1.02 4.64
N VAL A 17 11.26 -1.02 5.79
CA VAL A 17 10.73 -2.23 6.37
C VAL A 17 9.39 -2.59 5.75
N VAL A 18 8.36 -1.78 5.97
CA VAL A 18 7.01 -2.07 5.50
C VAL A 18 6.96 -2.45 4.03
N LEU A 19 7.28 -1.48 3.18
CA LEU A 19 7.23 -1.63 1.73
C LEU A 19 7.90 -2.93 1.32
N LYS A 20 9.16 -3.11 1.72
CA LYS A 20 9.90 -4.32 1.38
C LYS A 20 9.28 -5.55 2.02
N THR A 21 8.87 -5.42 3.28
CA THR A 21 8.31 -6.55 4.02
C THR A 21 7.05 -7.04 3.34
N LEU A 22 6.22 -6.11 2.92
CA LEU A 22 5.05 -6.40 2.13
C LEU A 22 5.49 -6.90 0.78
N TRP A 23 6.33 -6.11 0.12
CA TRP A 23 6.83 -6.38 -1.23
C TRP A 23 7.23 -7.86 -1.41
N LYS A 24 7.74 -8.43 -0.34
CA LYS A 24 8.40 -9.74 -0.37
C LYS A 24 7.48 -10.81 0.18
N HIS A 25 6.22 -10.47 0.24
CA HIS A 25 5.22 -11.32 0.83
C HIS A 25 4.66 -12.32 -0.17
N GLN A 26 4.15 -13.43 0.33
CA GLN A 26 3.42 -14.40 -0.50
C GLN A 26 2.30 -13.72 -1.28
N PHE A 27 1.80 -12.67 -0.68
CA PHE A 27 0.60 -12.02 -1.18
C PHE A 27 0.87 -10.69 -1.85
N ALA A 28 2.13 -10.26 -1.87
CA ALA A 28 2.46 -8.97 -2.44
C ALA A 28 2.43 -8.99 -3.97
N TRP A 29 2.30 -10.19 -4.57
CA TRP A 29 2.49 -10.36 -6.03
C TRP A 29 1.64 -9.37 -6.87
N PRO A 30 0.36 -9.06 -6.49
CA PRO A 30 -0.47 -8.16 -7.28
C PRO A 30 -0.27 -6.72 -6.91
N PHE A 31 0.48 -6.51 -5.85
CA PHE A 31 0.68 -5.20 -5.31
C PHE A 31 2.07 -4.68 -5.69
N GLN A 32 3.08 -5.56 -5.69
CA GLN A 32 4.45 -5.18 -6.06
C GLN A 32 4.43 -4.36 -7.34
N GLN A 33 3.68 -4.84 -8.31
CA GLN A 33 3.41 -4.09 -9.52
C GLN A 33 1.91 -3.85 -9.61
N PRO A 34 1.52 -2.70 -10.17
CA PRO A 34 0.13 -2.28 -10.17
C PRO A 34 -0.68 -3.05 -11.19
N VAL A 35 -1.80 -3.59 -10.72
CA VAL A 35 -2.65 -4.44 -11.53
C VAL A 35 -2.95 -3.80 -12.88
N ASP A 36 -2.61 -4.55 -13.92
CA ASP A 36 -3.13 -4.28 -15.23
C ASP A 36 -4.54 -4.83 -15.24
N ALA A 37 -5.54 -3.96 -15.27
CA ALA A 37 -6.92 -4.40 -15.18
C ALA A 37 -7.31 -5.20 -16.42
N VAL A 38 -6.49 -5.13 -17.46
CA VAL A 38 -6.68 -5.99 -18.62
C VAL A 38 -6.03 -7.35 -18.38
N LYS A 39 -5.03 -7.35 -17.52
CA LYS A 39 -4.22 -8.54 -17.28
C LYS A 39 -5.02 -9.58 -16.51
N LEU A 40 -5.48 -9.19 -15.32
CA LEU A 40 -6.27 -10.05 -14.47
C LEU A 40 -7.70 -10.19 -14.98
N ASN A 41 -7.97 -9.54 -16.12
CA ASN A 41 -9.29 -9.50 -16.73
C ASN A 41 -10.29 -8.84 -15.79
N LEU A 42 -10.15 -7.54 -15.66
CA LEU A 42 -10.90 -6.74 -14.72
C LEU A 42 -11.63 -5.64 -15.48
N PRO A 43 -12.82 -5.95 -15.99
CA PRO A 43 -13.57 -5.04 -16.88
C PRO A 43 -14.13 -3.84 -16.13
N ASP A 44 -14.35 -4.01 -14.85
CA ASP A 44 -14.95 -2.97 -14.03
C ASP A 44 -14.01 -2.52 -12.91
N TYR A 45 -12.72 -2.83 -13.04
CA TYR A 45 -11.76 -2.51 -11.99
C TYR A 45 -11.61 -1.00 -11.86
N TYR A 46 -11.30 -0.35 -12.96
CA TYR A 46 -11.07 1.07 -12.93
C TYR A 46 -12.39 1.85 -12.95
N LYS A 47 -13.48 1.08 -12.86
CA LYS A 47 -14.80 1.65 -12.69
C LYS A 47 -15.17 1.64 -11.21
N ILE A 48 -15.05 0.46 -10.63
CA ILE A 48 -15.34 0.23 -9.22
C ILE A 48 -14.30 0.87 -8.32
N ILE A 49 -13.05 0.56 -8.60
CA ILE A 49 -11.97 0.94 -7.74
C ILE A 49 -11.78 2.44 -7.73
N LYS A 50 -11.89 2.97 -6.52
CA LYS A 50 -11.71 4.38 -6.24
C LYS A 50 -10.42 4.92 -6.80
N THR A 51 -9.35 4.22 -6.49
CA THR A 51 -8.03 4.62 -6.89
C THR A 51 -7.08 3.43 -6.84
N PRO A 52 -7.07 2.61 -7.90
CA PRO A 52 -6.23 1.42 -7.95
C PRO A 52 -4.80 1.77 -7.55
N MET A 53 -4.36 1.14 -6.48
CA MET A 53 -3.09 1.45 -5.86
C MET A 53 -2.40 0.17 -5.46
N ASP A 54 -1.14 0.04 -5.81
CA ASP A 54 -0.37 -1.12 -5.43
C ASP A 54 0.99 -0.72 -4.87
N MET A 55 1.70 -1.67 -4.26
CA MET A 55 3.05 -1.44 -3.70
C MET A 55 3.94 -0.72 -4.71
N GLY A 56 3.74 -0.99 -6.00
CA GLY A 56 4.51 -0.31 -7.03
C GLY A 56 4.39 1.20 -6.98
N THR A 57 3.17 1.68 -6.96
CA THR A 57 2.90 3.12 -6.88
C THR A 57 3.23 3.63 -5.48
N ILE A 58 3.01 2.81 -4.47
CA ILE A 58 3.32 3.17 -3.11
C ILE A 58 4.82 3.29 -2.86
N LYS A 59 5.61 2.34 -3.36
CA LYS A 59 7.06 2.42 -3.19
C LYS A 59 7.55 3.63 -3.95
N LYS A 60 6.79 3.94 -5.01
CA LYS A 60 7.05 5.08 -5.89
C LYS A 60 6.99 6.39 -5.10
N ARG A 61 5.86 6.62 -4.43
CA ARG A 61 5.63 7.89 -3.73
C ARG A 61 6.63 8.02 -2.58
N LEU A 62 6.90 6.90 -1.91
CA LEU A 62 7.83 6.86 -0.77
C LEU A 62 9.23 7.31 -1.18
N GLU A 63 9.81 6.62 -2.15
CA GLU A 63 11.18 6.87 -2.56
C GLU A 63 11.29 8.11 -3.44
N ASN A 64 10.15 8.73 -3.77
CA ASN A 64 10.13 9.97 -4.52
C ASN A 64 9.74 11.15 -3.61
N ASN A 65 9.84 10.91 -2.28
CA ASN A 65 9.49 11.91 -1.25
C ASN A 65 8.17 12.62 -1.53
N TYR A 66 7.26 11.92 -2.19
CA TYR A 66 5.97 12.49 -2.52
C TYR A 66 5.05 12.48 -1.30
N TYR A 67 5.14 11.39 -0.54
CA TYR A 67 4.46 11.31 0.75
C TYR A 67 5.03 12.36 1.69
N TRP A 68 4.16 13.15 2.30
CA TRP A 68 4.61 14.14 3.27
C TRP A 68 4.69 13.52 4.65
N ASN A 69 3.98 12.40 4.82
CA ASN A 69 4.01 11.68 6.08
C ASN A 69 3.63 10.22 5.87
N ALA A 70 4.10 9.36 6.76
CA ALA A 70 3.89 7.92 6.63
C ALA A 70 2.40 7.61 6.48
N GLN A 71 1.57 8.31 7.25
CA GLN A 71 0.14 8.06 7.25
C GLN A 71 -0.47 8.09 5.85
N GLU A 72 0.07 8.92 4.96
CA GLU A 72 -0.34 8.92 3.56
C GLU A 72 0.05 7.63 2.87
N CYS A 73 1.28 7.20 3.12
CA CYS A 73 1.78 5.95 2.56
C CYS A 73 1.00 4.78 3.14
N ILE A 74 0.66 4.90 4.40
CA ILE A 74 -0.19 3.96 5.10
C ILE A 74 -1.56 3.93 4.46
N GLN A 75 -2.12 5.11 4.33
CA GLN A 75 -3.39 5.31 3.67
C GLN A 75 -3.38 4.75 2.25
N ASP A 76 -2.21 4.75 1.62
CA ASP A 76 -2.07 4.17 0.29
C ASP A 76 -1.98 2.66 0.38
N PHE A 77 -1.32 2.17 1.42
CA PHE A 77 -1.34 0.76 1.73
C PHE A 77 -2.76 0.33 2.06
N ASN A 78 -3.42 1.16 2.86
CA ASN A 78 -4.82 0.99 3.18
C ASN A 78 -5.63 0.99 1.90
N THR A 79 -5.36 1.98 1.05
CA THR A 79 -5.93 2.07 -0.28
C THR A 79 -5.71 0.77 -1.05
N MET A 80 -4.47 0.32 -1.06
CA MET A 80 -4.06 -0.87 -1.79
C MET A 80 -4.92 -2.07 -1.42
N PHE A 81 -4.96 -2.37 -0.13
CA PHE A 81 -5.75 -3.48 0.39
C PHE A 81 -7.24 -3.21 0.20
N THR A 82 -7.65 -1.96 0.35
CA THR A 82 -9.06 -1.61 0.29
C THR A 82 -9.59 -1.60 -1.15
N ASN A 83 -8.79 -1.21 -2.16
CA ASN A 83 -9.21 -1.43 -3.55
C ASN A 83 -9.50 -2.90 -3.74
N CYS A 84 -8.60 -3.72 -3.22
CA CYS A 84 -8.75 -5.16 -3.28
C CYS A 84 -10.03 -5.61 -2.57
N TYR A 85 -10.50 -4.80 -1.61
CA TYR A 85 -11.75 -5.07 -0.90
C TYR A 85 -12.92 -4.43 -1.64
N ILE A 86 -12.64 -3.29 -2.25
CA ILE A 86 -13.57 -2.52 -3.04
C ILE A 86 -14.06 -3.32 -4.23
N TYR A 87 -13.11 -3.90 -4.94
CA TYR A 87 -13.40 -4.74 -6.06
C TYR A 87 -13.81 -6.12 -5.61
N ASN A 88 -12.88 -6.82 -4.99
CA ASN A 88 -13.08 -8.21 -4.60
C ASN A 88 -13.72 -8.29 -3.23
N LYS A 89 -14.90 -8.89 -3.20
CA LYS A 89 -15.66 -9.04 -1.98
C LYS A 89 -14.84 -9.70 -0.89
N PRO A 90 -14.95 -9.19 0.34
CA PRO A 90 -14.18 -9.67 1.49
C PRO A 90 -14.23 -11.19 1.61
N GLY A 91 -13.10 -11.82 1.36
CA GLY A 91 -13.06 -13.26 1.28
C GLY A 91 -12.54 -13.74 -0.06
N ASP A 92 -12.19 -12.79 -0.93
CA ASP A 92 -11.58 -13.16 -2.19
C ASP A 92 -10.10 -13.33 -1.97
N ASP A 93 -9.47 -14.23 -2.73
CA ASP A 93 -8.06 -14.49 -2.56
C ASP A 93 -7.29 -13.19 -2.42
N ILE A 94 -7.48 -12.26 -3.35
CA ILE A 94 -6.74 -11.01 -3.31
C ILE A 94 -7.00 -10.21 -2.03
N VAL A 95 -8.25 -10.16 -1.58
CA VAL A 95 -8.52 -9.48 -0.32
C VAL A 95 -7.89 -10.27 0.80
N LEU A 96 -8.02 -11.57 0.75
CA LEU A 96 -7.42 -12.48 1.72
C LEU A 96 -5.91 -12.27 1.80
N MET A 97 -5.31 -12.07 0.64
CA MET A 97 -3.89 -11.81 0.54
C MET A 97 -3.59 -10.40 1.06
N ALA A 98 -4.42 -9.44 0.66
CA ALA A 98 -4.34 -8.09 1.16
C ALA A 98 -4.54 -8.07 2.67
N GLU A 99 -5.44 -8.92 3.14
CA GLU A 99 -5.74 -9.02 4.54
C GLU A 99 -4.55 -9.54 5.33
N ALA A 100 -3.76 -10.44 4.73
CA ALA A 100 -2.55 -10.93 5.38
C ALA A 100 -1.44 -9.89 5.28
N LEU A 101 -1.51 -9.09 4.22
CA LEU A 101 -0.59 -7.99 4.05
C LEU A 101 -0.96 -6.81 4.93
N GLU A 102 -2.23 -6.68 5.25
CA GLU A 102 -2.67 -5.64 6.15
C GLU A 102 -2.08 -5.86 7.52
N LYS A 103 -2.33 -7.04 8.08
CA LYS A 103 -1.78 -7.35 9.39
C LYS A 103 -0.26 -7.32 9.38
N LEU A 104 0.33 -7.46 8.19
CA LEU A 104 1.77 -7.38 8.05
C LEU A 104 2.23 -5.92 7.90
N PHE A 105 1.59 -5.18 7.02
CA PHE A 105 1.86 -3.76 6.89
C PHE A 105 1.59 -3.07 8.20
N LEU A 106 0.39 -3.28 8.72
CA LEU A 106 -0.03 -2.69 9.98
C LEU A 106 0.79 -3.25 11.13
N GLN A 107 1.39 -4.42 10.94
CA GLN A 107 2.38 -4.95 11.87
C GLN A 107 3.50 -3.94 12.05
N LYS A 108 4.03 -3.52 10.92
CA LYS A 108 5.14 -2.61 10.88
C LYS A 108 4.76 -1.26 11.48
N ILE A 109 3.57 -0.79 11.15
CA ILE A 109 3.12 0.54 11.57
C ILE A 109 2.76 0.50 13.04
N ASN A 110 2.43 -0.69 13.49
CA ASN A 110 2.29 -0.99 14.90
C ASN A 110 3.62 -0.76 15.60
N GLU A 111 4.69 -0.77 14.80
CA GLU A 111 6.03 -0.50 15.29
C GLU A 111 6.63 0.77 14.66
N LEU A 112 5.81 1.48 13.90
CA LEU A 112 6.22 2.68 13.18
C LEU A 112 6.77 3.76 14.12
N PRO A 113 7.99 4.21 13.80
CA PRO A 113 8.65 5.35 14.46
C PRO A 113 7.77 6.59 14.57
N THR A 114 8.32 7.65 15.16
CA THR A 114 7.60 8.91 15.28
C THR A 114 8.51 10.08 14.91
N GLU A 115 8.08 10.88 13.95
CA GLU A 115 8.87 12.03 13.53
C GLU A 115 8.63 13.22 14.45
N GLU A 116 9.49 13.37 15.44
CA GLU A 116 9.38 14.46 16.39
C GLU A 116 10.02 15.72 15.83
N PRO A 1 10.62 29.21 11.68
CA PRO A 1 10.49 28.03 12.57
C PRO A 1 9.02 27.69 12.78
N ASN A 2 8.31 27.48 11.69
CA ASN A 2 6.89 27.17 11.76
C ASN A 2 6.48 26.21 10.65
N LYS A 3 7.46 25.55 10.08
CA LYS A 3 7.22 24.62 9.00
C LYS A 3 7.45 23.19 9.48
N PRO A 4 6.47 22.31 9.28
CA PRO A 4 6.61 20.90 9.59
C PRO A 4 7.62 20.21 8.67
N LYS A 5 8.12 19.06 9.09
CA LYS A 5 9.05 18.30 8.30
C LYS A 5 8.35 17.10 7.67
N ARG A 6 8.65 16.84 6.40
CA ARG A 6 8.22 15.61 5.76
C ARG A 6 8.72 14.44 6.58
N GLN A 7 7.80 13.72 7.24
CA GLN A 7 8.15 12.69 8.23
C GLN A 7 8.82 11.51 7.57
N THR A 8 10.07 11.69 7.25
CA THR A 8 10.79 10.76 6.43
C THR A 8 11.21 9.52 7.20
N ASN A 9 11.19 9.54 8.52
CA ASN A 9 11.64 8.37 9.28
C ASN A 9 10.55 7.29 9.30
N GLN A 10 9.30 7.70 9.48
CA GLN A 10 8.18 6.79 9.39
C GLN A 10 7.98 6.35 7.96
N LEU A 11 8.10 7.31 7.07
CA LEU A 11 8.04 7.06 5.64
C LEU A 11 9.23 6.22 5.20
N GLN A 12 10.38 6.48 5.80
CA GLN A 12 11.54 5.59 5.67
C GLN A 12 11.12 4.20 6.06
N TYR A 13 10.69 4.03 7.29
CA TYR A 13 10.22 2.75 7.80
C TYR A 13 9.21 2.12 6.85
N LEU A 14 8.16 2.87 6.55
CA LEU A 14 7.17 2.45 5.57
C LEU A 14 7.80 2.01 4.23
N LEU A 15 8.91 2.62 3.86
CA LEU A 15 9.64 2.29 2.63
C LEU A 15 10.62 1.11 2.86
N ARG A 16 11.44 1.27 3.88
CA ARG A 16 12.51 0.35 4.20
C ARG A 16 11.97 -1.01 4.60
N VAL A 17 11.25 -1.03 5.71
CA VAL A 17 10.72 -2.25 6.27
C VAL A 17 9.36 -2.59 5.65
N VAL A 18 8.34 -1.77 5.91
CA VAL A 18 6.99 -2.06 5.45
C VAL A 18 6.94 -2.42 3.97
N LEU A 19 7.31 -1.47 3.14
CA LEU A 19 7.28 -1.61 1.69
C LEU A 19 7.94 -2.91 1.28
N LYS A 20 9.20 -3.10 1.68
CA LYS A 20 9.92 -4.32 1.35
C LYS A 20 9.25 -5.55 1.97
N THR A 21 8.84 -5.43 3.23
CA THR A 21 8.26 -6.53 3.96
C THR A 21 6.98 -7.01 3.28
N LEU A 22 6.20 -6.05 2.81
CA LEU A 22 5.03 -6.34 2.01
C LEU A 22 5.44 -6.83 0.65
N TRP A 23 6.23 -6.02 -0.04
CA TRP A 23 6.70 -6.28 -1.41
C TRP A 23 7.05 -7.74 -1.66
N LYS A 24 7.64 -8.34 -0.65
CA LYS A 24 8.29 -9.65 -0.76
C LYS A 24 7.35 -10.76 -0.32
N HIS A 25 6.19 -10.34 0.16
CA HIS A 25 5.23 -11.22 0.79
C HIS A 25 4.68 -12.27 -0.18
N GLN A 26 4.22 -13.36 0.40
CA GLN A 26 3.50 -14.41 -0.32
C GLN A 26 2.30 -13.82 -1.06
N PHE A 27 1.74 -12.78 -0.50
CA PHE A 27 0.51 -12.19 -1.00
C PHE A 27 0.75 -10.88 -1.75
N ALA A 28 1.99 -10.41 -1.79
CA ALA A 28 2.30 -9.10 -2.37
C ALA A 28 2.24 -9.09 -3.89
N TRP A 29 2.12 -10.27 -4.52
CA TRP A 29 2.26 -10.39 -5.99
C TRP A 29 1.35 -9.41 -6.78
N PRO A 30 0.08 -9.16 -6.36
CA PRO A 30 -0.81 -8.26 -7.09
C PRO A 30 -0.68 -6.83 -6.62
N PHE A 31 0.29 -6.61 -5.74
CA PHE A 31 0.48 -5.31 -5.16
C PHE A 31 1.86 -4.79 -5.52
N GLN A 32 2.89 -5.61 -5.32
CA GLN A 32 4.25 -5.22 -5.71
C GLN A 32 4.29 -4.91 -7.20
N GLN A 33 3.43 -5.60 -7.94
CA GLN A 33 3.18 -5.29 -9.32
C GLN A 33 1.72 -4.87 -9.47
N PRO A 34 1.45 -3.91 -10.35
CA PRO A 34 0.12 -3.37 -10.53
C PRO A 34 -0.73 -4.27 -11.41
N VAL A 35 -1.93 -4.54 -10.93
CA VAL A 35 -2.86 -5.41 -11.62
C VAL A 35 -3.13 -4.91 -13.03
N ASP A 36 -2.97 -5.79 -13.99
CA ASP A 36 -3.50 -5.57 -15.30
C ASP A 36 -4.96 -5.99 -15.26
N ALA A 37 -5.86 -5.01 -15.27
CA ALA A 37 -7.27 -5.29 -15.10
C ALA A 37 -7.81 -6.13 -16.26
N VAL A 38 -7.02 -6.28 -17.31
CA VAL A 38 -7.38 -7.18 -18.41
C VAL A 38 -6.87 -8.58 -18.14
N LYS A 39 -5.83 -8.67 -17.33
CA LYS A 39 -5.12 -9.91 -17.15
C LYS A 39 -5.83 -10.80 -16.13
N LEU A 40 -6.22 -10.19 -15.02
CA LEU A 40 -6.99 -10.89 -13.99
C LEU A 40 -8.46 -10.97 -14.37
N ASN A 41 -8.76 -10.46 -15.58
CA ASN A 41 -10.10 -10.39 -16.11
C ASN A 41 -10.97 -9.54 -15.19
N LEU A 42 -10.71 -8.25 -15.23
CA LEU A 42 -11.36 -7.28 -14.36
C LEU A 42 -12.01 -6.20 -15.21
N PRO A 43 -13.23 -6.45 -15.67
CA PRO A 43 -13.92 -5.59 -16.65
C PRO A 43 -14.24 -4.21 -16.09
N ASP A 44 -14.45 -4.14 -14.79
CA ASP A 44 -14.88 -2.90 -14.16
C ASP A 44 -13.90 -2.48 -13.07
N TYR A 45 -12.66 -2.96 -13.15
CA TYR A 45 -11.69 -2.70 -12.07
C TYR A 45 -11.43 -1.22 -11.96
N TYR A 46 -11.03 -0.61 -13.05
CA TYR A 46 -10.71 0.81 -13.04
C TYR A 46 -11.97 1.66 -13.08
N LYS A 47 -13.12 0.97 -12.97
CA LYS A 47 -14.41 1.61 -12.81
C LYS A 47 -14.78 1.65 -11.33
N ILE A 48 -14.89 0.44 -10.78
CA ILE A 48 -15.24 0.20 -9.39
C ILE A 48 -14.19 0.75 -8.45
N ILE A 49 -12.95 0.39 -8.74
CA ILE A 49 -11.86 0.72 -7.86
C ILE A 49 -11.60 2.21 -7.83
N LYS A 50 -11.77 2.75 -6.63
CA LYS A 50 -11.53 4.14 -6.33
C LYS A 50 -10.22 4.62 -6.91
N THR A 51 -9.17 3.89 -6.61
CA THR A 51 -7.84 4.22 -7.07
C THR A 51 -6.95 3.00 -6.97
N PRO A 52 -6.93 2.17 -8.02
CA PRO A 52 -6.11 0.96 -8.03
C PRO A 52 -4.70 1.29 -7.61
N MET A 53 -4.27 0.72 -6.51
CA MET A 53 -3.01 1.06 -5.91
C MET A 53 -2.16 -0.18 -5.71
N ASP A 54 -0.87 -0.03 -5.94
CA ASP A 54 0.07 -1.12 -5.83
C ASP A 54 1.28 -0.69 -5.01
N MET A 55 1.92 -1.66 -4.36
CA MET A 55 3.18 -1.46 -3.62
C MET A 55 4.21 -0.73 -4.49
N GLY A 56 4.09 -0.88 -5.80
CA GLY A 56 4.99 -0.20 -6.72
C GLY A 56 4.76 1.30 -6.76
N THR A 57 3.50 1.70 -6.91
CA THR A 57 3.14 3.11 -6.85
C THR A 57 3.36 3.65 -5.43
N ILE A 58 3.18 2.81 -4.45
CA ILE A 58 3.46 3.18 -3.08
C ILE A 58 4.96 3.33 -2.82
N LYS A 59 5.78 2.38 -3.29
CA LYS A 59 7.22 2.53 -3.13
C LYS A 59 7.68 3.75 -3.92
N LYS A 60 6.89 4.04 -4.96
CA LYS A 60 7.11 5.17 -5.84
C LYS A 60 7.01 6.48 -5.06
N ARG A 61 5.84 6.71 -4.49
CA ARG A 61 5.55 7.96 -3.79
C ARG A 61 6.40 8.10 -2.52
N LEU A 62 6.73 6.96 -1.90
CA LEU A 62 7.61 6.94 -0.74
C LEU A 62 8.99 7.48 -1.05
N GLU A 63 9.66 6.83 -1.98
CA GLU A 63 11.03 7.18 -2.32
C GLU A 63 11.11 8.48 -3.12
N ASN A 64 9.98 8.95 -3.61
CA ASN A 64 9.92 10.19 -4.37
C ASN A 64 9.40 11.34 -3.48
N ASN A 65 9.46 11.09 -2.16
CA ASN A 65 8.98 12.02 -1.11
C ASN A 65 7.68 12.74 -1.46
N TYR A 66 6.77 12.02 -2.11
CA TYR A 66 5.45 12.57 -2.39
C TYR A 66 4.62 12.57 -1.11
N TYR A 67 4.66 11.45 -0.40
CA TYR A 67 4.08 11.36 0.93
C TYR A 67 4.70 12.41 1.84
N TRP A 68 3.88 13.20 2.50
CA TRP A 68 4.38 14.17 3.46
C TRP A 68 4.57 13.49 4.80
N ASN A 69 3.69 12.55 5.12
CA ASN A 69 3.84 11.75 6.34
C ASN A 69 3.54 10.29 6.05
N ALA A 70 3.97 9.42 6.97
CA ALA A 70 3.80 7.98 6.77
C ALA A 70 2.34 7.61 6.59
N GLN A 71 1.46 8.24 7.36
CA GLN A 71 0.04 7.93 7.31
C GLN A 71 -0.52 7.99 5.88
N GLU A 72 0.05 8.84 5.03
CA GLU A 72 -0.33 8.89 3.62
C GLU A 72 0.11 7.63 2.89
N CYS A 73 1.33 7.21 3.17
CA CYS A 73 1.86 5.98 2.60
C CYS A 73 1.06 4.79 3.12
N ILE A 74 0.68 4.90 4.37
CA ILE A 74 -0.19 3.93 5.02
C ILE A 74 -1.54 3.92 4.35
N GLN A 75 -2.10 5.09 4.21
CA GLN A 75 -3.35 5.31 3.52
C GLN A 75 -3.33 4.75 2.10
N ASP A 76 -2.15 4.75 1.48
CA ASP A 76 -2.01 4.13 0.15
C ASP A 76 -1.92 2.63 0.26
N PHE A 77 -1.26 2.17 1.30
CA PHE A 77 -1.26 0.77 1.64
C PHE A 77 -2.67 0.31 1.95
N ASN A 78 -3.36 1.13 2.72
CA ASN A 78 -4.75 0.91 3.07
C ASN A 78 -5.58 0.92 1.79
N THR A 79 -5.36 1.95 0.97
CA THR A 79 -5.96 2.04 -0.34
C THR A 79 -5.74 0.75 -1.13
N MET A 80 -4.50 0.29 -1.17
CA MET A 80 -4.12 -0.91 -1.91
C MET A 80 -4.97 -2.10 -1.49
N PHE A 81 -5.02 -2.34 -0.20
CA PHE A 81 -5.81 -3.43 0.36
C PHE A 81 -7.30 -3.17 0.16
N THR A 82 -7.70 -1.90 0.25
CA THR A 82 -9.11 -1.53 0.15
C THR A 82 -9.62 -1.63 -1.27
N ASN A 83 -8.82 -1.29 -2.28
CA ASN A 83 -9.24 -1.57 -3.67
C ASN A 83 -9.53 -3.04 -3.79
N CYS A 84 -8.66 -3.83 -3.20
CA CYS A 84 -8.82 -5.27 -3.18
C CYS A 84 -10.10 -5.67 -2.44
N TYR A 85 -10.56 -4.81 -1.53
CA TYR A 85 -11.80 -5.05 -0.79
C TYR A 85 -12.98 -4.44 -1.56
N ILE A 86 -12.66 -3.42 -2.33
CA ILE A 86 -13.60 -2.68 -3.16
C ILE A 86 -14.11 -3.53 -4.31
N TYR A 87 -13.17 -4.11 -5.04
CA TYR A 87 -13.50 -4.95 -6.16
C TYR A 87 -13.83 -6.36 -5.69
N ASN A 88 -13.04 -6.86 -4.76
CA ASN A 88 -13.16 -8.23 -4.30
C ASN A 88 -13.81 -8.25 -2.93
N LYS A 89 -14.97 -8.85 -2.85
CA LYS A 89 -15.72 -8.90 -1.61
C LYS A 89 -14.91 -9.57 -0.52
N PRO A 90 -14.97 -9.00 0.70
CA PRO A 90 -14.19 -9.46 1.85
C PRO A 90 -14.29 -10.96 2.03
N GLY A 91 -13.20 -11.65 1.77
CA GLY A 91 -13.21 -13.09 1.74
C GLY A 91 -12.75 -13.63 0.40
N ASP A 92 -12.39 -12.74 -0.53
CA ASP A 92 -11.82 -13.17 -1.78
C ASP A 92 -10.33 -13.36 -1.59
N ASP A 93 -9.74 -14.30 -2.30
CA ASP A 93 -8.35 -14.65 -2.09
C ASP A 93 -7.48 -13.41 -2.05
N ILE A 94 -7.63 -12.53 -3.04
CA ILE A 94 -6.85 -11.27 -3.08
C ILE A 94 -7.12 -10.39 -1.87
N VAL A 95 -8.36 -10.30 -1.39
CA VAL A 95 -8.61 -9.54 -0.16
C VAL A 95 -7.97 -10.27 0.99
N LEU A 96 -8.11 -11.58 1.00
CA LEU A 96 -7.50 -12.42 2.02
C LEU A 96 -5.98 -12.24 2.03
N MET A 97 -5.44 -12.12 0.84
CA MET A 97 -4.04 -11.80 0.63
C MET A 97 -3.73 -10.40 1.16
N ALA A 98 -4.55 -9.44 0.74
CA ALA A 98 -4.42 -8.06 1.21
C ALA A 98 -4.59 -7.99 2.71
N GLU A 99 -5.51 -8.78 3.24
CA GLU A 99 -5.77 -8.85 4.66
C GLU A 99 -4.56 -9.37 5.42
N ALA A 100 -3.84 -10.34 4.84
CA ALA A 100 -2.63 -10.85 5.46
C ALA A 100 -1.49 -9.84 5.30
N LEU A 101 -1.58 -9.02 4.27
CA LEU A 101 -0.64 -7.94 4.06
C LEU A 101 -1.00 -6.75 4.94
N GLU A 102 -2.27 -6.60 5.29
CA GLU A 102 -2.68 -5.58 6.21
C GLU A 102 -2.09 -5.85 7.56
N LYS A 103 -2.32 -7.04 8.09
CA LYS A 103 -1.80 -7.41 9.39
C LYS A 103 -0.27 -7.34 9.39
N LEU A 104 0.32 -7.49 8.21
CA LEU A 104 1.77 -7.41 8.04
C LEU A 104 2.23 -5.95 7.91
N PHE A 105 1.59 -5.21 7.03
CA PHE A 105 1.87 -3.79 6.90
C PHE A 105 1.60 -3.09 8.21
N LEU A 106 0.43 -3.31 8.75
CA LEU A 106 0.00 -2.72 10.00
C LEU A 106 0.83 -3.25 11.17
N GLN A 107 1.44 -4.43 10.97
CA GLN A 107 2.44 -4.96 11.90
C GLN A 107 3.55 -3.95 12.05
N LYS A 108 4.06 -3.53 10.92
CA LYS A 108 5.16 -2.61 10.86
C LYS A 108 4.78 -1.27 11.46
N ILE A 109 3.59 -0.81 11.15
CA ILE A 109 3.13 0.51 11.58
C ILE A 109 2.81 0.48 13.05
N ASN A 110 2.45 -0.71 13.50
CA ASN A 110 2.33 -1.02 14.91
C ASN A 110 3.68 -0.80 15.60
N GLU A 111 4.74 -0.78 14.80
CA GLU A 111 6.09 -0.54 15.28
C GLU A 111 6.68 0.75 14.70
N LEU A 112 5.86 1.48 13.95
CA LEU A 112 6.29 2.68 13.23
C LEU A 112 6.94 3.73 14.14
N PRO A 113 8.21 4.04 13.81
CA PRO A 113 9.05 5.04 14.50
C PRO A 113 8.37 6.39 14.77
N THR A 114 8.97 7.16 15.65
CA THR A 114 8.56 8.53 15.88
C THR A 114 9.58 9.50 15.29
N GLU A 115 9.18 10.76 15.10
CA GLU A 115 10.05 11.76 14.49
C GLU A 115 11.27 12.05 15.36
N GLU A 116 12.32 12.58 14.73
CA GLU A 116 13.54 12.96 15.43
C GLU A 116 13.21 14.02 16.49
N PRO A 1 5.42 30.83 8.64
CA PRO A 1 6.43 30.15 9.47
C PRO A 1 6.07 28.68 9.68
N ASN A 2 5.62 28.03 8.62
CA ASN A 2 5.16 26.66 8.72
C ASN A 2 5.11 26.00 7.35
N LYS A 3 6.28 25.55 6.89
CA LYS A 3 6.37 24.80 5.64
C LYS A 3 6.15 23.32 5.94
N PRO A 4 5.53 22.59 5.00
CA PRO A 4 5.31 21.15 5.16
C PRO A 4 6.62 20.39 5.21
N LYS A 5 6.87 19.73 6.33
CA LYS A 5 8.08 18.95 6.51
C LYS A 5 7.80 17.49 6.22
N ARG A 6 8.73 16.83 5.57
CA ARG A 6 8.55 15.43 5.21
C ARG A 6 9.00 14.55 6.39
N GLN A 7 8.04 13.84 6.98
CA GLN A 7 8.35 12.94 8.10
C GLN A 7 8.98 11.68 7.58
N THR A 8 10.24 11.81 7.24
CA THR A 8 10.94 10.82 6.46
C THR A 8 11.28 9.57 7.24
N ASN A 9 11.28 9.61 8.56
CA ASN A 9 11.71 8.44 9.33
C ASN A 9 10.62 7.35 9.37
N GLN A 10 9.36 7.75 9.57
CA GLN A 10 8.23 6.84 9.47
C GLN A 10 8.06 6.38 8.04
N LEU A 11 8.14 7.35 7.14
CA LEU A 11 8.07 7.10 5.72
C LEU A 11 9.23 6.24 5.26
N GLN A 12 10.39 6.49 5.85
CA GLN A 12 11.54 5.61 5.71
C GLN A 12 11.12 4.21 6.07
N TYR A 13 10.69 4.03 7.31
CA TYR A 13 10.21 2.75 7.80
C TYR A 13 9.19 2.14 6.84
N LEU A 14 8.15 2.88 6.54
CA LEU A 14 7.15 2.48 5.57
C LEU A 14 7.77 2.03 4.22
N LEU A 15 8.90 2.63 3.86
CA LEU A 15 9.63 2.29 2.63
C LEU A 15 10.61 1.12 2.88
N ARG A 16 11.43 1.28 3.90
CA ARG A 16 12.51 0.35 4.21
C ARG A 16 11.97 -1.01 4.60
N VAL A 17 11.22 -1.03 5.69
CA VAL A 17 10.68 -2.25 6.25
C VAL A 17 9.34 -2.58 5.61
N VAL A 18 8.32 -1.76 5.87
CA VAL A 18 6.97 -2.03 5.41
C VAL A 18 6.92 -2.40 3.93
N LEU A 19 7.30 -1.45 3.09
CA LEU A 19 7.28 -1.61 1.63
C LEU A 19 7.96 -2.91 1.23
N LYS A 20 9.20 -3.10 1.68
CA LYS A 20 9.95 -4.30 1.31
C LYS A 20 9.35 -5.55 1.96
N THR A 21 8.85 -5.40 3.18
CA THR A 21 8.28 -6.51 3.92
C THR A 21 7.00 -6.99 3.24
N LEU A 22 6.18 -6.03 2.83
CA LEU A 22 5.00 -6.32 2.05
C LEU A 22 5.41 -6.83 0.70
N TRP A 23 6.26 -6.07 0.02
CA TRP A 23 6.74 -6.39 -1.32
C TRP A 23 7.12 -7.86 -1.45
N LYS A 24 7.71 -8.38 -0.39
CA LYS A 24 8.35 -9.69 -0.38
C LYS A 24 7.40 -10.76 0.13
N HIS A 25 6.16 -10.37 0.23
CA HIS A 25 5.14 -11.23 0.83
C HIS A 25 4.61 -12.22 -0.18
N GLN A 26 4.17 -13.35 0.33
CA GLN A 26 3.48 -14.38 -0.45
C GLN A 26 2.28 -13.77 -1.19
N PHE A 27 1.70 -12.76 -0.58
CA PHE A 27 0.47 -12.16 -1.09
C PHE A 27 0.72 -10.84 -1.79
N ALA A 28 1.97 -10.38 -1.80
CA ALA A 28 2.28 -9.07 -2.38
C ALA A 28 2.19 -9.07 -3.91
N TRP A 29 2.04 -10.24 -4.52
CA TRP A 29 2.19 -10.38 -5.98
C TRP A 29 1.29 -9.42 -6.79
N PRO A 30 0.01 -9.16 -6.39
CA PRO A 30 -0.88 -8.29 -7.16
C PRO A 30 -0.73 -6.85 -6.75
N PHE A 31 0.14 -6.64 -5.79
CA PHE A 31 0.38 -5.34 -5.24
C PHE A 31 1.77 -4.86 -5.67
N GLN A 32 2.74 -5.76 -5.70
CA GLN A 32 4.08 -5.44 -6.21
C GLN A 32 3.96 -4.79 -7.58
N GLN A 33 3.07 -5.37 -8.38
CA GLN A 33 2.79 -4.88 -9.72
C GLN A 33 1.31 -4.59 -9.87
N PRO A 34 1.01 -3.52 -10.59
CA PRO A 34 -0.34 -3.03 -10.76
C PRO A 34 -1.17 -3.97 -11.61
N VAL A 35 -2.33 -4.34 -11.08
CA VAL A 35 -3.21 -5.28 -11.72
C VAL A 35 -3.56 -4.82 -13.13
N ASP A 36 -3.32 -5.70 -14.08
CA ASP A 36 -3.87 -5.54 -15.40
C ASP A 36 -5.32 -5.97 -15.34
N ALA A 37 -6.22 -5.00 -15.30
CA ALA A 37 -7.63 -5.29 -15.06
C ALA A 37 -8.24 -6.06 -16.23
N VAL A 38 -7.51 -6.19 -17.33
CA VAL A 38 -7.94 -7.06 -18.41
C VAL A 38 -7.38 -8.47 -18.22
N LYS A 39 -6.29 -8.57 -17.46
CA LYS A 39 -5.56 -9.81 -17.34
C LYS A 39 -6.20 -10.72 -16.31
N LEU A 40 -6.47 -10.16 -15.13
CA LEU A 40 -7.20 -10.89 -14.09
C LEU A 40 -8.68 -11.01 -14.44
N ASN A 41 -9.03 -10.48 -15.62
CA ASN A 41 -10.40 -10.41 -16.10
C ASN A 41 -11.23 -9.61 -15.11
N LEU A 42 -10.97 -8.33 -15.07
CA LEU A 42 -11.61 -7.42 -14.15
C LEU A 42 -12.33 -6.34 -14.94
N PRO A 43 -13.52 -6.65 -15.43
CA PRO A 43 -14.23 -5.80 -16.38
C PRO A 43 -14.68 -4.49 -15.76
N ASP A 44 -14.77 -4.47 -14.44
CA ASP A 44 -15.28 -3.30 -13.74
C ASP A 44 -14.27 -2.78 -12.73
N TYR A 45 -13.01 -3.23 -12.81
CA TYR A 45 -12.01 -2.88 -11.80
C TYR A 45 -11.78 -1.38 -11.79
N TYR A 46 -11.34 -0.85 -12.92
CA TYR A 46 -11.04 0.57 -13.02
C TYR A 46 -12.32 1.39 -13.08
N LYS A 47 -13.45 0.70 -12.93
CA LYS A 47 -14.76 1.34 -12.82
C LYS A 47 -15.12 1.49 -11.35
N ILE A 48 -15.09 0.35 -10.67
CA ILE A 48 -15.43 0.23 -9.26
C ILE A 48 -14.38 0.86 -8.37
N ILE A 49 -13.14 0.52 -8.65
CA ILE A 49 -12.06 0.84 -7.77
C ILE A 49 -11.80 2.33 -7.71
N LYS A 50 -11.91 2.85 -6.50
CA LYS A 50 -11.59 4.22 -6.17
C LYS A 50 -10.27 4.62 -6.80
N THR A 51 -9.26 3.85 -6.47
CA THR A 51 -7.92 4.06 -6.97
C THR A 51 -7.12 2.77 -6.85
N PRO A 52 -7.01 2.04 -7.95
CA PRO A 52 -6.19 0.83 -7.98
C PRO A 52 -4.76 1.19 -7.59
N MET A 53 -4.30 0.62 -6.51
CA MET A 53 -3.02 0.99 -5.94
C MET A 53 -2.15 -0.23 -5.75
N ASP A 54 -0.87 -0.06 -6.01
CA ASP A 54 0.08 -1.15 -5.92
C ASP A 54 1.31 -0.72 -5.11
N MET A 55 1.92 -1.69 -4.43
CA MET A 55 3.20 -1.53 -3.74
C MET A 55 4.21 -0.82 -4.62
N GLY A 56 4.09 -1.00 -5.93
CA GLY A 56 4.97 -0.31 -6.87
C GLY A 56 4.76 1.19 -6.86
N THR A 57 3.51 1.60 -7.02
CA THR A 57 3.15 3.01 -6.94
C THR A 57 3.46 3.56 -5.56
N ILE A 58 3.26 2.75 -4.55
CA ILE A 58 3.54 3.14 -3.20
C ILE A 58 5.04 3.28 -2.93
N LYS A 59 5.85 2.35 -3.44
CA LYS A 59 7.28 2.47 -3.29
C LYS A 59 7.75 3.75 -4.00
N LYS A 60 6.96 4.15 -5.03
CA LYS A 60 7.24 5.37 -5.79
C LYS A 60 7.15 6.59 -4.89
N ARG A 61 5.94 6.86 -4.40
CA ARG A 61 5.67 8.09 -3.67
C ARG A 61 6.51 8.16 -2.39
N LEU A 62 6.88 7.00 -1.86
CA LEU A 62 7.75 6.93 -0.68
C LEU A 62 9.15 7.45 -0.98
N GLU A 63 9.82 6.82 -1.93
CA GLU A 63 11.20 7.14 -2.23
C GLU A 63 11.31 8.43 -3.05
N ASN A 64 10.24 8.79 -3.72
CA ASN A 64 10.21 10.03 -4.50
C ASN A 64 9.71 11.18 -3.63
N ASN A 65 9.78 10.97 -2.30
CA ASN A 65 9.40 11.97 -1.28
C ASN A 65 8.09 12.68 -1.62
N TYR A 66 7.16 11.95 -2.19
CA TYR A 66 5.85 12.49 -2.53
C TYR A 66 4.97 12.44 -1.29
N TYR A 67 5.11 11.37 -0.51
CA TYR A 67 4.49 11.29 0.79
C TYR A 67 5.12 12.30 1.72
N TRP A 68 4.30 13.15 2.32
CA TRP A 68 4.80 14.10 3.30
C TRP A 68 4.81 13.46 4.67
N ASN A 69 3.90 12.51 4.88
CA ASN A 69 3.83 11.81 6.16
C ASN A 69 3.55 10.33 5.94
N ALA A 70 3.92 9.52 6.93
CA ALA A 70 3.80 8.07 6.78
C ALA A 70 2.34 7.66 6.62
N GLN A 71 1.44 8.31 7.37
CA GLN A 71 0.03 7.98 7.31
C GLN A 71 -0.51 8.04 5.87
N GLU A 72 0.06 8.93 5.05
CA GLU A 72 -0.29 9.01 3.64
C GLU A 72 0.14 7.74 2.91
N CYS A 73 1.35 7.31 3.19
CA CYS A 73 1.88 6.07 2.63
C CYS A 73 1.08 4.89 3.14
N ILE A 74 0.65 5.00 4.38
CA ILE A 74 -0.17 4.00 5.03
C ILE A 74 -1.52 3.92 4.36
N GLN A 75 -2.14 5.07 4.20
CA GLN A 75 -3.41 5.19 3.50
C GLN A 75 -3.33 4.61 2.10
N ASP A 76 -2.17 4.68 1.47
CA ASP A 76 -1.98 4.09 0.15
C ASP A 76 -1.85 2.60 0.28
N PHE A 77 -1.24 2.18 1.36
CA PHE A 77 -1.15 0.78 1.69
C PHE A 77 -2.54 0.24 2.00
N ASN A 78 -3.29 1.03 2.76
CA ASN A 78 -4.66 0.72 3.07
C ASN A 78 -5.48 0.75 1.78
N THR A 79 -5.14 1.69 0.91
CA THR A 79 -5.81 1.85 -0.38
C THR A 79 -5.58 0.64 -1.25
N MET A 80 -4.38 0.09 -1.14
CA MET A 80 -4.00 -1.11 -1.83
C MET A 80 -4.93 -2.25 -1.45
N PHE A 81 -4.97 -2.53 -0.17
CA PHE A 81 -5.78 -3.60 0.37
C PHE A 81 -7.25 -3.28 0.18
N THR A 82 -7.60 -2.00 0.30
CA THR A 82 -9.00 -1.59 0.18
C THR A 82 -9.48 -1.63 -1.27
N ASN A 83 -8.66 -1.30 -2.27
CA ASN A 83 -9.11 -1.48 -3.66
C ASN A 83 -9.35 -2.96 -3.92
N CYS A 84 -8.63 -3.79 -3.20
CA CYS A 84 -8.83 -5.22 -3.23
C CYS A 84 -10.09 -5.61 -2.46
N TYR A 85 -10.51 -4.76 -1.53
CA TYR A 85 -11.74 -5.01 -0.77
C TYR A 85 -12.94 -4.40 -1.51
N ILE A 86 -12.71 -3.21 -2.04
CA ILE A 86 -13.66 -2.47 -2.85
C ILE A 86 -14.23 -3.33 -3.96
N TYR A 87 -13.33 -3.92 -4.73
CA TYR A 87 -13.70 -4.79 -5.81
C TYR A 87 -14.09 -6.16 -5.29
N ASN A 88 -13.17 -6.77 -4.58
CA ASN A 88 -13.31 -8.15 -4.14
C ASN A 88 -13.90 -8.18 -2.75
N LYS A 89 -15.11 -8.72 -2.66
CA LYS A 89 -15.83 -8.78 -1.41
C LYS A 89 -15.02 -9.54 -0.38
N PRO A 90 -15.00 -9.04 0.88
CA PRO A 90 -14.24 -9.63 1.97
C PRO A 90 -14.37 -11.14 2.02
N GLY A 91 -13.28 -11.82 1.73
CA GLY A 91 -13.30 -13.27 1.60
C GLY A 91 -12.82 -13.72 0.25
N ASP A 92 -12.48 -12.79 -0.63
CA ASP A 92 -11.86 -13.16 -1.89
C ASP A 92 -10.39 -13.35 -1.66
N ASP A 93 -9.78 -14.27 -2.39
CA ASP A 93 -8.37 -14.58 -2.18
C ASP A 93 -7.54 -13.32 -2.11
N ILE A 94 -7.72 -12.41 -3.05
CA ILE A 94 -6.95 -11.16 -3.08
C ILE A 94 -7.21 -10.31 -1.84
N VAL A 95 -8.45 -10.24 -1.36
CA VAL A 95 -8.71 -9.54 -0.11
C VAL A 95 -8.05 -10.29 1.01
N LEU A 96 -8.19 -11.61 0.99
CA LEU A 96 -7.57 -12.49 1.98
C LEU A 96 -6.06 -12.29 1.99
N MET A 97 -5.51 -12.08 0.81
CA MET A 97 -4.10 -11.83 0.64
C MET A 97 -3.75 -10.43 1.15
N ALA A 98 -4.59 -9.47 0.77
CA ALA A 98 -4.47 -8.12 1.26
C ALA A 98 -4.64 -8.07 2.78
N GLU A 99 -5.57 -8.87 3.27
CA GLU A 99 -5.82 -8.98 4.68
C GLU A 99 -4.59 -9.48 5.44
N ALA A 100 -3.84 -10.41 4.85
CA ALA A 100 -2.61 -10.89 5.47
C ALA A 100 -1.50 -9.85 5.32
N LEU A 101 -1.57 -9.05 4.26
CA LEU A 101 -0.65 -7.95 4.05
C LEU A 101 -1.01 -6.77 4.94
N GLU A 102 -2.28 -6.66 5.31
CA GLU A 102 -2.70 -5.63 6.22
C GLU A 102 -2.05 -5.84 7.55
N LYS A 103 -2.27 -6.99 8.14
CA LYS A 103 -1.72 -7.27 9.45
C LYS A 103 -0.20 -7.31 9.40
N LEU A 104 0.36 -7.43 8.19
CA LEU A 104 1.79 -7.37 7.99
C LEU A 104 2.26 -5.93 7.84
N PHE A 105 1.60 -5.18 6.98
CA PHE A 105 1.86 -3.76 6.83
C PHE A 105 1.61 -3.07 8.17
N LEU A 106 0.42 -3.28 8.69
CA LEU A 106 0.00 -2.71 9.96
C LEU A 106 0.82 -3.28 11.11
N GLN A 107 1.43 -4.44 10.89
CA GLN A 107 2.43 -4.98 11.82
C GLN A 107 3.54 -3.97 12.00
N LYS A 108 4.05 -3.53 10.87
CA LYS A 108 5.15 -2.60 10.83
C LYS A 108 4.77 -1.27 11.45
N ILE A 109 3.59 -0.79 11.12
CA ILE A 109 3.13 0.53 11.55
C ILE A 109 2.77 0.49 13.02
N ASN A 110 2.45 -0.71 13.47
CA ASN A 110 2.26 -0.99 14.87
C ASN A 110 3.59 -0.78 15.59
N GLU A 111 4.67 -0.77 14.81
CA GLU A 111 6.00 -0.50 15.31
C GLU A 111 6.64 0.71 14.61
N LEU A 112 5.81 1.51 13.94
CA LEU A 112 6.27 2.68 13.20
C LEU A 112 6.96 3.68 14.12
N PRO A 113 8.24 3.95 13.81
CA PRO A 113 9.11 4.90 14.53
C PRO A 113 8.45 6.23 14.86
N THR A 114 8.97 6.86 15.89
CA THR A 114 8.55 8.20 16.27
C THR A 114 9.62 9.21 15.85
N GLU A 115 9.15 10.35 15.35
CA GLU A 115 10.03 11.41 14.83
C GLU A 115 11.13 11.80 15.81
N GLU A 116 12.33 11.92 15.31
CA GLU A 116 13.45 12.43 16.08
C GLU A 116 13.32 13.94 16.23
N PRO A 1 2.00 27.56 9.29
CA PRO A 1 1.86 27.72 7.83
C PRO A 1 3.12 28.33 7.23
N ASN A 2 4.21 27.58 7.28
CA ASN A 2 5.48 28.09 6.80
C ASN A 2 6.31 26.98 6.15
N LYS A 3 6.82 26.08 6.97
CA LYS A 3 7.68 25.03 6.48
C LYS A 3 7.32 23.68 7.10
N PRO A 4 6.56 22.86 6.35
CA PRO A 4 6.17 21.53 6.80
C PRO A 4 7.29 20.51 6.60
N LYS A 5 7.58 19.75 7.64
CA LYS A 5 8.63 18.74 7.57
C LYS A 5 8.10 17.46 6.96
N ARG A 6 8.81 16.92 5.97
CA ARG A 6 8.47 15.61 5.45
C ARG A 6 8.88 14.57 6.48
N GLN A 7 7.88 13.95 7.13
CA GLN A 7 8.13 12.97 8.18
C GLN A 7 8.78 11.73 7.59
N THR A 8 10.07 11.81 7.43
CA THR A 8 10.80 10.89 6.59
C THR A 8 11.11 9.58 7.27
N ASN A 9 11.27 9.56 8.59
CA ASN A 9 11.71 8.33 9.25
C ASN A 9 10.58 7.29 9.29
N GLN A 10 9.35 7.74 9.49
CA GLN A 10 8.19 6.85 9.38
C GLN A 10 8.01 6.40 7.95
N LEU A 11 8.09 7.36 7.05
CA LEU A 11 8.01 7.12 5.63
C LEU A 11 9.15 6.23 5.17
N GLN A 12 10.31 6.48 5.74
CA GLN A 12 11.46 5.61 5.60
C GLN A 12 11.07 4.22 6.00
N TYR A 13 10.65 4.06 7.25
CA TYR A 13 10.19 2.79 7.79
C TYR A 13 9.18 2.15 6.83
N LEU A 14 8.13 2.89 6.52
CA LEU A 14 7.14 2.46 5.56
C LEU A 14 7.74 1.99 4.21
N LEU A 15 8.87 2.57 3.84
CA LEU A 15 9.58 2.24 2.60
C LEU A 15 10.58 1.08 2.84
N ARG A 16 11.42 1.26 3.85
CA ARG A 16 12.49 0.34 4.16
C ARG A 16 11.95 -1.02 4.60
N VAL A 17 11.24 -1.00 5.73
CA VAL A 17 10.70 -2.22 6.31
C VAL A 17 9.36 -2.58 5.68
N VAL A 18 8.33 -1.76 5.90
CA VAL A 18 6.99 -2.07 5.43
C VAL A 18 6.94 -2.44 3.95
N LEU A 19 7.29 -1.48 3.10
CA LEU A 19 7.28 -1.65 1.65
C LEU A 19 7.96 -2.95 1.25
N LYS A 20 9.20 -3.14 1.68
CA LYS A 20 9.94 -4.35 1.36
C LYS A 20 9.31 -5.58 1.99
N THR A 21 8.82 -5.43 3.21
CA THR A 21 8.26 -6.53 3.95
C THR A 21 6.97 -7.02 3.28
N LEU A 22 6.17 -6.08 2.84
CA LEU A 22 4.99 -6.38 2.06
C LEU A 22 5.40 -6.89 0.72
N TRP A 23 6.24 -6.12 0.05
CA TRP A 23 6.70 -6.39 -1.32
C TRP A 23 7.04 -7.86 -1.55
N LYS A 24 7.64 -8.46 -0.55
CA LYS A 24 8.25 -9.78 -0.69
C LYS A 24 7.27 -10.86 -0.27
N HIS A 25 6.12 -10.42 0.21
CA HIS A 25 5.13 -11.29 0.80
C HIS A 25 4.58 -12.28 -0.20
N GLN A 26 4.19 -13.44 0.31
CA GLN A 26 3.49 -14.48 -0.44
C GLN A 26 2.26 -13.90 -1.14
N PHE A 27 1.72 -12.85 -0.56
CA PHE A 27 0.51 -12.24 -1.04
C PHE A 27 0.74 -10.90 -1.76
N ALA A 28 1.98 -10.45 -1.82
CA ALA A 28 2.30 -9.15 -2.40
C ALA A 28 2.23 -9.17 -3.92
N TRP A 29 2.12 -10.37 -4.52
CA TRP A 29 2.28 -10.54 -5.98
C TRP A 29 1.38 -9.58 -6.81
N PRO A 30 0.11 -9.31 -6.41
CA PRO A 30 -0.78 -8.46 -7.21
C PRO A 30 -0.64 -7.00 -6.83
N PHE A 31 0.19 -6.75 -5.85
CA PHE A 31 0.36 -5.41 -5.33
C PHE A 31 1.76 -4.90 -5.67
N GLN A 32 2.76 -5.78 -5.71
CA GLN A 32 4.11 -5.38 -6.13
C GLN A 32 4.03 -4.63 -7.47
N GLN A 33 3.20 -5.16 -8.34
CA GLN A 33 2.96 -4.58 -9.65
C GLN A 33 1.48 -4.29 -9.80
N PRO A 34 1.16 -3.26 -10.57
CA PRO A 34 -0.21 -2.77 -10.71
C PRO A 34 -1.04 -3.65 -11.61
N VAL A 35 -2.17 -4.09 -11.07
CA VAL A 35 -3.09 -4.95 -11.80
C VAL A 35 -3.46 -4.36 -13.15
N ASP A 36 -3.29 -5.16 -14.18
CA ASP A 36 -3.91 -4.87 -15.46
C ASP A 36 -5.33 -5.36 -15.39
N ALA A 37 -6.28 -4.43 -15.36
CA ALA A 37 -7.66 -4.79 -15.12
C ALA A 37 -8.24 -5.59 -16.30
N VAL A 38 -7.53 -5.61 -17.42
CA VAL A 38 -7.91 -6.48 -18.52
C VAL A 38 -7.33 -7.86 -18.34
N LYS A 39 -6.25 -7.93 -17.57
CA LYS A 39 -5.47 -9.15 -17.47
C LYS A 39 -6.11 -10.11 -16.47
N LEU A 40 -6.48 -9.59 -15.30
CA LEU A 40 -7.19 -10.39 -14.30
C LEU A 40 -8.67 -10.50 -14.65
N ASN A 41 -9.04 -9.91 -15.79
CA ASN A 41 -10.42 -9.88 -16.25
C ASN A 41 -11.28 -9.10 -15.25
N LEU A 42 -11.07 -7.80 -15.24
CA LEU A 42 -11.70 -6.92 -14.27
C LEU A 42 -12.44 -5.82 -15.02
N PRO A 43 -13.68 -6.11 -15.43
CA PRO A 43 -14.46 -5.24 -16.32
C PRO A 43 -14.80 -3.90 -15.68
N ASP A 44 -14.89 -3.89 -14.36
CA ASP A 44 -15.28 -2.69 -13.64
C ASP A 44 -14.23 -2.30 -12.61
N TYR A 45 -12.98 -2.73 -12.81
CA TYR A 45 -11.95 -2.47 -11.80
C TYR A 45 -11.70 -0.99 -11.71
N TYR A 46 -11.35 -0.39 -12.82
CA TYR A 46 -11.05 1.03 -12.86
C TYR A 46 -12.35 1.83 -12.86
N LYS A 47 -13.45 1.10 -12.72
CA LYS A 47 -14.77 1.66 -12.57
C LYS A 47 -15.11 1.77 -11.09
N ILE A 48 -15.07 0.61 -10.45
CA ILE A 48 -15.37 0.43 -9.02
C ILE A 48 -14.29 1.02 -8.14
N ILE A 49 -13.07 0.58 -8.38
CA ILE A 49 -11.97 0.90 -7.52
C ILE A 49 -11.74 2.40 -7.46
N LYS A 50 -11.74 2.88 -6.21
CA LYS A 50 -11.49 4.27 -5.91
C LYS A 50 -10.24 4.76 -6.60
N THR A 51 -9.17 4.05 -6.36
CA THR A 51 -7.87 4.43 -6.89
C THR A 51 -6.95 3.22 -6.87
N PRO A 52 -6.99 2.39 -7.92
CA PRO A 52 -6.18 1.18 -7.98
C PRO A 52 -4.74 1.46 -7.63
N MET A 53 -4.28 0.82 -6.57
CA MET A 53 -3.00 1.15 -5.98
C MET A 53 -2.18 -0.12 -5.76
N ASP A 54 -0.89 0.00 -5.98
CA ASP A 54 0.02 -1.11 -5.85
C ASP A 54 1.26 -0.71 -5.04
N MET A 55 1.89 -1.69 -4.40
CA MET A 55 3.17 -1.53 -3.70
C MET A 55 4.18 -0.81 -4.58
N GLY A 56 4.09 -1.02 -5.89
CA GLY A 56 4.99 -0.36 -6.82
C GLY A 56 4.78 1.14 -6.83
N THR A 57 3.55 1.56 -7.01
CA THR A 57 3.19 2.97 -6.95
C THR A 57 3.45 3.54 -5.56
N ILE A 58 3.21 2.72 -4.54
CA ILE A 58 3.44 3.13 -3.19
C ILE A 58 4.93 3.31 -2.90
N LYS A 59 5.78 2.38 -3.38
CA LYS A 59 7.20 2.55 -3.18
C LYS A 59 7.67 3.80 -3.91
N LYS A 60 6.93 4.17 -4.99
CA LYS A 60 7.24 5.37 -5.78
C LYS A 60 7.19 6.61 -4.91
N ARG A 61 6.01 6.86 -4.36
CA ARG A 61 5.76 8.12 -3.66
C ARG A 61 6.54 8.18 -2.35
N LEU A 62 6.96 7.01 -1.87
CA LEU A 62 7.84 6.93 -0.70
C LEU A 62 9.25 7.38 -1.05
N GLU A 63 9.86 6.64 -1.96
CA GLU A 63 11.25 6.87 -2.34
C GLU A 63 11.44 8.17 -3.11
N ASN A 64 10.35 8.76 -3.57
CA ASN A 64 10.39 10.03 -4.28
C ASN A 64 9.85 11.17 -3.40
N ASN A 65 9.74 10.87 -2.10
CA ASN A 65 9.29 11.83 -1.07
C ASN A 65 8.04 12.61 -1.50
N TYR A 66 7.15 11.94 -2.22
CA TYR A 66 5.88 12.53 -2.59
C TYR A 66 4.96 12.50 -1.37
N TYR A 67 5.12 11.45 -0.57
CA TYR A 67 4.47 11.37 0.72
C TYR A 67 5.08 12.40 1.67
N TRP A 68 4.24 13.20 2.29
CA TRP A 68 4.69 14.15 3.28
C TRP A 68 4.71 13.48 4.66
N ASN A 69 3.86 12.48 4.82
CA ASN A 69 3.79 11.75 6.07
C ASN A 69 3.54 10.28 5.83
N ALA A 70 3.95 9.44 6.78
CA ALA A 70 3.81 8.00 6.65
C ALA A 70 2.34 7.63 6.49
N GLN A 71 1.48 8.29 7.26
CA GLN A 71 0.05 8.02 7.22
C GLN A 71 -0.50 8.06 5.79
N GLU A 72 0.07 8.91 4.94
CA GLU A 72 -0.30 8.97 3.53
C GLU A 72 0.11 7.69 2.81
N CYS A 73 1.32 7.25 3.09
CA CYS A 73 1.83 6.01 2.53
C CYS A 73 1.03 4.83 3.09
N ILE A 74 0.68 4.93 4.35
CA ILE A 74 -0.19 3.98 5.01
C ILE A 74 -1.54 3.97 4.36
N GLN A 75 -2.08 5.15 4.20
CA GLN A 75 -3.33 5.37 3.50
C GLN A 75 -3.29 4.79 2.09
N ASP A 76 -2.12 4.77 1.48
CA ASP A 76 -1.96 4.15 0.15
C ASP A 76 -1.90 2.65 0.27
N PHE A 77 -1.24 2.18 1.31
CA PHE A 77 -1.26 0.77 1.64
C PHE A 77 -2.68 0.35 1.97
N ASN A 78 -3.34 1.19 2.75
CA ASN A 78 -4.75 1.03 3.08
C ASN A 78 -5.55 1.02 1.79
N THR A 79 -5.29 2.02 0.97
CA THR A 79 -5.85 2.09 -0.37
C THR A 79 -5.65 0.78 -1.12
N MET A 80 -4.42 0.31 -1.15
CA MET A 80 -4.05 -0.90 -1.87
C MET A 80 -4.91 -2.09 -1.42
N PHE A 81 -4.90 -2.34 -0.11
CA PHE A 81 -5.67 -3.43 0.47
C PHE A 81 -7.16 -3.21 0.28
N THR A 82 -7.60 -1.97 0.42
CA THR A 82 -9.02 -1.66 0.36
C THR A 82 -9.54 -1.65 -1.07
N ASN A 83 -8.73 -1.25 -2.07
CA ASN A 83 -9.15 -1.45 -3.45
C ASN A 83 -9.47 -2.91 -3.65
N CYS A 84 -8.64 -3.79 -3.08
CA CYS A 84 -8.94 -5.21 -3.15
C CYS A 84 -10.32 -5.46 -2.55
N TYR A 85 -10.60 -4.82 -1.43
CA TYR A 85 -11.84 -5.05 -0.69
C TYR A 85 -13.00 -4.37 -1.40
N ILE A 86 -12.66 -3.32 -2.12
CA ILE A 86 -13.58 -2.53 -2.92
C ILE A 86 -14.11 -3.34 -4.09
N TYR A 87 -13.20 -3.95 -4.82
CA TYR A 87 -13.57 -4.79 -5.94
C TYR A 87 -13.93 -6.19 -5.47
N ASN A 88 -12.96 -6.84 -4.83
CA ASN A 88 -13.13 -8.19 -4.32
C ASN A 88 -13.69 -8.14 -2.92
N LYS A 89 -14.93 -8.57 -2.78
CA LYS A 89 -15.61 -8.51 -1.49
C LYS A 89 -14.82 -9.26 -0.44
N PRO A 90 -14.74 -8.69 0.78
CA PRO A 90 -13.95 -9.21 1.88
C PRO A 90 -14.16 -10.71 2.06
N GLY A 91 -13.11 -11.47 1.80
CA GLY A 91 -13.21 -12.91 1.77
C GLY A 91 -12.78 -13.46 0.42
N ASP A 92 -12.35 -12.58 -0.49
CA ASP A 92 -11.83 -13.03 -1.75
C ASP A 92 -10.35 -13.30 -1.58
N ASP A 93 -9.82 -14.30 -2.27
CA ASP A 93 -8.44 -14.71 -2.06
C ASP A 93 -7.50 -13.52 -2.08
N ILE A 94 -7.62 -12.67 -3.10
CA ILE A 94 -6.81 -11.45 -3.20
C ILE A 94 -6.98 -10.57 -1.96
N VAL A 95 -8.19 -10.49 -1.41
CA VAL A 95 -8.37 -9.70 -0.19
C VAL A 95 -7.81 -10.46 0.98
N LEU A 96 -8.02 -11.75 0.98
CA LEU A 96 -7.42 -12.61 1.99
C LEU A 96 -5.91 -12.48 1.96
N MET A 97 -5.40 -12.20 0.78
CA MET A 97 -4.00 -11.92 0.59
C MET A 97 -3.67 -10.51 1.08
N ALA A 98 -4.48 -9.54 0.64
CA ALA A 98 -4.34 -8.16 1.09
C ALA A 98 -4.50 -8.05 2.59
N GLU A 99 -5.38 -8.88 3.14
CA GLU A 99 -5.63 -8.92 4.56
C GLU A 99 -4.42 -9.44 5.33
N ALA A 100 -3.73 -10.45 4.78
CA ALA A 100 -2.50 -10.93 5.39
C ALA A 100 -1.40 -9.90 5.24
N LEU A 101 -1.53 -9.06 4.22
CA LEU A 101 -0.63 -7.95 3.99
C LEU A 101 -1.01 -6.78 4.89
N GLU A 102 -2.29 -6.63 5.20
CA GLU A 102 -2.72 -5.59 6.11
C GLU A 102 -2.13 -5.83 7.47
N LYS A 103 -2.36 -7.02 8.00
CA LYS A 103 -1.82 -7.37 9.31
C LYS A 103 -0.30 -7.31 9.31
N LEU A 104 0.30 -7.47 8.13
CA LEU A 104 1.75 -7.39 7.98
C LEU A 104 2.20 -5.93 7.85
N PHE A 105 1.55 -5.18 6.98
CA PHE A 105 1.83 -3.76 6.85
C PHE A 105 1.56 -3.07 8.17
N LEU A 106 0.38 -3.29 8.70
CA LEU A 106 -0.03 -2.69 9.96
C LEU A 106 0.81 -3.23 11.11
N GLN A 107 1.41 -4.39 10.91
CA GLN A 107 2.39 -4.94 11.85
C GLN A 107 3.51 -3.93 12.03
N LYS A 108 4.02 -3.51 10.89
CA LYS A 108 5.13 -2.58 10.84
C LYS A 108 4.75 -1.25 11.45
N ILE A 109 3.57 -0.77 11.12
CA ILE A 109 3.12 0.56 11.54
C ILE A 109 2.78 0.52 13.02
N ASN A 110 2.41 -0.66 13.47
CA ASN A 110 2.26 -0.95 14.88
C ASN A 110 3.59 -0.71 15.59
N GLU A 111 4.66 -0.72 14.81
CA GLU A 111 5.99 -0.43 15.31
C GLU A 111 6.58 0.84 14.68
N LEU A 112 5.77 1.52 13.88
CA LEU A 112 6.18 2.72 13.16
C LEU A 112 6.75 3.78 14.10
N PRO A 113 8.02 4.15 13.82
CA PRO A 113 8.75 5.20 14.54
C PRO A 113 7.94 6.47 14.74
N THR A 114 8.32 7.25 15.74
CA THR A 114 7.72 8.56 15.95
C THR A 114 8.65 9.68 15.47
N GLU A 115 8.23 10.36 14.41
CA GLU A 115 9.04 11.41 13.80
C GLU A 115 9.24 12.59 14.74
N GLU A 116 10.44 13.16 14.71
CA GLU A 116 10.78 14.30 15.53
C GLU A 116 10.03 15.54 15.05
N PRO A 1 12.58 26.32 3.14
CA PRO A 1 13.09 26.21 1.75
C PRO A 1 14.30 25.28 1.68
N ASN A 2 15.01 25.15 2.79
CA ASN A 2 16.16 24.26 2.87
C ASN A 2 15.76 22.89 3.36
N LYS A 3 15.11 22.86 4.52
CA LYS A 3 14.65 21.62 5.11
C LYS A 3 13.16 21.46 4.88
N PRO A 4 12.77 20.57 3.95
CA PRO A 4 11.38 20.33 3.62
C PRO A 4 10.64 19.67 4.77
N LYS A 5 9.39 20.07 4.97
CA LYS A 5 8.56 19.45 5.99
C LYS A 5 8.04 18.11 5.48
N ARG A 6 8.70 17.05 5.88
CA ARG A 6 8.35 15.71 5.43
C ARG A 6 8.78 14.70 6.48
N GLN A 7 7.81 14.06 7.12
CA GLN A 7 8.11 13.10 8.18
C GLN A 7 8.74 11.85 7.58
N THR A 8 10.05 11.89 7.50
CA THR A 8 10.78 10.97 6.68
C THR A 8 11.07 9.65 7.38
N ASN A 9 11.15 9.64 8.69
CA ASN A 9 11.59 8.42 9.37
C ASN A 9 10.50 7.35 9.38
N GLN A 10 9.26 7.74 9.64
CA GLN A 10 8.13 6.83 9.49
C GLN A 10 7.97 6.40 8.06
N LEU A 11 8.04 7.38 7.17
CA LEU A 11 7.99 7.15 5.73
C LEU A 11 9.16 6.26 5.29
N GLN A 12 10.31 6.53 5.86
CA GLN A 12 11.47 5.67 5.72
C GLN A 12 11.08 4.26 6.09
N TYR A 13 10.65 4.08 7.32
CA TYR A 13 10.20 2.79 7.80
C TYR A 13 9.19 2.16 6.84
N LEU A 14 8.14 2.90 6.56
CA LEU A 14 7.15 2.49 5.58
C LEU A 14 7.77 2.05 4.23
N LEU A 15 8.87 2.68 3.84
CA LEU A 15 9.61 2.34 2.62
C LEU A 15 10.59 1.18 2.87
N ARG A 16 11.43 1.36 3.87
CA ARG A 16 12.52 0.43 4.17
C ARG A 16 11.98 -0.94 4.57
N VAL A 17 11.23 -0.95 5.67
CA VAL A 17 10.72 -2.19 6.24
C VAL A 17 9.36 -2.55 5.62
N VAL A 18 8.35 -1.74 5.87
CA VAL A 18 6.99 -2.04 5.41
C VAL A 18 6.94 -2.40 3.93
N LEU A 19 7.28 -1.43 3.08
CA LEU A 19 7.26 -1.60 1.64
C LEU A 19 7.95 -2.91 1.25
N LYS A 20 9.19 -3.06 1.70
CA LYS A 20 9.99 -4.24 1.37
C LYS A 20 9.38 -5.50 1.97
N THR A 21 8.87 -5.38 3.18
CA THR A 21 8.31 -6.50 3.90
C THR A 21 7.05 -7.00 3.21
N LEU A 22 6.19 -6.06 2.86
CA LEU A 22 5.02 -6.36 2.07
C LEU A 22 5.43 -6.88 0.73
N TRP A 23 6.31 -6.11 0.08
CA TRP A 23 6.81 -6.42 -1.26
C TRP A 23 7.18 -7.90 -1.44
N LYS A 24 7.71 -8.47 -0.39
CA LYS A 24 8.30 -9.80 -0.41
C LYS A 24 7.27 -10.86 -0.11
N HIS A 25 6.12 -10.41 0.33
CA HIS A 25 5.10 -11.28 0.87
C HIS A 25 4.56 -12.25 -0.17
N GLN A 26 4.14 -13.41 0.32
CA GLN A 26 3.44 -14.39 -0.48
C GLN A 26 2.23 -13.76 -1.18
N PHE A 27 1.70 -12.74 -0.55
CA PHE A 27 0.48 -12.10 -1.01
C PHE A 27 0.74 -10.79 -1.74
N ALA A 28 1.99 -10.35 -1.77
CA ALA A 28 2.32 -9.06 -2.38
C ALA A 28 2.23 -9.10 -3.91
N TRP A 29 2.06 -10.31 -4.49
CA TRP A 29 2.21 -10.50 -5.94
C TRP A 29 1.35 -9.53 -6.78
N PRO A 30 0.07 -9.23 -6.41
CA PRO A 30 -0.79 -8.36 -7.20
C PRO A 30 -0.62 -6.91 -6.82
N PHE A 31 0.24 -6.69 -5.85
CA PHE A 31 0.45 -5.37 -5.32
C PHE A 31 1.82 -4.85 -5.75
N GLN A 32 2.81 -5.73 -5.80
CA GLN A 32 4.15 -5.33 -6.27
C GLN A 32 4.03 -4.65 -7.62
N GLN A 33 3.22 -5.25 -8.48
CA GLN A 33 2.91 -4.69 -9.78
C GLN A 33 1.43 -4.36 -9.88
N PRO A 34 1.10 -3.31 -10.62
CA PRO A 34 -0.26 -2.82 -10.71
C PRO A 34 -1.10 -3.69 -11.62
N VAL A 35 -2.22 -4.13 -11.08
CA VAL A 35 -3.13 -5.02 -11.78
C VAL A 35 -3.48 -4.47 -13.16
N ASP A 36 -3.18 -5.26 -14.17
CA ASP A 36 -3.78 -5.06 -15.46
C ASP A 36 -5.20 -5.54 -15.37
N ALA A 37 -6.14 -4.62 -15.38
CA ALA A 37 -7.53 -4.97 -15.17
C ALA A 37 -8.05 -5.80 -16.35
N VAL A 38 -7.32 -5.82 -17.44
CA VAL A 38 -7.66 -6.71 -18.55
C VAL A 38 -7.08 -8.10 -18.31
N LYS A 39 -6.03 -8.15 -17.51
CA LYS A 39 -5.30 -9.38 -17.30
C LYS A 39 -6.07 -10.32 -16.37
N LEU A 40 -6.42 -9.81 -15.19
CA LEU A 40 -7.20 -10.56 -14.22
C LEU A 40 -8.67 -10.64 -14.62
N ASN A 41 -8.97 -10.08 -15.81
CA ASN A 41 -10.32 -10.02 -16.34
C ASN A 41 -11.22 -9.24 -15.40
N LEU A 42 -10.96 -7.95 -15.35
CA LEU A 42 -11.61 -7.04 -14.43
C LEU A 42 -12.31 -5.93 -15.21
N PRO A 43 -13.54 -6.20 -15.66
CA PRO A 43 -14.26 -5.33 -16.59
C PRO A 43 -14.62 -3.99 -15.95
N ASP A 44 -14.74 -3.98 -14.64
CA ASP A 44 -15.21 -2.80 -13.93
C ASP A 44 -14.20 -2.35 -12.89
N TYR A 45 -12.96 -2.83 -12.99
CA TYR A 45 -11.95 -2.56 -11.95
C TYR A 45 -11.71 -1.06 -11.85
N TYR A 46 -11.38 -0.45 -12.96
CA TYR A 46 -11.05 0.96 -12.97
C TYR A 46 -12.32 1.81 -12.95
N LYS A 47 -13.45 1.13 -12.82
CA LYS A 47 -14.75 1.75 -12.62
C LYS A 47 -15.09 1.79 -11.14
N ILE A 48 -15.04 0.61 -10.54
CA ILE A 48 -15.36 0.37 -9.15
C ILE A 48 -14.30 0.93 -8.23
N ILE A 49 -13.06 0.56 -8.52
CA ILE A 49 -11.95 0.87 -7.65
C ILE A 49 -11.72 2.36 -7.58
N LYS A 50 -11.76 2.84 -6.33
CA LYS A 50 -11.49 4.23 -5.99
C LYS A 50 -10.25 4.73 -6.70
N THR A 51 -9.17 4.01 -6.47
CA THR A 51 -7.88 4.34 -7.03
C THR A 51 -6.98 3.12 -6.98
N PRO A 52 -6.98 2.30 -8.04
CA PRO A 52 -6.17 1.08 -8.07
C PRO A 52 -4.74 1.39 -7.67
N MET A 53 -4.30 0.77 -6.60
CA MET A 53 -3.04 1.12 -5.97
C MET A 53 -2.19 -0.13 -5.79
N ASP A 54 -0.90 0.02 -6.00
CA ASP A 54 0.04 -1.08 -5.90
C ASP A 54 1.26 -0.68 -5.07
N MET A 55 1.89 -1.67 -4.42
CA MET A 55 3.17 -1.51 -3.73
C MET A 55 4.17 -0.76 -4.61
N GLY A 56 4.03 -0.90 -5.92
CA GLY A 56 4.88 -0.17 -6.84
C GLY A 56 4.62 1.33 -6.77
N THR A 57 3.41 1.73 -7.08
CA THR A 57 3.03 3.14 -6.98
C THR A 57 3.38 3.71 -5.60
N ILE A 58 3.22 2.88 -4.58
CA ILE A 58 3.53 3.27 -3.23
C ILE A 58 5.03 3.37 -3.00
N LYS A 59 5.80 2.43 -3.54
CA LYS A 59 7.25 2.49 -3.40
C LYS A 59 7.75 3.81 -4.03
N LYS A 60 7.03 4.25 -5.08
CA LYS A 60 7.32 5.50 -5.78
C LYS A 60 7.26 6.68 -4.83
N ARG A 61 6.06 6.96 -4.34
CA ARG A 61 5.81 8.19 -3.60
C ARG A 61 6.58 8.20 -2.28
N LEU A 62 7.02 7.02 -1.83
CA LEU A 62 7.88 6.89 -0.67
C LEU A 62 9.31 7.34 -0.98
N GLU A 63 9.90 6.72 -1.98
CA GLU A 63 11.29 6.98 -2.32
C GLU A 63 11.45 8.28 -3.08
N ASN A 64 10.36 8.80 -3.63
CA ASN A 64 10.38 10.08 -4.35
C ASN A 64 9.86 11.20 -3.46
N ASN A 65 9.75 10.91 -2.17
CA ASN A 65 9.31 11.86 -1.13
C ASN A 65 8.08 12.67 -1.55
N TYR A 66 7.14 11.99 -2.20
CA TYR A 66 5.86 12.60 -2.52
C TYR A 66 4.98 12.56 -1.28
N TYR A 67 5.14 11.49 -0.51
CA TYR A 67 4.54 11.40 0.82
C TYR A 67 5.17 12.43 1.73
N TRP A 68 4.35 13.21 2.40
CA TRP A 68 4.87 14.19 3.33
C TRP A 68 4.83 13.61 4.74
N ASN A 69 4.11 12.50 4.90
CA ASN A 69 4.05 11.81 6.17
C ASN A 69 3.60 10.36 5.99
N ALA A 70 4.05 9.46 6.87
CA ALA A 70 3.84 8.03 6.70
C ALA A 70 2.38 7.70 6.44
N GLN A 71 1.47 8.34 7.17
CA GLN A 71 0.04 8.06 7.06
C GLN A 71 -0.45 8.05 5.60
N GLU A 72 0.15 8.88 4.74
CA GLU A 72 -0.24 8.86 3.33
C GLU A 72 0.23 7.57 2.67
N CYS A 73 1.42 7.15 3.03
CA CYS A 73 1.95 5.89 2.54
C CYS A 73 1.13 4.74 3.09
N ILE A 74 0.71 4.90 4.33
CA ILE A 74 -0.14 3.95 5.01
C ILE A 74 -1.50 3.86 4.35
N GLN A 75 -2.12 5.01 4.18
CA GLN A 75 -3.41 5.09 3.53
C GLN A 75 -3.35 4.58 2.10
N ASP A 76 -2.19 4.64 1.49
CA ASP A 76 -2.00 4.06 0.15
C ASP A 76 -1.90 2.57 0.28
N PHE A 77 -1.33 2.13 1.39
CA PHE A 77 -1.26 0.72 1.68
C PHE A 77 -2.65 0.21 2.01
N ASN A 78 -3.34 0.99 2.82
CA ASN A 78 -4.73 0.77 3.14
C ASN A 78 -5.54 0.76 1.85
N THR A 79 -5.23 1.71 0.98
CA THR A 79 -5.90 1.85 -0.31
C THR A 79 -5.66 0.60 -1.15
N MET A 80 -4.42 0.15 -1.15
CA MET A 80 -4.02 -1.04 -1.86
C MET A 80 -4.94 -2.21 -1.51
N PHE A 81 -5.01 -2.47 -0.21
CA PHE A 81 -5.80 -3.56 0.32
C PHE A 81 -7.30 -3.28 0.17
N THR A 82 -7.68 -2.01 0.31
CA THR A 82 -9.08 -1.64 0.25
C THR A 82 -9.63 -1.68 -1.17
N ASN A 83 -8.84 -1.30 -2.18
CA ASN A 83 -9.27 -1.54 -3.58
C ASN A 83 -9.56 -3.02 -3.75
N CYS A 84 -8.69 -3.83 -3.18
CA CYS A 84 -8.85 -5.27 -3.22
C CYS A 84 -10.13 -5.68 -2.48
N TYR A 85 -10.56 -4.86 -1.52
CA TYR A 85 -11.81 -5.11 -0.79
C TYR A 85 -12.99 -4.48 -1.54
N ILE A 86 -12.69 -3.38 -2.22
CA ILE A 86 -13.63 -2.61 -3.01
C ILE A 86 -14.16 -3.44 -4.16
N TYR A 87 -13.24 -4.00 -4.93
CA TYR A 87 -13.59 -4.81 -6.06
C TYR A 87 -13.98 -6.20 -5.62
N ASN A 88 -13.13 -6.80 -4.79
CA ASN A 88 -13.26 -8.18 -4.41
C ASN A 88 -13.94 -8.29 -3.06
N LYS A 89 -15.09 -8.92 -3.05
CA LYS A 89 -15.89 -9.04 -1.85
C LYS A 89 -15.11 -9.75 -0.76
N PRO A 90 -15.18 -9.21 0.47
CA PRO A 90 -14.43 -9.72 1.62
C PRO A 90 -14.49 -11.22 1.73
N GLY A 91 -13.35 -11.86 1.49
CA GLY A 91 -13.31 -13.30 1.42
C GLY A 91 -12.78 -13.78 0.08
N ASP A 92 -12.43 -12.84 -0.80
CA ASP A 92 -11.79 -13.20 -2.05
C ASP A 92 -10.32 -13.35 -1.81
N ASP A 93 -9.67 -14.25 -2.53
CA ASP A 93 -8.25 -14.52 -2.30
C ASP A 93 -7.46 -13.23 -2.20
N ILE A 94 -7.67 -12.32 -3.14
CA ILE A 94 -6.92 -11.06 -3.14
C ILE A 94 -7.21 -10.22 -1.89
N VAL A 95 -8.46 -10.19 -1.41
CA VAL A 95 -8.74 -9.51 -0.16
C VAL A 95 -8.08 -10.26 0.96
N LEU A 96 -8.20 -11.58 0.92
CA LEU A 96 -7.58 -12.47 1.89
C LEU A 96 -6.08 -12.26 1.94
N MET A 97 -5.50 -12.03 0.77
CA MET A 97 -4.10 -11.77 0.63
C MET A 97 -3.77 -10.37 1.13
N ALA A 98 -4.61 -9.42 0.75
CA ALA A 98 -4.51 -8.06 1.25
C ALA A 98 -4.67 -8.04 2.76
N GLU A 99 -5.60 -8.84 3.25
CA GLU A 99 -5.86 -8.96 4.65
C GLU A 99 -4.64 -9.47 5.42
N ALA A 100 -3.89 -10.41 4.82
CA ALA A 100 -2.67 -10.90 5.43
C ALA A 100 -1.55 -9.86 5.31
N LEU A 101 -1.63 -9.04 4.27
CA LEU A 101 -0.69 -7.95 4.08
C LEU A 101 -1.03 -6.78 4.97
N GLU A 102 -2.29 -6.63 5.34
CA GLU A 102 -2.67 -5.59 6.28
C GLU A 102 -2.06 -5.85 7.62
N LYS A 103 -2.29 -7.03 8.17
CA LYS A 103 -1.73 -7.35 9.48
C LYS A 103 -0.21 -7.32 9.43
N LEU A 104 0.35 -7.46 8.23
CA LEU A 104 1.79 -7.39 8.03
C LEU A 104 2.25 -5.94 7.88
N PHE A 105 1.60 -5.20 7.01
CA PHE A 105 1.87 -3.77 6.86
C PHE A 105 1.62 -3.08 8.18
N LEU A 106 0.45 -3.30 8.72
CA LEU A 106 0.05 -2.71 9.99
C LEU A 106 0.88 -3.26 11.14
N GLN A 107 1.49 -4.43 10.93
CA GLN A 107 2.49 -4.96 11.86
C GLN A 107 3.60 -3.95 12.03
N LYS A 108 4.09 -3.51 10.89
CA LYS A 108 5.19 -2.59 10.84
C LYS A 108 4.81 -1.26 11.46
N ILE A 109 3.62 -0.78 11.12
CA ILE A 109 3.16 0.54 11.55
C ILE A 109 2.84 0.52 13.03
N ASN A 110 2.48 -0.67 13.48
CA ASN A 110 2.34 -0.94 14.89
C ASN A 110 3.67 -0.68 15.60
N GLU A 111 4.74 -0.76 14.82
CA GLU A 111 6.09 -0.50 15.30
C GLU A 111 6.67 0.77 14.67
N LEU A 112 5.83 1.49 13.95
CA LEU A 112 6.25 2.68 13.19
C LEU A 112 6.92 3.72 14.09
N PRO A 113 8.19 4.00 13.77
CA PRO A 113 9.05 4.97 14.46
C PRO A 113 8.43 6.36 14.65
N THR A 114 9.21 7.23 15.26
CA THR A 114 8.86 8.62 15.40
C THR A 114 10.03 9.48 14.95
N GLU A 115 9.74 10.56 14.23
CA GLU A 115 10.78 11.45 13.76
C GLU A 115 11.55 12.07 14.93
N GLU A 116 12.83 11.74 15.04
CA GLU A 116 13.68 12.36 16.05
C GLU A 116 13.94 13.81 15.67
#